data_5J5I
#
_entry.id   5J5I
#
_cell.length_a   87.144
_cell.length_b   127.011
_cell.length_c   122.117
_cell.angle_alpha   90.000
_cell.angle_beta   110.490
_cell.angle_gamma   90.000
#
_symmetry.space_group_name_H-M   'P 1 21 1'
#
loop_
_entity.id
_entity.type
_entity.pdbx_description
1 polymer 'Acetylcholine-binding protein'
2 non-polymer 2-acetamido-2-deoxy-beta-D-glucopyranose
3 non-polymer 4-(2-amino-6-{bis[(pyridin-2-yl)methyl]amino}pyrimidin-4-yl)phenol
4 non-polymer 'PHOSPHATE ION'
5 water water
#
_entity_poly.entity_id   1
_entity_poly.type   'polypeptide(L)'
_entity_poly.pdbx_seq_one_letter_code
;DYKDDDDKLDRADILYNIRQTSRPDVIPTQRDRPVAVSVSLKFINILEVNEITNEVDVVFWQQTTWSDRTLAWNSSHSPD
QVSVPISSLWVPDLAAYNAISKPEVLTPQLARVVSDGEVLYMPSIRQRFSCDVSGVDTESGATCRIKIGSWTHHSREISV
DPTTENSDDSEYFSQYSRFEILDVTQKKNSVTYSCCPEAYEDVEVSLNFRKKGRSEIL
;
_entity_poly.pdbx_strand_id   A,B,C,D,E,F,G,H,I,J
#
# COMPACT_ATOMS: atom_id res chain seq x y z
N ASP A 1 16.56 -8.92 31.34
CA ASP A 1 16.62 -9.85 32.46
C ASP A 1 15.26 -10.49 32.65
N TYR A 2 15.24 -11.69 33.25
CA TYR A 2 14.01 -12.48 33.22
C TYR A 2 12.86 -11.83 34.01
N LYS A 3 13.15 -10.89 34.89
CA LYS A 3 12.07 -10.26 35.64
C LYS A 3 11.25 -9.35 34.73
N ASP A 4 11.81 -9.02 33.57
CA ASP A 4 11.13 -8.19 32.59
C ASP A 4 10.63 -8.98 31.37
N ASP A 5 10.82 -10.29 31.37
CA ASP A 5 10.43 -11.15 30.24
C ASP A 5 8.95 -10.99 29.82
N ASP A 6 8.06 -10.78 30.78
CA ASP A 6 6.64 -10.67 30.48
C ASP A 6 6.18 -9.22 30.40
N ASP A 7 7.10 -8.31 30.14
CA ASP A 7 6.73 -6.94 29.84
C ASP A 7 6.29 -6.89 28.36
N LYS A 8 4.98 -6.78 28.15
CA LYS A 8 4.41 -6.95 26.83
C LYS A 8 4.85 -5.84 25.86
N LEU A 9 4.77 -4.60 26.31
CA LEU A 9 5.20 -3.49 25.47
C LEU A 9 6.66 -3.70 25.01
N ASP A 10 7.52 -4.12 25.93
CA ASP A 10 8.93 -4.36 25.63
C ASP A 10 9.10 -5.41 24.54
N ARG A 11 8.37 -6.52 24.69
CA ARG A 11 8.41 -7.60 23.71
C ARG A 11 8.00 -7.09 22.33
N ALA A 12 6.90 -6.33 22.29
CA ALA A 12 6.40 -5.74 21.06
C ALA A 12 7.43 -4.84 20.41
N ASP A 13 8.09 -4.02 21.23
CA ASP A 13 9.10 -3.10 20.71
C ASP A 13 10.31 -3.84 20.20
N ILE A 14 10.64 -4.95 20.87
CA ILE A 14 11.78 -5.76 20.47
C ILE A 14 11.46 -6.34 19.09
N LEU A 15 10.25 -6.89 18.95
CA LEU A 15 9.81 -7.51 17.71
C LEU A 15 9.77 -6.49 16.60
N TYR A 16 9.33 -5.28 16.94
CA TYR A 16 9.39 -4.16 16.00
C TYR A 16 10.84 -3.82 15.60
N ASN A 17 11.76 -3.81 16.56
CA ASN A 17 13.16 -3.47 16.24
C ASN A 17 13.76 -4.53 15.33
N ILE A 18 13.45 -5.78 15.66
CA ILE A 18 13.97 -6.91 14.92
C ILE A 18 13.49 -6.87 13.48
N ARG A 19 12.22 -6.52 13.29
CA ARG A 19 11.65 -6.52 11.96
C ARG A 19 12.19 -5.34 11.14
N GLN A 20 12.44 -4.21 11.80
CA GLN A 20 12.98 -3.06 11.12
C GLN A 20 14.40 -3.36 10.64
N THR A 21 15.16 -4.09 11.45
CA THR A 21 16.57 -4.32 11.19
C THR A 21 16.81 -5.51 10.27
N SER A 22 16.00 -6.55 10.44
CA SER A 22 16.14 -7.80 9.71
C SER A 22 16.09 -7.68 8.18
N ARG A 23 17.00 -8.37 7.52
CA ARG A 23 16.94 -8.58 6.07
C ARG A 23 16.78 -10.08 5.79
N PRO A 24 15.53 -10.57 5.69
CA PRO A 24 15.31 -12.02 5.63
C PRO A 24 15.94 -12.71 4.41
N ASP A 25 16.30 -11.94 3.38
CA ASP A 25 16.84 -12.59 2.17
C ASP A 25 18.33 -12.34 1.97
N VAL A 26 18.98 -11.70 2.94
CA VAL A 26 20.41 -11.44 2.84
C VAL A 26 21.16 -12.17 3.95
N ILE A 27 22.24 -12.89 3.60
CA ILE A 27 23.00 -13.59 4.62
C ILE A 27 23.64 -12.60 5.60
N PRO A 28 23.47 -12.88 6.90
CA PRO A 28 23.89 -11.99 7.99
C PRO A 28 25.37 -12.13 8.27
N THR A 29 26.19 -11.99 7.23
CA THR A 29 27.64 -12.03 7.41
C THR A 29 28.10 -10.86 8.24
N GLN A 30 28.91 -11.17 9.24
CA GLN A 30 29.51 -10.14 10.07
C GLN A 30 31.02 -10.18 9.86
N ARG A 31 31.65 -9.02 9.98
CA ARG A 31 33.11 -8.92 9.86
C ARG A 31 33.61 -9.47 8.53
N ASP A 32 32.79 -9.34 7.48
CA ASP A 32 33.16 -9.82 6.14
C ASP A 32 33.67 -11.29 6.18
N ARG A 33 33.08 -12.10 7.06
CA ARG A 33 33.42 -13.53 7.19
C ARG A 33 32.17 -14.41 7.02
N PRO A 34 32.35 -15.70 6.69
CA PRO A 34 31.16 -16.55 6.48
C PRO A 34 30.24 -16.67 7.71
N VAL A 35 28.94 -16.78 7.45
CA VAL A 35 27.95 -17.03 8.49
C VAL A 35 28.13 -18.43 9.06
N ALA A 36 28.41 -18.51 10.36
CA ALA A 36 28.56 -19.80 11.05
C ALA A 36 27.21 -20.37 11.46
N VAL A 37 26.79 -21.44 10.81
CA VAL A 37 25.55 -22.09 11.17
C VAL A 37 25.81 -23.41 11.94
N SER A 38 25.33 -23.48 13.19
CA SER A 38 25.41 -24.75 13.94
C SER A 38 24.14 -25.54 13.75
N VAL A 39 24.33 -26.82 13.43
CA VAL A 39 23.24 -27.76 13.17
C VAL A 39 23.46 -29.08 13.91
N SER A 40 22.40 -29.62 14.51
CA SER A 40 22.45 -30.99 14.99
C SER A 40 21.06 -31.57 14.98
N LEU A 41 20.96 -32.78 14.45
CA LEU A 41 19.68 -33.44 14.39
C LEU A 41 19.51 -34.26 15.66
N LYS A 42 18.42 -34.00 16.36
CA LYS A 42 17.99 -34.88 17.44
C LYS A 42 16.84 -35.71 16.90
N PHE A 43 17.08 -37.01 16.78
CA PHE A 43 16.08 -37.91 16.22
C PHE A 43 14.98 -38.25 17.22
N ILE A 44 13.74 -38.20 16.72
CA ILE A 44 12.59 -38.44 17.55
C ILE A 44 11.98 -39.81 17.24
N ASN A 45 11.88 -40.14 15.97
CA ASN A 45 11.36 -41.44 15.60
C ASN A 45 11.86 -41.95 14.27
N ILE A 46 11.89 -43.27 14.15
CA ILE A 46 12.17 -43.91 12.88
C ILE A 46 10.93 -44.70 12.52
N LEU A 47 10.14 -44.15 11.60
CA LEU A 47 8.82 -44.67 11.30
C LEU A 47 8.85 -45.89 10.40
N GLU A 48 9.55 -45.76 9.28
CA GLU A 48 9.57 -46.79 8.25
C GLU A 48 10.99 -46.98 7.71
N VAL A 49 11.37 -48.25 7.54
CA VAL A 49 12.64 -48.59 6.94
C VAL A 49 12.40 -49.60 5.81
N ASN A 50 12.93 -49.34 4.64
CA ASN A 50 12.76 -50.31 3.55
C ASN A 50 14.12 -50.83 3.09
N GLU A 51 14.32 -52.13 3.25
CA GLU A 51 15.61 -52.74 2.96
C GLU A 51 15.77 -53.08 1.48
N ILE A 52 14.68 -53.32 0.76
CA ILE A 52 14.84 -53.59 -0.66
C ILE A 52 15.12 -52.25 -1.40
N THR A 53 14.44 -51.18 -1.02
CA THR A 53 14.65 -49.90 -1.69
C THR A 53 15.69 -48.98 -1.03
N ASN A 54 16.21 -49.36 0.13
CA ASN A 54 17.14 -48.55 0.92
C ASN A 54 16.60 -47.14 1.19
N GLU A 55 15.41 -47.07 1.78
CA GLU A 55 14.81 -45.79 2.15
C GLU A 55 14.52 -45.75 3.62
N VAL A 56 14.49 -44.52 4.13
CA VAL A 56 14.29 -44.28 5.54
C VAL A 56 13.34 -43.07 5.70
N ASP A 57 12.39 -43.21 6.62
CA ASP A 57 11.42 -42.15 6.94
C ASP A 57 11.54 -41.85 8.44
N VAL A 58 12.05 -40.67 8.75
CA VAL A 58 12.32 -40.28 10.14
C VAL A 58 11.66 -38.95 10.57
N VAL A 59 11.59 -38.75 11.89
CA VAL A 59 11.21 -37.46 12.44
C VAL A 59 12.38 -36.97 13.27
N PHE A 60 12.82 -35.73 13.04
CA PHE A 60 13.91 -35.17 13.81
C PHE A 60 13.69 -33.70 14.11
N TRP A 61 14.28 -33.26 15.20
CA TRP A 61 14.28 -31.87 15.57
C TRP A 61 15.58 -31.31 15.09
N GLN A 62 15.51 -30.41 14.12
CA GLN A 62 16.71 -29.79 13.59
C GLN A 62 17.08 -28.61 14.45
N GLN A 63 17.98 -28.82 15.41
CA GLN A 63 18.44 -27.70 16.22
C GLN A 63 19.38 -26.87 15.35
N THR A 64 19.12 -25.57 15.30
CA THR A 64 19.83 -24.70 14.36
C THR A 64 20.10 -23.34 14.99
N THR A 65 21.34 -22.89 14.93
CA THR A 65 21.68 -21.57 15.46
C THR A 65 22.72 -20.88 14.67
N TRP A 66 22.57 -19.57 14.66
CA TRP A 66 23.51 -18.66 14.08
C TRP A 66 23.31 -17.32 14.79
N SER A 67 24.20 -16.39 14.48
CA SER A 67 24.24 -15.12 15.15
C SER A 67 24.09 -13.98 14.14
N ASP A 68 23.22 -13.04 14.45
CA ASP A 68 23.14 -11.77 13.74
C ASP A 68 23.20 -10.65 14.78
N ARG A 69 24.41 -10.16 15.02
CA ARG A 69 24.67 -9.12 16.00
C ARG A 69 23.86 -7.86 15.77
N THR A 70 23.45 -7.61 14.52
CA THR A 70 22.61 -6.46 14.23
C THR A 70 21.23 -6.57 14.90
N LEU A 71 20.82 -7.78 15.26
CA LEU A 71 19.56 -7.96 15.97
C LEU A 71 19.68 -7.73 17.48
N ALA A 72 20.90 -7.58 17.98
CA ALA A 72 21.14 -7.53 19.42
C ALA A 72 20.51 -6.29 20.05
N TRP A 73 20.26 -6.37 21.34
CA TRP A 73 19.74 -5.22 22.04
C TRP A 73 20.12 -5.34 23.50
N ASN A 74 19.97 -4.22 24.18
CA ASN A 74 20.31 -4.05 25.57
C ASN A 74 19.22 -4.63 26.48
N SER A 75 19.47 -5.76 27.13
CA SER A 75 18.42 -6.39 27.92
C SER A 75 18.56 -6.18 29.44
N SER A 76 19.17 -5.06 29.83
CA SER A 76 19.31 -4.70 31.25
C SER A 76 17.97 -4.68 31.97
N HIS A 77 16.96 -4.12 31.31
CA HIS A 77 15.62 -4.04 31.88
C HIS A 77 14.56 -4.36 30.82
N SER A 78 14.86 -5.36 30.01
CA SER A 78 13.95 -5.82 28.98
C SER A 78 14.09 -7.35 28.83
N PRO A 79 13.16 -7.99 28.08
CA PRO A 79 13.27 -9.44 27.83
C PRO A 79 14.62 -9.87 27.26
N ASP A 80 15.04 -11.08 27.58
CA ASP A 80 16.31 -11.57 27.09
C ASP A 80 16.13 -12.25 25.73
N GLN A 81 14.88 -12.61 25.43
CA GLN A 81 14.56 -13.37 24.23
C GLN A 81 13.12 -13.14 23.83
N VAL A 82 12.86 -13.19 22.53
CA VAL A 82 11.48 -13.28 22.08
C VAL A 82 11.33 -14.33 21.01
N SER A 83 10.08 -14.66 20.73
CA SER A 83 9.78 -15.58 19.67
C SER A 83 9.45 -14.74 18.44
N VAL A 84 9.91 -15.18 17.28
CA VAL A 84 9.75 -14.44 16.05
C VAL A 84 9.36 -15.37 14.90
N PRO A 85 8.33 -14.99 14.13
CA PRO A 85 8.00 -15.74 12.91
C PRO A 85 9.20 -15.80 11.96
N ILE A 86 9.57 -16.97 11.47
CA ILE A 86 10.80 -17.05 10.67
C ILE A 86 10.66 -16.29 9.35
N SER A 87 9.42 -15.93 8.99
CA SER A 87 9.20 -15.09 7.82
C SER A 87 9.83 -13.69 8.01
N SER A 88 9.98 -13.24 9.25
CA SER A 88 10.62 -11.95 9.53
C SER A 88 12.14 -12.02 9.68
N LEU A 89 12.71 -13.19 9.46
CA LEU A 89 14.13 -13.38 9.75
C LEU A 89 14.84 -14.01 8.58
N TRP A 90 16.15 -13.83 8.54
CA TRP A 90 16.91 -14.65 7.62
C TRP A 90 17.09 -15.99 8.28
N VAL A 91 16.84 -17.04 7.49
CA VAL A 91 17.08 -18.41 7.87
C VAL A 91 17.97 -19.01 6.78
N PRO A 92 18.95 -19.84 7.16
CA PRO A 92 19.82 -20.49 6.17
C PRO A 92 19.07 -21.43 5.22
N ASP A 93 19.48 -21.47 3.96
CA ASP A 93 18.80 -22.28 2.97
C ASP A 93 19.28 -23.73 3.01
N LEU A 94 19.08 -24.39 4.15
CA LEU A 94 19.52 -25.77 4.34
C LEU A 94 18.68 -26.78 3.56
N ALA A 95 19.35 -27.80 3.03
CA ALA A 95 18.67 -28.92 2.37
C ALA A 95 19.44 -30.22 2.59
N ALA A 96 18.69 -31.31 2.70
CA ALA A 96 19.30 -32.62 2.79
C ALA A 96 19.63 -33.13 1.39
N TYR A 97 20.92 -33.39 1.15
CA TYR A 97 21.39 -33.70 -0.19
C TYR A 97 20.90 -35.07 -0.64
N ASN A 98 20.52 -35.94 0.29
CA ASN A 98 19.96 -37.23 -0.12
C ASN A 98 18.50 -37.40 0.32
N ALA A 99 17.83 -36.27 0.54
CA ALA A 99 16.38 -36.33 0.78
C ALA A 99 15.66 -36.80 -0.47
N ILE A 100 14.58 -37.56 -0.30
CA ILE A 100 13.78 -37.97 -1.46
C ILE A 100 12.33 -37.59 -1.27
N SER A 101 12.04 -36.87 -0.18
CA SER A 101 10.74 -36.23 -0.03
C SER A 101 10.97 -34.84 0.51
N LYS A 102 9.93 -33.99 0.43
CA LYS A 102 10.01 -32.64 1.01
C LYS A 102 10.12 -32.72 2.52
N PRO A 103 10.91 -31.82 3.12
CA PRO A 103 10.86 -31.79 4.59
C PRO A 103 9.50 -31.27 5.08
N GLU A 104 8.72 -32.15 5.70
CA GLU A 104 7.43 -31.83 6.29
C GLU A 104 7.61 -31.24 7.70
N VAL A 105 7.42 -29.92 7.84
CA VAL A 105 7.54 -29.26 9.14
C VAL A 105 6.30 -29.48 10.01
N LEU A 106 6.51 -29.86 11.27
CA LEU A 106 5.41 -30.30 12.11
C LEU A 106 5.14 -29.35 13.26
N THR A 107 5.87 -28.24 13.27
CA THR A 107 5.89 -27.35 14.41
C THR A 107 5.69 -25.90 13.98
N PRO A 108 5.21 -25.05 14.90
CA PRO A 108 5.09 -23.62 14.56
C PRO A 108 6.39 -23.07 14.01
N GLN A 109 6.32 -22.31 12.93
CA GLN A 109 7.54 -21.85 12.28
C GLN A 109 8.03 -20.55 12.92
N LEU A 110 8.55 -20.68 14.14
CA LEU A 110 9.04 -19.55 14.92
C LEU A 110 10.46 -19.81 15.40
N ALA A 111 11.23 -18.73 15.52
CA ALA A 111 12.57 -18.83 16.08
C ALA A 111 12.66 -18.06 17.40
N ARG A 112 13.67 -18.34 18.20
CA ARG A 112 14.02 -17.49 19.32
C ARG A 112 15.13 -16.54 18.93
N VAL A 113 14.95 -15.27 19.26
CA VAL A 113 16.06 -14.32 19.09
C VAL A 113 16.46 -13.84 20.46
N VAL A 114 17.72 -14.11 20.79
CA VAL A 114 18.32 -13.71 22.06
C VAL A 114 18.86 -12.29 21.94
N SER A 115 18.91 -11.56 23.07
CA SER A 115 19.34 -10.15 23.05
C SER A 115 20.80 -9.93 22.65
N ASP A 116 21.62 -10.97 22.67
CA ASP A 116 22.98 -10.88 22.16
C ASP A 116 23.01 -11.15 20.67
N GLY A 117 21.84 -11.40 20.10
CA GLY A 117 21.70 -11.56 18.66
C GLY A 117 21.81 -12.98 18.18
N GLU A 118 21.82 -13.94 19.10
CA GLU A 118 21.82 -15.32 18.66
C GLU A 118 20.40 -15.72 18.22
N VAL A 119 20.30 -16.52 17.17
CA VAL A 119 19.01 -16.98 16.71
C VAL A 119 18.88 -18.48 16.88
N LEU A 120 17.82 -18.94 17.55
CA LEU A 120 17.60 -20.38 17.66
C LEU A 120 16.34 -20.80 16.92
N TYR A 121 16.48 -21.83 16.12
CA TYR A 121 15.38 -22.31 15.30
C TYR A 121 15.42 -23.85 15.34
N MET A 122 14.32 -24.48 15.77
CA MET A 122 14.29 -25.95 15.88
C MET A 122 12.95 -26.52 15.43
N PRO A 123 12.81 -26.70 14.11
CA PRO A 123 11.64 -27.35 13.52
C PRO A 123 11.66 -28.85 13.72
N SER A 124 10.51 -29.43 14.02
CA SER A 124 10.40 -30.88 13.95
C SER A 124 10.11 -31.20 12.50
N ILE A 125 10.95 -32.05 11.92
CA ILE A 125 10.80 -32.36 10.52
C ILE A 125 10.59 -33.85 10.33
N ARG A 126 9.58 -34.20 9.54
CA ARG A 126 9.45 -35.55 9.05
C ARG A 126 9.90 -35.57 7.60
N GLN A 127 10.84 -36.46 7.29
CA GLN A 127 11.38 -36.56 5.94
C GLN A 127 11.82 -37.98 5.58
N ARG A 128 11.87 -38.27 4.29
CA ARG A 128 12.35 -39.53 3.74
C ARG A 128 13.74 -39.38 3.13
N PHE A 129 14.55 -40.43 3.29
CA PHE A 129 15.92 -40.43 2.76
C PHE A 129 16.28 -41.73 2.06
N SER A 130 17.08 -41.61 1.02
CA SER A 130 17.83 -42.73 0.48
C SER A 130 19.15 -42.80 1.24
N CYS A 131 19.41 -43.95 1.84
CA CYS A 131 20.66 -44.19 2.58
C CYS A 131 20.85 -45.68 2.85
N ASP A 132 21.99 -46.04 3.42
CA ASP A 132 22.34 -47.46 3.59
C ASP A 132 21.59 -48.07 4.77
N VAL A 133 20.74 -49.05 4.49
CA VAL A 133 19.82 -49.56 5.49
C VAL A 133 20.16 -51.02 5.84
N SER A 134 21.09 -51.58 5.08
CA SER A 134 21.57 -52.93 5.32
C SER A 134 22.14 -53.08 6.73
N GLY A 135 21.72 -54.12 7.41
CA GLY A 135 22.21 -54.39 8.74
C GLY A 135 21.26 -53.96 9.85
N VAL A 136 20.15 -53.34 9.47
CA VAL A 136 19.18 -52.84 10.44
C VAL A 136 18.70 -53.95 11.37
N ASP A 137 18.67 -55.18 10.85
CA ASP A 137 18.22 -56.35 11.61
C ASP A 137 19.36 -57.12 12.28
N THR A 138 20.54 -56.52 12.31
CA THR A 138 21.70 -57.15 12.94
C THR A 138 22.06 -56.43 14.23
N GLU A 139 23.00 -56.99 14.97
CA GLU A 139 23.40 -56.44 16.25
C GLU A 139 24.10 -55.10 16.06
N SER A 140 24.87 -55.01 14.99
CA SER A 140 25.65 -53.83 14.72
C SER A 140 24.79 -52.71 14.14
N GLY A 141 23.59 -53.08 13.69
CA GLY A 141 22.63 -52.15 13.14
C GLY A 141 22.96 -51.62 11.76
N ALA A 142 22.07 -50.77 11.22
CA ALA A 142 22.37 -50.00 10.01
C ALA A 142 22.99 -48.64 10.33
N THR A 143 23.81 -48.13 9.41
CA THR A 143 24.32 -46.78 9.49
C THR A 143 23.85 -45.93 8.30
N CYS A 144 22.82 -45.13 8.54
CA CYS A 144 22.22 -44.29 7.52
C CYS A 144 22.78 -42.89 7.63
N ARG A 145 23.43 -42.45 6.57
CA ARG A 145 24.07 -41.12 6.54
C ARG A 145 23.15 -40.08 5.88
N ILE A 146 23.09 -38.90 6.48
CA ILE A 146 22.27 -37.83 5.98
C ILE A 146 23.17 -36.60 5.85
N LYS A 147 23.19 -35.98 4.67
CA LYS A 147 24.05 -34.81 4.49
C LYS A 147 23.19 -33.57 4.31
N ILE A 148 23.38 -32.62 5.20
CA ILE A 148 22.60 -31.41 5.17
C ILE A 148 23.55 -30.25 5.01
N GLY A 149 23.25 -29.38 4.05
CA GLY A 149 24.01 -28.16 3.84
C GLY A 149 23.24 -27.05 3.10
N SER A 150 23.85 -25.88 3.01
CA SER A 150 23.27 -24.81 2.21
C SER A 150 23.08 -25.27 0.78
N TRP A 151 21.94 -24.94 0.19
CA TRP A 151 21.70 -25.28 -1.21
C TRP A 151 22.38 -24.33 -2.20
N THR A 152 22.58 -23.07 -1.82
CA THR A 152 23.05 -22.06 -2.77
C THR A 152 24.22 -21.22 -2.28
N HIS A 153 24.64 -21.44 -1.04
CA HIS A 153 25.76 -20.70 -0.48
C HIS A 153 26.96 -21.60 -0.24
N HIS A 154 28.08 -21.24 -0.84
CA HIS A 154 29.29 -22.03 -0.76
C HIS A 154 30.06 -21.72 0.52
N SER A 155 31.24 -22.29 0.64
CA SER A 155 31.93 -22.30 1.92
C SER A 155 32.33 -20.90 2.35
N ARG A 156 32.58 -19.99 1.41
CA ARG A 156 32.97 -18.65 1.84
C ARG A 156 31.79 -17.84 2.37
N GLU A 157 30.56 -18.24 2.06
CA GLU A 157 29.39 -17.50 2.52
C GLU A 157 28.75 -18.08 3.78
N ILE A 158 28.62 -19.39 3.81
CA ILE A 158 28.02 -20.09 4.94
C ILE A 158 28.92 -21.23 5.35
N SER A 159 29.25 -21.30 6.63
CA SER A 159 29.88 -22.53 7.11
C SER A 159 28.93 -23.28 8.03
N VAL A 160 28.74 -24.55 7.71
CA VAL A 160 27.95 -25.45 8.53
C VAL A 160 28.86 -26.15 9.52
N ASP A 161 28.54 -26.08 10.81
CA ASP A 161 29.34 -26.72 11.84
C ASP A 161 28.48 -27.56 12.80
N PRO A 162 28.77 -28.86 12.88
CA PRO A 162 28.15 -29.83 13.81
C PRO A 162 28.31 -29.38 15.26
N THR A 163 27.24 -29.49 16.04
CA THR A 163 27.29 -29.07 17.45
C THR A 163 27.88 -30.18 18.30
N THR A 164 27.01 -31.05 18.78
CA THR A 164 27.45 -32.25 19.48
C THR A 164 27.83 -33.28 18.41
N GLU A 165 28.90 -34.04 18.65
CA GLU A 165 29.38 -35.00 17.66
CA GLU A 165 29.35 -35.01 17.65
C GLU A 165 28.88 -36.41 17.99
N ASN A 166 28.54 -36.66 19.26
CA ASN A 166 28.13 -38.01 19.68
C ASN A 166 27.05 -38.10 20.72
N SER A 167 25.97 -38.78 20.36
CA SER A 167 24.87 -38.98 21.30
C SER A 167 23.99 -40.15 20.89
N ASP A 168 23.27 -40.70 21.86
CA ASP A 168 22.26 -41.73 21.68
CA ASP A 168 22.29 -41.72 21.50
C ASP A 168 20.87 -41.11 21.46
N ASP A 169 20.79 -39.79 21.63
CA ASP A 169 19.54 -39.05 21.56
C ASP A 169 18.52 -39.57 22.58
N SER A 170 19.00 -40.00 23.75
CA SER A 170 18.12 -40.69 24.70
C SER A 170 17.13 -39.72 25.31
N GLU A 171 17.43 -38.42 25.26
CA GLU A 171 16.48 -37.43 25.78
C GLU A 171 15.40 -37.11 24.75
N TYR A 172 15.50 -37.67 23.54
CA TYR A 172 14.64 -37.23 22.44
C TYR A 172 13.93 -38.36 21.73
N PHE A 173 14.63 -39.47 21.52
CA PHE A 173 14.08 -40.56 20.73
C PHE A 173 12.94 -41.28 21.46
N SER A 174 11.87 -41.56 20.73
CA SER A 174 10.72 -42.24 21.31
C SER A 174 11.08 -43.64 21.84
N GLN A 175 10.74 -43.89 23.11
CA GLN A 175 10.87 -45.22 23.68
C GLN A 175 9.95 -46.21 22.99
N TYR A 176 9.03 -45.71 22.17
CA TYR A 176 7.96 -46.56 21.64
C TYR A 176 8.18 -46.97 20.21
N SER A 177 9.31 -46.54 19.65
CA SER A 177 9.71 -46.92 18.31
C SER A 177 10.07 -48.41 18.22
N ARG A 178 9.90 -49.02 17.05
CA ARG A 178 10.31 -50.42 16.94
CA ARG A 178 10.33 -50.39 16.75
C ARG A 178 11.84 -50.48 16.72
N PHE A 179 12.46 -49.33 16.51
CA PHE A 179 13.91 -49.29 16.41
C PHE A 179 14.54 -48.63 17.63
N GLU A 180 15.85 -48.73 17.71
CA GLU A 180 16.58 -48.07 18.78
C GLU A 180 17.83 -47.48 18.19
N ILE A 181 18.32 -46.42 18.80
CA ILE A 181 19.52 -45.74 18.31
C ILE A 181 20.77 -46.21 19.00
N LEU A 182 21.73 -46.70 18.24
CA LEU A 182 23.02 -47.07 18.83
C LEU A 182 23.86 -45.82 18.96
N ASP A 183 23.94 -45.04 17.91
CA ASP A 183 24.69 -43.80 17.98
C ASP A 183 24.28 -42.84 16.88
N VAL A 184 24.42 -41.56 17.19
CA VAL A 184 24.26 -40.53 16.19
C VAL A 184 25.55 -39.75 16.24
N THR A 185 26.28 -39.73 15.14
CA THR A 185 27.47 -38.92 15.04
C THR A 185 27.28 -37.87 13.95
N GLN A 186 27.87 -36.70 14.15
CA GLN A 186 27.82 -35.63 13.16
C GLN A 186 29.20 -35.08 12.87
N LYS A 187 29.55 -35.01 11.59
CA LYS A 187 30.86 -34.51 11.18
C LYS A 187 30.75 -33.36 10.18
N LYS A 188 31.66 -32.40 10.28
CA LYS A 188 31.76 -31.37 9.26
C LYS A 188 32.21 -32.02 7.96
N ASN A 189 31.59 -31.65 6.85
CA ASN A 189 31.98 -32.19 5.55
C ASN A 189 31.98 -31.09 4.48
N SER A 190 32.57 -31.39 3.34
CA SER A 190 32.68 -30.44 2.24
C SER A 190 32.37 -31.16 0.93
N VAL A 191 31.77 -30.44 -0.01
CA VAL A 191 31.27 -31.04 -1.23
C VAL A 191 31.52 -30.13 -2.43
N THR A 192 32.13 -30.69 -3.47
CA THR A 192 32.39 -30.02 -4.75
C THR A 192 31.96 -30.91 -5.91
N TYR A 193 31.85 -30.33 -7.10
CA TYR A 193 31.54 -31.11 -8.30
C TYR A 193 32.42 -30.63 -9.45
N SER A 194 32.64 -31.49 -10.43
CA SER A 194 33.56 -31.16 -11.51
C SER A 194 33.05 -29.94 -12.28
N CYS A 195 31.74 -29.83 -12.40
CA CYS A 195 31.12 -28.68 -13.06
C CYS A 195 31.40 -27.36 -12.35
N CYS A 196 31.50 -27.44 -11.02
CA CYS A 196 31.46 -26.25 -10.19
C CYS A 196 32.51 -26.30 -9.09
N PRO A 197 33.46 -25.36 -9.15
CA PRO A 197 34.68 -25.35 -8.32
C PRO A 197 34.45 -25.27 -6.81
N GLU A 198 33.97 -24.11 -6.32
CA GLU A 198 33.90 -23.83 -4.88
C GLU A 198 33.17 -24.87 -4.02
N ALA A 199 33.57 -24.92 -2.76
CA ALA A 199 33.14 -25.97 -1.85
C ALA A 199 31.87 -25.60 -1.11
N TYR A 200 31.03 -26.61 -0.89
CA TYR A 200 29.81 -26.46 -0.13
C TYR A 200 29.92 -27.27 1.15
N GLU A 201 29.84 -26.58 2.28
CA GLU A 201 29.95 -27.26 3.55
C GLU A 201 28.63 -27.91 3.93
N ASP A 202 28.73 -29.02 4.66
CA ASP A 202 27.56 -29.75 5.10
C ASP A 202 27.86 -30.54 6.37
N VAL A 203 26.80 -30.97 7.05
CA VAL A 203 26.98 -31.87 8.18
C VAL A 203 26.58 -33.29 7.78
N GLU A 204 27.51 -34.22 7.90
CA GLU A 204 27.19 -35.62 7.72
C GLU A 204 26.68 -36.16 9.03
N VAL A 205 25.43 -36.57 9.02
CA VAL A 205 24.80 -37.15 10.17
C VAL A 205 24.79 -38.65 9.93
N SER A 206 25.52 -39.38 10.78
CA SER A 206 25.51 -40.83 10.69
C SER A 206 24.58 -41.35 11.76
N LEU A 207 23.52 -42.00 11.32
CA LEU A 207 22.54 -42.53 12.25
C LEU A 207 22.68 -44.06 12.30
N ASN A 208 23.21 -44.54 13.42
CA ASN A 208 23.42 -45.96 13.59
C ASN A 208 22.26 -46.53 14.43
N PHE A 209 21.44 -47.34 13.80
CA PHE A 209 20.21 -47.78 14.44
C PHE A 209 19.91 -49.22 14.10
N ARG A 210 19.06 -49.86 14.88
CA ARG A 210 18.65 -51.22 14.53
C ARG A 210 17.28 -51.57 15.09
N LYS A 211 16.67 -52.58 14.50
CA LYS A 211 15.38 -53.06 14.94
C LYS A 211 15.55 -53.59 16.37
N LYS A 212 14.57 -53.35 17.24
CA LYS A 212 14.62 -53.95 18.57
C LYS A 212 14.33 -55.44 18.50
N GLY A 213 14.98 -56.21 19.37
CA GLY A 213 14.80 -57.65 19.38
C GLY A 213 14.15 -58.13 20.66
N ASP B 1 34.53 -9.72 -6.99
CA ASP B 1 35.66 -9.82 -6.07
C ASP B 1 35.31 -10.74 -4.88
N TYR B 2 35.94 -11.91 -4.84
CA TYR B 2 35.58 -12.90 -3.84
C TYR B 2 35.94 -12.43 -2.42
N LYS B 3 36.83 -11.44 -2.31
CA LYS B 3 37.16 -10.86 -1.01
C LYS B 3 35.94 -10.11 -0.45
N ASP B 4 35.03 -9.73 -1.34
CA ASP B 4 33.94 -8.85 -0.94
C ASP B 4 32.58 -9.55 -0.83
N ASP B 5 32.56 -10.85 -1.13
CA ASP B 5 31.38 -11.71 -0.97
C ASP B 5 30.62 -11.50 0.34
N ASP B 6 31.32 -11.39 1.45
CA ASP B 6 30.64 -11.32 2.74
C ASP B 6 30.45 -9.89 3.22
N ASP B 7 30.51 -8.94 2.30
CA ASP B 7 30.12 -7.57 2.61
C ASP B 7 28.60 -7.52 2.56
N LYS B 8 27.96 -7.43 3.72
CA LYS B 8 26.50 -7.61 3.82
C LYS B 8 25.74 -6.51 3.05
N LEU B 9 26.11 -5.26 3.32
CA LEU B 9 25.49 -4.10 2.68
C LEU B 9 25.53 -4.24 1.15
N ASP B 10 26.70 -4.61 0.62
CA ASP B 10 26.84 -4.88 -0.81
C ASP B 10 25.83 -5.92 -1.31
N ARG B 11 25.73 -7.05 -0.60
CA ARG B 11 24.80 -8.11 -1.00
C ARG B 11 23.38 -7.55 -1.03
N ALA B 12 23.01 -6.85 0.03
CA ALA B 12 21.69 -6.26 0.15
C ALA B 12 21.44 -5.31 -1.01
N ASP B 13 22.45 -4.50 -1.35
CA ASP B 13 22.29 -3.53 -2.41
C ASP B 13 22.15 -4.25 -3.76
N ILE B 14 22.92 -5.31 -3.97
CA ILE B 14 22.80 -6.08 -5.21
C ILE B 14 21.39 -6.64 -5.34
N LEU B 15 20.91 -7.31 -4.29
CA LEU B 15 19.56 -7.85 -4.27
C LEU B 15 18.50 -6.76 -4.51
N TYR B 16 18.72 -5.58 -3.94
CA TYR B 16 17.83 -4.47 -4.20
C TYR B 16 17.85 -4.12 -5.69
N ASN B 17 19.04 -4.04 -6.27
CA ASN B 17 19.21 -3.73 -7.70
C ASN B 17 18.59 -4.75 -8.62
N ILE B 18 18.69 -6.02 -8.22
CA ILE B 18 18.17 -7.10 -9.03
C ILE B 18 16.65 -6.98 -9.05
N ARG B 19 16.08 -6.78 -7.87
CA ARG B 19 14.62 -6.67 -7.76
C ARG B 19 14.04 -5.42 -8.44
N GLN B 20 14.79 -4.34 -8.45
CA GLN B 20 14.34 -3.13 -9.15
C GLN B 20 14.34 -3.38 -10.65
N THR B 21 15.35 -4.07 -11.14
CA THR B 21 15.50 -4.25 -12.58
C THR B 21 14.67 -5.41 -13.12
N SER B 22 14.46 -6.41 -12.28
CA SER B 22 13.86 -7.67 -12.68
C SER B 22 12.41 -7.53 -13.16
N ARG B 23 12.10 -8.21 -14.25
CA ARG B 23 10.73 -8.35 -14.72
C ARG B 23 10.35 -9.83 -14.69
N PRO B 24 9.85 -10.31 -13.54
CA PRO B 24 9.57 -11.73 -13.34
C PRO B 24 8.67 -12.35 -14.41
N ASP B 25 7.83 -11.56 -15.07
CA ASP B 25 6.84 -12.11 -16.00
C ASP B 25 7.19 -11.93 -17.48
N VAL B 26 8.33 -11.31 -17.75
CA VAL B 26 8.69 -10.97 -19.14
C VAL B 26 9.93 -11.73 -19.55
N ILE B 27 9.91 -12.36 -20.71
CA ILE B 27 11.08 -13.09 -21.15
C ILE B 27 12.24 -12.12 -21.39
N PRO B 28 13.43 -12.47 -20.89
CA PRO B 28 14.60 -11.58 -21.00
C PRO B 28 15.32 -11.74 -22.33
N THR B 29 14.66 -11.39 -23.41
CA THR B 29 15.31 -11.46 -24.71
C THR B 29 16.34 -10.36 -24.84
N GLN B 30 17.42 -10.70 -25.50
CA GLN B 30 18.50 -9.75 -25.72
C GLN B 30 18.81 -9.73 -27.20
N ARG B 31 19.02 -8.53 -27.73
CA ARG B 31 19.27 -8.34 -29.15
C ARG B 31 18.15 -8.88 -29.99
N ASP B 32 16.93 -8.88 -29.45
CA ASP B 32 15.76 -9.31 -30.20
C ASP B 32 15.94 -10.76 -30.70
N ARG B 33 16.64 -11.58 -29.92
CA ARG B 33 16.75 -13.00 -30.21
C ARG B 33 16.24 -13.87 -29.04
N PRO B 34 15.86 -15.13 -29.32
CA PRO B 34 15.31 -16.03 -28.30
C PRO B 34 16.14 -16.11 -27.02
N VAL B 35 15.49 -16.29 -25.89
CA VAL B 35 16.23 -16.57 -24.67
C VAL B 35 16.81 -17.95 -24.79
N ALA B 36 18.12 -18.04 -24.65
CA ALA B 36 18.79 -19.33 -24.67
C ALA B 36 18.80 -19.94 -23.28
N VAL B 37 18.10 -21.05 -23.12
CA VAL B 37 18.10 -21.75 -21.83
C VAL B 37 18.85 -23.07 -21.90
N SER B 38 19.91 -23.18 -21.11
CA SER B 38 20.65 -24.43 -20.99
CA SER B 38 20.66 -24.43 -20.98
C SER B 38 20.07 -25.26 -19.85
N VAL B 39 19.74 -26.51 -20.17
CA VAL B 39 19.16 -27.45 -19.21
C VAL B 39 19.94 -28.78 -19.17
N SER B 40 20.11 -29.32 -17.97
CA SER B 40 20.82 -30.59 -17.79
C SER B 40 20.29 -31.31 -16.53
N LEU B 41 19.87 -32.58 -16.68
CA LEU B 41 19.32 -33.32 -15.54
C LEU B 41 20.38 -34.22 -14.93
N LYS B 42 20.72 -33.97 -13.67
CA LYS B 42 21.56 -34.87 -12.90
C LYS B 42 20.65 -35.76 -12.04
N PHE B 43 20.49 -37.01 -12.44
CA PHE B 43 19.64 -37.94 -11.69
C PHE B 43 20.28 -38.36 -10.37
N ILE B 44 19.48 -38.35 -9.30
CA ILE B 44 19.96 -38.73 -7.97
C ILE B 44 19.43 -40.11 -7.57
N ASN B 45 18.16 -40.36 -7.88
CA ASN B 45 17.61 -41.66 -7.53
C ASN B 45 16.48 -42.11 -8.45
N ILE B 46 16.35 -43.43 -8.54
CA ILE B 46 15.25 -44.05 -9.22
C ILE B 46 14.57 -44.88 -8.16
N LEU B 47 13.36 -44.50 -7.79
CA LEU B 47 12.73 -45.00 -6.58
C LEU B 47 11.86 -46.21 -6.87
N GLU B 48 10.83 -45.97 -7.68
CA GLU B 48 9.92 -47.01 -8.09
C GLU B 48 9.93 -47.07 -9.60
N VAL B 49 9.80 -48.29 -10.11
CA VAL B 49 9.70 -48.53 -11.53
C VAL B 49 8.62 -49.56 -11.73
N ASN B 50 7.74 -49.34 -12.70
CA ASN B 50 6.72 -50.32 -13.02
C ASN B 50 6.75 -50.62 -14.51
N GLU B 51 6.96 -51.89 -14.87
CA GLU B 51 7.13 -52.24 -16.26
C GLU B 51 5.79 -52.55 -16.89
N ILE B 52 4.81 -52.81 -16.03
CA ILE B 52 3.46 -53.00 -16.54
C ILE B 52 2.87 -51.65 -16.95
N THR B 53 2.93 -50.68 -16.04
CA THR B 53 2.34 -49.37 -16.29
C THR B 53 3.25 -48.39 -17.03
N ASN B 54 4.51 -48.77 -17.25
CA ASN B 54 5.49 -47.87 -17.87
C ASN B 54 5.61 -46.55 -17.13
N GLU B 55 5.73 -46.62 -15.80
CA GLU B 55 5.90 -45.44 -14.98
C GLU B 55 7.21 -45.54 -14.23
N VAL B 56 7.88 -44.40 -14.04
CA VAL B 56 9.04 -44.28 -13.18
C VAL B 56 8.85 -43.13 -12.20
N ASP B 57 9.46 -43.23 -11.04
CA ASP B 57 9.44 -42.19 -10.05
C ASP B 57 10.91 -41.82 -9.82
N VAL B 58 11.32 -40.62 -10.23
CA VAL B 58 12.72 -40.27 -10.07
C VAL B 58 12.97 -38.94 -9.33
N VAL B 59 14.20 -38.80 -8.81
CA VAL B 59 14.67 -37.56 -8.22
C VAL B 59 15.88 -37.07 -9.02
N PHE B 60 15.83 -35.83 -9.50
CA PHE B 60 16.94 -35.24 -10.24
C PHE B 60 17.17 -33.78 -9.88
N TRP B 61 18.40 -33.34 -10.08
CA TRP B 61 18.71 -31.94 -9.97
C TRP B 61 18.64 -31.35 -11.39
N GLN B 62 17.70 -30.43 -11.59
CA GLN B 62 17.56 -29.77 -12.88
C GLN B 62 18.52 -28.59 -12.95
N GLN B 63 19.68 -28.83 -13.57
CA GLN B 63 20.65 -27.78 -13.77
C GLN B 63 20.10 -26.89 -14.86
N THR B 64 19.95 -25.61 -14.55
CA THR B 64 19.32 -24.67 -15.46
C THR B 64 20.05 -23.32 -15.45
N THR B 65 20.41 -22.83 -16.63
CA THR B 65 21.00 -21.49 -16.78
C THR B 65 20.46 -20.70 -17.93
N TRP B 66 20.53 -19.38 -17.77
CA TRP B 66 20.20 -18.44 -18.81
C TRP B 66 20.84 -17.12 -18.43
N SER B 67 20.81 -16.16 -19.34
CA SER B 67 21.42 -14.87 -19.07
C SER B 67 20.41 -13.73 -19.19
N ASP B 68 20.47 -12.81 -18.24
CA ASP B 68 19.80 -11.52 -18.35
C ASP B 68 20.84 -10.48 -18.03
N ARG B 69 21.43 -9.91 -19.07
CA ARG B 69 22.57 -9.05 -18.86
C ARG B 69 22.15 -7.72 -18.26
N THR B 70 20.84 -7.46 -18.17
CA THR B 70 20.37 -6.28 -17.44
C THR B 70 20.53 -6.40 -15.92
N LEU B 71 20.65 -7.63 -15.44
CA LEU B 71 20.90 -7.86 -14.02
C LEU B 71 22.37 -7.66 -13.68
N ALA B 72 23.19 -7.49 -14.71
CA ALA B 72 24.64 -7.50 -14.52
C ALA B 72 25.08 -6.26 -13.75
N TRP B 73 26.14 -6.42 -12.95
CA TRP B 73 26.72 -5.30 -12.24
C TRP B 73 28.23 -5.42 -12.19
N ASN B 74 28.87 -4.32 -11.81
CA ASN B 74 30.32 -4.27 -11.69
C ASN B 74 30.79 -4.87 -10.37
N SER B 75 31.44 -6.03 -10.44
CA SER B 75 31.82 -6.73 -9.22
C SER B 75 33.28 -6.56 -8.88
N SER B 76 33.87 -5.44 -9.30
CA SER B 76 35.28 -5.20 -9.01
C SER B 76 35.51 -5.12 -7.52
N HIS B 77 34.59 -4.50 -6.77
CA HIS B 77 34.70 -4.51 -5.32
C HIS B 77 33.42 -4.87 -4.62
N SER B 78 32.82 -5.96 -5.07
CA SER B 78 31.54 -6.39 -4.55
C SER B 78 31.38 -7.88 -4.84
N PRO B 79 30.40 -8.53 -4.19
CA PRO B 79 30.22 -9.98 -4.42
C PRO B 79 30.07 -10.32 -5.91
N ASP B 80 30.56 -11.50 -6.29
CA ASP B 80 30.41 -12.01 -7.65
C ASP B 80 29.01 -12.53 -7.92
N GLN B 81 28.37 -13.02 -6.85
CA GLN B 81 27.07 -13.67 -6.89
C GLN B 81 26.29 -13.40 -5.61
N VAL B 82 24.98 -13.56 -5.69
CA VAL B 82 24.09 -13.54 -4.54
C VAL B 82 22.98 -14.53 -4.79
N SER B 83 22.38 -15.04 -3.73
CA SER B 83 21.22 -15.92 -3.84
C SER B 83 19.96 -15.08 -3.88
N VAL B 84 19.04 -15.42 -4.75
CA VAL B 84 17.81 -14.66 -4.92
C VAL B 84 16.61 -15.58 -4.98
N PRO B 85 15.54 -15.28 -4.23
CA PRO B 85 14.31 -16.07 -4.40
C PRO B 85 13.82 -15.95 -5.83
N ILE B 86 13.43 -17.07 -6.43
CA ILE B 86 13.11 -17.09 -7.85
C ILE B 86 11.82 -16.32 -8.14
N SER B 87 11.07 -15.98 -7.09
CA SER B 87 9.86 -15.21 -7.29
C SER B 87 10.21 -13.76 -7.60
N SER B 88 11.44 -13.37 -7.26
CA SER B 88 11.93 -12.06 -7.67
C SER B 88 12.52 -12.06 -9.09
N LEU B 89 12.45 -13.17 -9.79
CA LEU B 89 13.11 -13.28 -11.09
C LEU B 89 12.21 -13.90 -12.12
N TRP B 90 12.60 -13.72 -13.38
CA TRP B 90 12.03 -14.47 -14.45
C TRP B 90 12.68 -15.82 -14.45
N VAL B 91 11.87 -16.85 -14.61
CA VAL B 91 12.30 -18.23 -14.64
C VAL B 91 11.64 -18.82 -15.89
N PRO B 92 12.35 -19.65 -16.65
CA PRO B 92 11.69 -20.21 -17.82
C PRO B 92 10.50 -21.08 -17.43
N ASP B 93 9.43 -21.03 -18.21
CA ASP B 93 8.23 -21.79 -17.90
C ASP B 93 8.37 -23.23 -18.40
N LEU B 94 9.36 -23.94 -17.84
CA LEU B 94 9.63 -25.33 -18.20
C LEU B 94 8.63 -26.33 -17.64
N ALA B 95 8.32 -27.35 -18.45
CA ALA B 95 7.53 -28.50 -18.00
C ALA B 95 8.02 -29.78 -18.68
N ALA B 96 7.95 -30.88 -17.96
CA ALA B 96 8.16 -32.18 -18.58
C ALA B 96 6.92 -32.58 -19.36
N TYR B 97 7.05 -32.74 -20.66
CA TYR B 97 5.90 -33.05 -21.50
C TYR B 97 5.29 -34.43 -21.19
N ASN B 98 6.10 -35.38 -20.74
CA ASN B 98 5.58 -36.71 -20.42
C ASN B 98 5.51 -36.99 -18.91
N ALA B 99 5.39 -35.92 -18.11
CA ALA B 99 5.22 -36.07 -16.67
C ALA B 99 3.78 -36.46 -16.35
N ILE B 100 3.62 -37.37 -15.38
CA ILE B 100 2.28 -37.77 -14.94
C ILE B 100 2.02 -37.40 -13.50
N SER B 101 2.95 -36.68 -12.89
CA SER B 101 2.70 -36.10 -11.59
C SER B 101 3.31 -34.70 -11.52
N LYS B 102 2.84 -33.88 -10.59
CA LYS B 102 3.42 -32.56 -10.31
C LYS B 102 4.91 -32.63 -10.00
N PRO B 103 5.67 -31.66 -10.50
CA PRO B 103 7.07 -31.65 -10.04
C PRO B 103 7.13 -31.27 -8.55
N GLU B 104 7.69 -32.15 -7.73
CA GLU B 104 7.86 -31.86 -6.31
C GLU B 104 9.26 -31.27 -6.08
N VAL B 105 9.33 -29.96 -5.82
CA VAL B 105 10.62 -29.33 -5.52
C VAL B 105 11.05 -29.57 -4.08
N LEU B 106 12.23 -30.17 -3.91
CA LEU B 106 12.68 -30.61 -2.59
C LEU B 106 13.65 -29.63 -1.93
N THR B 107 13.92 -28.52 -2.61
CA THR B 107 14.99 -27.63 -2.20
C THR B 107 14.54 -26.16 -2.12
N PRO B 108 15.29 -25.34 -1.36
CA PRO B 108 14.90 -23.93 -1.29
C PRO B 108 14.85 -23.31 -2.67
N GLN B 109 13.76 -22.62 -2.95
CA GLN B 109 13.55 -22.09 -4.28
C GLN B 109 14.37 -20.82 -4.45
N LEU B 110 15.68 -21.01 -4.61
CA LEU B 110 16.62 -19.90 -4.75
C LEU B 110 17.46 -20.08 -6.01
N ALA B 111 17.74 -18.96 -6.68
CA ALA B 111 18.71 -18.95 -7.78
C ALA B 111 19.93 -18.15 -7.38
N ARG B 112 21.02 -18.43 -8.07
CA ARG B 112 22.20 -17.59 -7.99
C ARG B 112 22.20 -16.64 -9.19
N VAL B 113 22.39 -15.35 -8.91
CA VAL B 113 22.61 -14.36 -9.97
C VAL B 113 24.08 -13.97 -9.93
N VAL B 114 24.75 -14.08 -11.08
CA VAL B 114 26.17 -13.76 -11.20
C VAL B 114 26.34 -12.34 -11.73
N SER B 115 27.39 -11.64 -11.30
CA SER B 115 27.55 -10.22 -11.68
C SER B 115 27.56 -9.96 -13.19
N ASP B 116 27.85 -10.99 -13.99
CA ASP B 116 27.79 -10.88 -15.44
C ASP B 116 26.37 -11.11 -15.98
N GLY B 117 25.41 -11.29 -15.07
CA GLY B 117 24.02 -11.42 -15.46
C GLY B 117 23.60 -12.86 -15.73
N GLU B 118 24.51 -13.79 -15.46
CA GLU B 118 24.18 -15.19 -15.61
C GLU B 118 23.25 -15.60 -14.45
N VAL B 119 22.22 -16.38 -14.77
CA VAL B 119 21.34 -16.89 -13.72
C VAL B 119 21.42 -18.41 -13.63
N LEU B 120 21.68 -18.92 -12.44
CA LEU B 120 21.76 -20.37 -12.24
C LEU B 120 20.68 -20.85 -11.28
N TYR B 121 19.87 -21.80 -11.75
CA TYR B 121 18.77 -22.35 -10.98
C TYR B 121 18.87 -23.87 -10.96
N MET B 122 18.87 -24.49 -9.77
CA MET B 122 18.95 -25.95 -9.74
C MET B 122 18.06 -26.60 -8.68
N PRO B 123 16.77 -26.71 -8.97
CA PRO B 123 15.88 -27.40 -8.02
C PRO B 123 16.18 -28.91 -7.98
N SER B 124 16.03 -29.51 -6.79
CA SER B 124 15.92 -30.95 -6.74
C SER B 124 14.45 -31.30 -6.85
N ILE B 125 14.14 -32.10 -7.85
CA ILE B 125 12.78 -32.45 -8.19
C ILE B 125 12.55 -33.95 -8.15
N ARG B 126 11.46 -34.35 -7.49
CA ARG B 126 10.96 -35.70 -7.60
C ARG B 126 9.69 -35.71 -8.43
N GLN B 127 9.62 -36.57 -9.43
CA GLN B 127 8.52 -36.54 -10.36
C GLN B 127 8.32 -37.91 -11.00
N ARG B 128 7.09 -38.22 -11.37
CA ARG B 128 6.77 -39.45 -12.08
C ARG B 128 6.57 -39.22 -13.57
N PHE B 129 7.02 -40.19 -14.37
CA PHE B 129 6.98 -40.06 -15.81
C PHE B 129 6.32 -41.25 -16.49
N SER B 130 5.80 -40.99 -17.68
CA SER B 130 5.37 -42.04 -18.59
C SER B 130 6.46 -42.26 -19.64
N CYS B 131 7.14 -43.39 -19.53
CA CYS B 131 8.27 -43.68 -20.40
C CYS B 131 8.55 -45.20 -20.52
N ASP B 132 9.50 -45.51 -21.38
CA ASP B 132 9.85 -46.89 -21.72
C ASP B 132 10.63 -47.55 -20.60
N VAL B 133 10.03 -48.54 -19.96
CA VAL B 133 10.73 -49.30 -18.93
C VAL B 133 10.92 -50.75 -19.39
N SER B 134 10.68 -50.98 -20.68
CA SER B 134 11.00 -52.24 -21.34
C SER B 134 12.46 -52.57 -21.10
N GLY B 135 12.73 -53.68 -20.43
CA GLY B 135 14.09 -54.16 -20.30
C GLY B 135 14.82 -53.66 -19.09
N VAL B 136 14.07 -53.20 -18.09
CA VAL B 136 14.65 -52.73 -16.84
C VAL B 136 15.51 -53.82 -16.18
N ASP B 137 15.12 -55.07 -16.36
CA ASP B 137 15.85 -56.18 -15.74
C ASP B 137 16.67 -56.97 -16.76
N THR B 138 17.18 -56.29 -17.78
CA THR B 138 18.17 -56.89 -18.68
C THR B 138 19.53 -56.25 -18.42
N GLU B 139 20.56 -56.71 -19.13
CA GLU B 139 21.87 -56.13 -18.91
C GLU B 139 22.01 -54.91 -19.82
N SER B 140 21.22 -54.89 -20.90
CA SER B 140 21.14 -53.71 -21.76
C SER B 140 20.35 -52.59 -21.09
N GLY B 141 19.38 -52.99 -20.26
CA GLY B 141 18.61 -52.03 -19.47
C GLY B 141 17.46 -51.40 -20.23
N ALA B 142 16.71 -50.54 -19.54
CA ALA B 142 15.64 -49.77 -20.16
C ALA B 142 16.13 -48.37 -20.48
N THR B 143 15.57 -47.78 -21.53
CA THR B 143 15.88 -46.38 -21.86
C THR B 143 14.62 -45.54 -21.71
N CYS B 144 14.50 -44.92 -20.56
CA CYS B 144 13.39 -44.01 -20.28
C CYS B 144 13.73 -42.60 -20.78
N ARG B 145 12.88 -42.06 -21.65
CA ARG B 145 13.10 -40.72 -22.17
C ARG B 145 12.09 -39.69 -21.65
N ILE B 146 12.62 -38.53 -21.32
CA ILE B 146 11.86 -37.42 -20.76
C ILE B 146 12.05 -36.17 -21.62
N LYS B 147 10.97 -35.56 -22.07
CA LYS B 147 11.08 -34.29 -22.78
C LYS B 147 10.68 -33.11 -21.88
N ILE B 148 11.58 -32.15 -21.79
CA ILE B 148 11.39 -30.94 -21.01
C ILE B 148 11.54 -29.73 -21.94
N GLY B 149 10.54 -28.88 -21.97
CA GLY B 149 10.56 -27.68 -22.78
C GLY B 149 9.64 -26.64 -22.18
N SER B 150 9.67 -25.44 -22.74
CA SER B 150 8.77 -24.36 -22.34
C SER B 150 7.34 -24.76 -22.64
N TRP B 151 6.45 -24.44 -21.72
CA TRP B 151 5.05 -24.75 -21.87
C TRP B 151 4.31 -23.80 -22.82
N THR B 152 4.75 -22.53 -22.85
CA THR B 152 4.01 -21.49 -23.58
C THR B 152 4.85 -20.66 -24.57
N HIS B 153 6.16 -20.87 -24.59
CA HIS B 153 7.03 -20.10 -25.48
C HIS B 153 7.59 -20.92 -26.65
N HIS B 154 7.26 -20.55 -27.88
CA HIS B 154 7.81 -21.25 -29.04
C HIS B 154 9.29 -20.89 -29.27
N SER B 155 9.88 -21.54 -30.26
CA SER B 155 11.32 -21.51 -30.51
C SER B 155 11.88 -20.12 -30.80
N ARG B 156 11.05 -19.23 -31.33
CA ARG B 156 11.49 -17.86 -31.60
C ARG B 156 11.67 -17.06 -30.31
N GLU B 157 11.12 -17.58 -29.21
CA GLU B 157 11.08 -16.87 -27.95
C GLU B 157 12.02 -17.49 -26.94
N ILE B 158 11.93 -18.81 -26.80
CA ILE B 158 12.86 -19.54 -25.95
C ILE B 158 13.47 -20.73 -26.67
N SER B 159 14.79 -20.84 -26.62
CA SER B 159 15.43 -22.06 -27.11
C SER B 159 16.03 -22.85 -25.95
N VAL B 160 15.76 -24.15 -25.93
CA VAL B 160 16.15 -25.03 -24.84
C VAL B 160 17.27 -25.97 -25.29
N ASP B 161 18.42 -25.82 -24.66
CA ASP B 161 19.63 -26.54 -25.07
C ASP B 161 20.14 -27.48 -23.97
N PRO B 162 20.30 -28.77 -24.31
CA PRO B 162 20.99 -29.70 -23.43
C PRO B 162 22.41 -29.25 -23.22
N THR B 163 23.02 -29.54 -22.08
CA THR B 163 24.36 -29.04 -21.84
C THR B 163 25.45 -30.05 -22.26
N THR B 164 25.64 -31.11 -21.49
CA THR B 164 26.59 -32.15 -21.90
C THR B 164 25.86 -33.40 -22.40
N GLU B 165 26.07 -33.71 -23.67
CA GLU B 165 25.39 -34.80 -24.37
C GLU B 165 25.36 -36.11 -23.59
N ASN B 166 26.42 -36.42 -22.83
CA ASN B 166 26.51 -37.74 -22.20
C ASN B 166 27.42 -37.81 -20.97
N SER B 167 26.91 -38.42 -19.90
CA SER B 167 27.69 -38.78 -18.73
C SER B 167 26.98 -39.96 -18.07
N ASP B 168 27.46 -40.44 -16.93
CA ASP B 168 26.73 -41.47 -16.19
C ASP B 168 26.31 -40.96 -14.81
N ASP B 169 26.39 -39.64 -14.63
CA ASP B 169 25.97 -38.97 -13.38
C ASP B 169 26.65 -39.57 -12.14
N SER B 170 27.93 -39.91 -12.28
CA SER B 170 28.74 -40.56 -11.25
C SER B 170 28.79 -39.77 -9.94
N GLU B 171 28.83 -38.46 -10.05
CA GLU B 171 28.98 -37.64 -8.87
C GLU B 171 27.62 -37.34 -8.24
N TYR B 172 26.55 -37.83 -8.85
CA TYR B 172 25.21 -37.48 -8.41
C TYR B 172 24.36 -38.67 -7.93
N PHE B 173 24.29 -39.73 -8.74
CA PHE B 173 23.36 -40.83 -8.50
C PHE B 173 23.69 -41.62 -7.23
N SER B 174 22.71 -41.78 -6.37
CA SER B 174 22.87 -42.44 -5.09
C SER B 174 23.51 -43.82 -5.24
N GLN B 175 24.60 -44.06 -4.52
CA GLN B 175 25.19 -45.40 -4.48
C GLN B 175 24.25 -46.40 -3.82
N TYR B 176 23.17 -45.93 -3.21
CA TYR B 176 22.26 -46.83 -2.50
C TYR B 176 20.98 -47.16 -3.25
N SER B 177 20.85 -46.69 -4.49
CA SER B 177 19.69 -47.07 -5.30
C SER B 177 19.74 -48.56 -5.64
N ARG B 178 18.58 -49.17 -5.83
CA ARG B 178 18.54 -50.57 -6.22
C ARG B 178 18.64 -50.66 -7.74
N PHE B 179 18.74 -49.49 -8.37
CA PHE B 179 18.99 -49.43 -9.80
C PHE B 179 20.34 -48.82 -10.07
N GLU B 180 20.88 -49.08 -11.25
CA GLU B 180 22.12 -48.45 -11.67
C GLU B 180 21.92 -47.73 -13.01
N ILE B 181 22.68 -46.66 -13.21
CA ILE B 181 22.60 -45.90 -14.44
C ILE B 181 23.69 -46.30 -15.42
N LEU B 182 23.26 -46.73 -16.61
CA LEU B 182 24.19 -47.09 -17.67
C LEU B 182 24.62 -45.85 -18.45
N ASP B 183 23.65 -45.05 -18.85
CA ASP B 183 23.93 -43.87 -19.64
C ASP B 183 22.79 -42.87 -19.54
N VAL B 184 23.13 -41.59 -19.55
CA VAL B 184 22.15 -40.53 -19.74
C VAL B 184 22.58 -39.66 -20.91
N THR B 185 21.69 -39.52 -21.89
CA THR B 185 21.96 -38.71 -23.06
C THR B 185 20.91 -37.62 -23.25
N GLN B 186 21.37 -36.41 -23.53
CA GLN B 186 20.47 -35.27 -23.68
C GLN B 186 20.66 -34.61 -25.02
N LYS B 187 19.57 -34.56 -25.78
CA LYS B 187 19.62 -34.05 -27.13
C LYS B 187 18.46 -33.07 -27.36
N LYS B 188 18.71 -32.10 -28.24
CA LYS B 188 17.67 -31.24 -28.81
C LYS B 188 16.73 -31.98 -29.78
N ASN B 189 15.42 -31.90 -29.51
CA ASN B 189 14.46 -31.67 -30.59
C ASN B 189 13.49 -30.57 -30.36
N SER B 190 12.48 -30.63 -31.20
CA SER B 190 11.40 -29.70 -31.27
C SER B 190 10.12 -30.48 -31.43
N VAL B 191 9.04 -29.86 -31.02
CA VAL B 191 7.73 -30.46 -31.08
C VAL B 191 6.79 -29.49 -31.77
N THR B 192 6.01 -30.02 -32.70
CA THR B 192 4.97 -29.26 -33.36
C THR B 192 3.72 -30.11 -33.36
N TYR B 193 2.57 -29.47 -33.54
CA TYR B 193 1.30 -30.17 -33.62
C TYR B 193 0.55 -29.64 -34.82
N SER B 194 -0.28 -30.48 -35.41
CA SER B 194 -1.02 -30.08 -36.61
C SER B 194 -1.96 -28.89 -36.32
N CYS B 195 -2.41 -28.77 -35.08
CA CYS B 195 -3.22 -27.64 -34.69
C CYS B 195 -2.38 -26.36 -34.69
N CYS B 196 -1.10 -26.51 -34.38
CA CYS B 196 -0.27 -25.40 -33.98
C CYS B 196 1.11 -25.50 -34.62
N PRO B 197 1.33 -24.72 -35.68
CA PRO B 197 2.49 -24.76 -36.59
C PRO B 197 3.85 -24.44 -35.95
N GLU B 198 3.90 -23.42 -35.09
CA GLU B 198 5.17 -22.96 -34.53
C GLU B 198 5.81 -24.03 -33.65
N ALA B 199 7.13 -24.01 -33.61
CA ALA B 199 7.91 -25.09 -33.02
C ALA B 199 8.31 -24.81 -31.58
N TYR B 200 8.11 -25.82 -30.73
CA TYR B 200 8.52 -25.73 -29.34
C TYR B 200 9.75 -26.57 -29.14
N GLU B 201 10.81 -25.96 -28.61
CA GLU B 201 12.04 -26.67 -28.37
C GLU B 201 12.00 -27.37 -27.03
N ASP B 202 12.67 -28.51 -26.96
CA ASP B 202 12.82 -29.18 -25.70
C ASP B 202 14.15 -29.93 -25.67
N VAL B 203 14.61 -30.23 -24.47
CA VAL B 203 15.67 -31.20 -24.32
C VAL B 203 15.05 -32.59 -24.13
N GLU B 204 15.50 -33.56 -24.91
CA GLU B 204 15.04 -34.91 -24.70
C GLU B 204 16.11 -35.68 -23.95
N VAL B 205 15.75 -36.14 -22.75
CA VAL B 205 16.69 -36.81 -21.86
C VAL B 205 16.47 -38.30 -21.91
N SER B 206 17.51 -39.04 -22.29
CA SER B 206 17.42 -40.48 -22.39
C SER B 206 18.09 -41.12 -21.20
N LEU B 207 17.31 -41.83 -20.40
CA LEU B 207 17.84 -42.42 -19.19
C LEU B 207 17.94 -43.94 -19.35
N ASN B 208 19.18 -44.41 -19.51
CA ASN B 208 19.47 -45.83 -19.66
C ASN B 208 19.89 -46.44 -18.32
N PHE B 209 19.07 -47.32 -17.78
CA PHE B 209 19.26 -47.82 -16.43
C PHE B 209 18.76 -49.25 -16.24
N ARG B 210 19.23 -49.91 -15.19
CA ARG B 210 18.75 -51.27 -14.86
C ARG B 210 18.77 -51.56 -13.36
N LYS B 211 18.04 -52.60 -12.94
CA LYS B 211 18.15 -53.09 -11.57
C LYS B 211 19.51 -53.71 -11.36
N LYS B 212 20.11 -53.45 -10.20
CA LYS B 212 21.31 -54.17 -9.80
C LYS B 212 20.97 -55.61 -9.42
N GLY B 213 21.98 -56.45 -9.25
CA GLY B 213 21.77 -57.84 -8.88
C GLY B 213 22.79 -58.39 -7.88
N ASP C 1 4.09 -8.24 -35.59
CA ASP C 1 4.64 -9.23 -36.52
C ASP C 1 5.79 -9.97 -35.83
N TYR C 2 6.26 -11.04 -36.44
CA TYR C 2 7.19 -11.93 -35.75
C TYR C 2 8.63 -11.41 -35.85
N LYS C 3 8.79 -10.25 -36.47
CA LYS C 3 10.10 -9.61 -36.47
C LYS C 3 10.33 -8.88 -35.15
N ASP C 4 9.24 -8.48 -34.52
CA ASP C 4 9.28 -7.74 -33.26
C ASP C 4 8.97 -8.57 -32.01
N ASP C 5 8.72 -9.87 -32.20
CA ASP C 5 8.35 -10.76 -31.10
C ASP C 5 9.26 -10.66 -29.88
N ASP C 6 10.57 -10.56 -30.12
CA ASP C 6 11.55 -10.56 -29.04
C ASP C 6 11.96 -9.16 -28.60
N ASP C 7 11.13 -8.17 -28.90
CA ASP C 7 11.38 -6.85 -28.34
C ASP C 7 10.91 -6.83 -26.88
N LYS C 8 11.87 -6.89 -25.95
CA LYS C 8 11.53 -7.04 -24.55
C LYS C 8 10.61 -5.92 -24.04
N LEU C 9 10.95 -4.68 -24.36
CA LEU C 9 10.15 -3.52 -23.93
C LEU C 9 8.70 -3.60 -24.42
N ASP C 10 8.53 -3.98 -25.68
CA ASP C 10 7.21 -4.19 -26.23
C ASP C 10 6.40 -5.21 -25.43
N ARG C 11 7.01 -6.37 -25.17
CA ARG C 11 6.32 -7.40 -24.40
C ARG C 11 5.90 -6.86 -23.03
N ALA C 12 6.85 -6.23 -22.35
CA ALA C 12 6.59 -5.61 -21.06
C ALA C 12 5.39 -4.66 -21.13
N ASP C 13 5.32 -3.84 -22.17
CA ASP C 13 4.22 -2.87 -22.27
C ASP C 13 2.89 -3.54 -22.58
N ILE C 14 2.93 -4.54 -23.46
CA ILE C 14 1.74 -5.34 -23.74
C ILE C 14 1.20 -5.97 -22.46
N LEU C 15 2.09 -6.54 -21.66
CA LEU C 15 1.70 -7.17 -20.39
C LEU C 15 1.10 -6.14 -19.45
N TYR C 16 1.71 -4.96 -19.44
CA TYR C 16 1.21 -3.85 -18.66
C TYR C 16 -0.19 -3.42 -19.12
N ASN C 17 -0.40 -3.33 -20.42
CA ASN C 17 -1.72 -2.99 -20.98
C ASN C 17 -2.78 -4.02 -20.67
N ILE C 18 -2.42 -5.28 -20.83
CA ILE C 18 -3.31 -6.38 -20.50
C ILE C 18 -3.73 -6.26 -19.05
N ARG C 19 -2.77 -6.03 -18.16
CA ARG C 19 -3.10 -5.95 -16.73
C ARG C 19 -3.99 -4.78 -16.35
N GLN C 20 -3.73 -3.63 -16.95
CA GLN C 20 -4.53 -2.45 -16.69
C GLN C 20 -5.95 -2.64 -17.19
N THR C 21 -6.11 -3.31 -18.32
CA THR C 21 -7.45 -3.49 -18.89
C THR C 21 -8.20 -4.70 -18.31
N SER C 22 -7.44 -5.76 -18.03
CA SER C 22 -8.02 -7.01 -17.55
C SER C 22 -8.88 -6.89 -16.30
N ARG C 23 -10.08 -7.45 -16.34
CA ARG C 23 -10.88 -7.63 -15.12
C ARG C 23 -11.02 -9.14 -14.84
N PRO C 24 -10.15 -9.67 -13.96
CA PRO C 24 -10.09 -11.11 -13.73
C PRO C 24 -11.38 -11.70 -13.20
N ASP C 25 -12.25 -10.90 -12.59
CA ASP C 25 -13.45 -11.46 -11.97
C ASP C 25 -14.74 -11.18 -12.73
N VAL C 26 -14.64 -10.52 -13.88
CA VAL C 26 -15.85 -10.19 -14.64
C VAL C 26 -15.86 -10.94 -15.96
N ILE C 27 -16.98 -11.55 -16.31
CA ILE C 27 -17.03 -12.27 -17.58
C ILE C 27 -16.93 -11.25 -18.73
N PRO C 28 -16.05 -11.52 -19.71
CA PRO C 28 -15.79 -10.58 -20.80
C PRO C 28 -16.84 -10.70 -21.89
N THR C 29 -18.09 -10.39 -21.58
CA THR C 29 -19.17 -10.47 -22.57
C THR C 29 -19.11 -9.28 -23.52
N GLN C 30 -18.79 -9.52 -24.77
CA GLN C 30 -18.63 -8.43 -25.69
C GLN C 30 -19.99 -8.32 -26.35
N ARG C 31 -20.36 -7.10 -26.74
CA ARG C 31 -21.76 -6.82 -27.04
C ARG C 31 -22.65 -7.29 -25.89
N ASP C 32 -23.79 -7.88 -26.22
CA ASP C 32 -24.70 -8.38 -25.20
C ASP C 32 -24.92 -9.89 -25.40
N ARG C 33 -23.82 -10.60 -25.67
CA ARG C 33 -23.88 -12.04 -25.95
C ARG C 33 -23.01 -12.82 -24.99
N PRO C 34 -23.37 -14.08 -24.72
CA PRO C 34 -22.55 -14.95 -23.87
C PRO C 34 -21.10 -15.06 -24.34
N VAL C 35 -20.17 -15.20 -23.41
CA VAL C 35 -18.81 -15.51 -23.78
C VAL C 35 -18.73 -16.91 -24.38
N ALA C 36 -18.21 -17.02 -25.60
CA ALA C 36 -18.03 -18.32 -26.23
C ALA C 36 -16.71 -18.94 -25.82
N VAL C 37 -16.78 -20.03 -25.08
CA VAL C 37 -15.61 -20.72 -24.59
C VAL C 37 -15.45 -22.03 -25.33
N SER C 38 -14.30 -22.21 -25.98
CA SER C 38 -14.04 -23.45 -26.68
C SER C 38 -13.12 -24.34 -25.88
N VAL C 39 -13.49 -25.61 -25.77
CA VAL C 39 -12.72 -26.58 -25.00
C VAL C 39 -12.50 -27.85 -25.80
N SER C 40 -11.28 -28.37 -25.75
CA SER C 40 -10.98 -29.67 -26.31
C SER C 40 -9.91 -30.38 -25.47
N LEU C 41 -10.22 -31.60 -25.01
CA LEU C 41 -9.25 -32.38 -24.25
C LEU C 41 -8.42 -33.24 -25.20
N LYS C 42 -7.10 -33.13 -25.06
CA LYS C 42 -6.18 -34.07 -25.69
C LYS C 42 -5.66 -34.98 -24.59
N PHE C 43 -6.08 -36.25 -24.61
CA PHE C 43 -5.67 -37.20 -23.59
C PHE C 43 -4.22 -37.61 -23.80
N ILE C 44 -3.49 -37.65 -22.70
CA ILE C 44 -2.07 -37.95 -22.73
C ILE C 44 -1.81 -39.33 -22.12
N ASN C 45 -2.61 -39.68 -21.13
CA ASN C 45 -2.40 -40.92 -20.42
C ASN C 45 -3.55 -41.34 -19.54
N ILE C 46 -3.80 -42.64 -19.55
CA ILE C 46 -4.71 -43.25 -18.60
C ILE C 46 -3.85 -44.02 -17.62
N LEU C 47 -3.84 -43.59 -16.37
CA LEU C 47 -2.90 -44.10 -15.39
C LEU C 47 -3.46 -45.29 -14.62
N GLU C 48 -4.70 -45.15 -14.17
CA GLU C 48 -5.33 -46.19 -13.38
C GLU C 48 -6.77 -46.32 -13.81
N VAL C 49 -7.33 -47.50 -13.62
CA VAL C 49 -8.68 -47.80 -14.01
C VAL C 49 -9.20 -48.89 -13.08
N ASN C 50 -10.40 -48.68 -12.56
CA ASN C 50 -11.02 -49.59 -11.62
C ASN C 50 -12.41 -50.00 -12.10
N GLU C 51 -12.49 -51.18 -12.72
CA GLU C 51 -13.72 -51.67 -13.35
C GLU C 51 -14.79 -52.00 -12.30
N ILE C 52 -14.33 -52.38 -11.12
CA ILE C 52 -15.22 -52.70 -10.02
C ILE C 52 -15.88 -51.44 -9.44
N THR C 53 -15.13 -50.34 -9.34
CA THR C 53 -15.65 -49.10 -8.75
C THR C 53 -15.98 -48.00 -9.78
N ASN C 54 -15.72 -48.28 -11.05
CA ASN C 54 -15.95 -47.31 -12.14
C ASN C 54 -15.27 -45.94 -11.94
N GLU C 55 -13.97 -45.97 -11.66
CA GLU C 55 -13.17 -44.76 -11.57
C GLU C 55 -12.05 -44.86 -12.58
N VAL C 56 -11.65 -43.71 -13.12
CA VAL C 56 -10.48 -43.60 -13.98
C VAL C 56 -9.58 -42.46 -13.52
N ASP C 57 -8.30 -42.62 -13.74
CA ASP C 57 -7.33 -41.60 -13.42
C ASP C 57 -6.65 -41.20 -14.74
N VAL C 58 -6.87 -39.96 -15.18
CA VAL C 58 -6.28 -39.57 -16.46
C VAL C 58 -5.47 -38.28 -16.42
N VAL C 59 -4.61 -38.14 -17.41
CA VAL C 59 -3.91 -36.91 -17.69
C VAL C 59 -4.35 -36.40 -19.04
N PHE C 60 -4.65 -35.12 -19.11
CA PHE C 60 -5.05 -34.50 -20.36
C PHE C 60 -4.68 -33.03 -20.45
N TRP C 61 -4.35 -32.61 -21.65
CA TRP C 61 -4.14 -31.21 -21.94
C TRP C 61 -5.49 -30.63 -22.27
N GLN C 62 -5.96 -29.68 -21.45
CA GLN C 62 -7.23 -29.02 -21.71
C GLN C 62 -7.03 -27.76 -22.54
N GLN C 63 -7.12 -27.90 -23.86
CA GLN C 63 -7.03 -26.78 -24.79
C GLN C 63 -8.23 -25.86 -24.64
N THR C 64 -8.00 -24.62 -24.18
CA THR C 64 -9.10 -23.72 -23.89
C THR C 64 -8.95 -22.36 -24.56
N THR C 65 -10.01 -21.86 -25.20
CA THR C 65 -9.97 -20.54 -25.80
C THR C 65 -11.25 -19.80 -25.63
N TRP C 66 -11.08 -18.49 -25.66
CA TRP C 66 -12.17 -17.55 -25.68
C TRP C 66 -11.48 -16.28 -26.13
N SER C 67 -12.23 -15.22 -26.32
CA SER C 67 -11.62 -13.98 -26.78
C SER C 67 -12.13 -12.82 -25.93
N ASP C 68 -11.28 -11.83 -25.74
CA ASP C 68 -11.65 -10.60 -25.08
C ASP C 68 -11.09 -9.46 -25.88
N ARG C 69 -11.91 -8.91 -26.79
CA ARG C 69 -11.47 -7.88 -27.73
C ARG C 69 -10.86 -6.67 -27.03
N THR C 70 -11.22 -6.43 -25.77
CA THR C 70 -10.66 -5.30 -25.05
C THR C 70 -9.15 -5.50 -24.81
N LEU C 71 -8.68 -6.74 -24.85
CA LEU C 71 -7.25 -7.01 -24.64
C LEU C 71 -6.46 -6.85 -25.93
N ALA C 72 -7.18 -6.65 -27.02
CA ALA C 72 -6.55 -6.62 -28.34
C ALA C 72 -5.68 -5.38 -28.48
N TRP C 73 -4.71 -5.48 -29.35
CA TRP C 73 -3.84 -4.38 -29.65
C TRP C 73 -3.34 -4.54 -31.08
N ASN C 74 -2.84 -3.44 -31.61
CA ASN C 74 -2.30 -3.35 -32.94
C ASN C 74 -0.86 -3.88 -32.96
N SER C 75 -0.60 -4.94 -33.72
CA SER C 75 0.72 -5.55 -33.68
C SER C 75 1.48 -5.52 -34.99
N SER C 76 1.18 -4.54 -35.83
CA SER C 76 1.95 -4.29 -37.05
C SER C 76 3.44 -4.21 -36.76
N HIS C 77 3.80 -3.63 -35.63
CA HIS C 77 5.23 -3.49 -35.27
C HIS C 77 5.47 -3.86 -33.83
N SER C 78 4.82 -4.92 -33.37
CA SER C 78 5.00 -5.38 -32.01
C SER C 78 4.75 -6.89 -31.95
N PRO C 79 5.05 -7.54 -30.80
CA PRO C 79 4.73 -8.96 -30.62
C PRO C 79 3.26 -9.29 -30.90
N ASP C 80 3.06 -10.46 -31.49
CA ASP C 80 1.72 -10.92 -31.81
C ASP C 80 1.04 -11.58 -30.62
N GLN C 81 1.87 -12.16 -29.74
CA GLN C 81 1.38 -12.85 -28.56
C GLN C 81 2.36 -12.72 -27.41
N VAL C 82 1.84 -12.65 -26.19
CA VAL C 82 2.69 -12.88 -25.02
C VAL C 82 2.10 -13.90 -24.06
N SER C 83 2.93 -14.36 -23.13
CA SER C 83 2.47 -15.27 -22.09
C SER C 83 2.07 -14.46 -20.86
N VAL C 84 0.95 -14.81 -20.24
CA VAL C 84 0.43 -14.02 -19.12
C VAL C 84 0.00 -14.96 -17.98
N PRO C 85 0.41 -14.67 -16.73
CA PRO C 85 -0.08 -15.50 -15.62
C PRO C 85 -1.60 -15.42 -15.57
N ILE C 86 -2.29 -16.55 -15.42
CA ILE C 86 -3.74 -16.53 -15.48
C ILE C 86 -4.32 -15.79 -14.27
N SER C 87 -3.51 -15.56 -13.25
CA SER C 87 -3.98 -14.72 -12.15
C SER C 87 -4.27 -13.29 -12.62
N SER C 88 -3.70 -12.88 -13.76
CA SER C 88 -3.95 -11.54 -14.31
C SER C 88 -5.13 -11.48 -15.28
N LEU C 89 -5.73 -12.62 -15.56
CA LEU C 89 -6.77 -12.73 -16.56
C LEU C 89 -8.06 -13.29 -16.00
N TRP C 90 -9.17 -12.90 -16.60
CA TRP C 90 -10.36 -13.70 -16.42
C TRP C 90 -10.15 -15.06 -17.06
N VAL C 91 -10.59 -16.11 -16.37
CA VAL C 91 -10.65 -17.44 -16.96
C VAL C 91 -11.99 -18.06 -16.59
N PRO C 92 -12.58 -18.82 -17.52
CA PRO C 92 -13.87 -19.47 -17.24
C PRO C 92 -13.81 -20.41 -16.02
N ASP C 93 -14.89 -20.41 -15.24
CA ASP C 93 -14.96 -21.20 -14.02
C ASP C 93 -15.41 -22.63 -14.34
N LEU C 94 -14.63 -23.30 -15.18
CA LEU C 94 -14.95 -24.65 -15.62
C LEU C 94 -14.75 -25.69 -14.52
N ALA C 95 -15.64 -26.67 -14.48
CA ALA C 95 -15.49 -27.79 -13.59
C ALA C 95 -15.93 -29.03 -14.32
N ALA C 96 -15.29 -30.15 -14.02
CA ALA C 96 -15.78 -31.43 -14.51
C ALA C 96 -16.86 -31.93 -13.55
N TYR C 97 -18.09 -32.04 -14.04
CA TYR C 97 -19.25 -32.36 -13.20
C TYR C 97 -19.17 -33.74 -12.57
N ASN C 98 -18.47 -34.67 -13.21
CA ASN C 98 -18.31 -36.01 -12.63
C ASN C 98 -16.89 -36.28 -12.18
N ALA C 99 -16.17 -35.21 -11.77
CA ALA C 99 -14.87 -35.40 -11.15
C ALA C 99 -15.03 -35.85 -9.69
N ILE C 100 -14.04 -36.58 -9.20
CA ILE C 100 -14.07 -37.04 -7.81
C ILE C 100 -12.77 -36.74 -7.11
N SER C 101 -11.88 -36.02 -7.78
CA SER C 101 -10.66 -35.51 -7.18
C SER C 101 -10.40 -34.10 -7.70
N LYS C 102 -9.62 -33.31 -6.97
CA LYS C 102 -9.23 -31.97 -7.44
C LYS C 102 -8.46 -32.12 -8.75
N PRO C 103 -8.70 -31.22 -9.71
CA PRO C 103 -7.82 -31.27 -10.87
C PRO C 103 -6.42 -30.91 -10.43
N GLU C 104 -5.44 -31.75 -10.75
CA GLU C 104 -4.08 -31.42 -10.41
C GLU C 104 -3.38 -30.82 -11.63
N VAL C 105 -3.05 -29.55 -11.56
CA VAL C 105 -2.42 -28.89 -12.70
C VAL C 105 -0.93 -29.20 -12.69
N LEU C 106 -0.44 -29.71 -13.82
CA LEU C 106 0.93 -30.19 -13.85
C LEU C 106 1.87 -29.19 -14.54
N THR C 107 1.33 -28.04 -14.95
CA THR C 107 2.06 -27.14 -15.84
C THR C 107 2.03 -25.68 -15.36
N PRO C 108 2.99 -24.86 -15.84
CA PRO C 108 3.01 -23.43 -15.48
C PRO C 108 1.68 -22.81 -15.79
N GLN C 109 1.12 -22.05 -14.85
CA GLN C 109 -0.21 -21.49 -15.04
C GLN C 109 -0.17 -20.18 -15.83
N LEU C 110 0.16 -20.32 -17.11
CA LEU C 110 0.26 -19.19 -18.02
C LEU C 110 -0.73 -19.34 -19.16
N ALA C 111 -1.27 -18.23 -19.64
CA ALA C 111 -2.05 -18.28 -20.87
C ALA C 111 -1.35 -17.46 -21.96
N ARG C 112 -1.67 -17.74 -23.22
CA ARG C 112 -1.21 -16.90 -24.32
C ARG C 112 -2.29 -15.91 -24.70
N VAL C 113 -1.92 -14.64 -24.80
CA VAL C 113 -2.85 -13.63 -25.29
C VAL C 113 -2.40 -13.15 -26.66
N VAL C 114 -3.28 -13.30 -27.64
CA VAL C 114 -3.02 -12.91 -29.03
C VAL C 114 -3.47 -11.48 -29.30
N SER C 115 -2.77 -10.78 -30.18
CA SER C 115 -3.04 -9.35 -30.44
C SER C 115 -4.48 -9.09 -30.88
N ASP C 116 -5.18 -10.11 -31.37
CA ASP C 116 -6.60 -9.91 -31.73
C ASP C 116 -7.55 -10.14 -30.55
N GLY C 117 -7.02 -10.47 -29.39
CA GLY C 117 -7.83 -10.60 -28.19
C GLY C 117 -8.14 -12.04 -27.83
N GLU C 118 -7.71 -12.97 -28.67
CA GLU C 118 -7.91 -14.37 -28.36
C GLU C 118 -7.02 -14.79 -27.17
N VAL C 119 -7.58 -15.57 -26.26
CA VAL C 119 -6.78 -16.11 -25.16
C VAL C 119 -6.67 -17.59 -25.30
N LEU C 120 -5.45 -18.11 -25.24
CA LEU C 120 -5.27 -19.56 -25.20
C LEU C 120 -4.63 -20.03 -23.90
N TYR C 121 -5.24 -21.07 -23.33
CA TYR C 121 -4.87 -21.63 -22.04
C TYR C 121 -4.94 -23.15 -22.16
N MET C 122 -3.81 -23.83 -21.98
CA MET C 122 -3.82 -25.30 -22.06
C MET C 122 -3.09 -25.97 -20.91
N PRO C 123 -3.74 -26.06 -19.75
CA PRO C 123 -3.15 -26.78 -18.63
C PRO C 123 -3.07 -28.30 -18.85
N SER C 124 -1.97 -28.92 -18.42
CA SER C 124 -1.94 -30.37 -18.31
C SER C 124 -2.54 -30.75 -16.97
N ILE C 125 -3.65 -31.49 -17.01
CA ILE C 125 -4.39 -31.84 -15.80
C ILE C 125 -4.43 -33.34 -15.54
N ARG C 126 -4.16 -33.72 -14.29
CA ARG C 126 -4.42 -35.07 -13.82
C ARG C 126 -5.59 -35.07 -12.85
N GLN C 127 -6.52 -36.01 -13.02
CA GLN C 127 -7.78 -35.98 -12.29
C GLN C 127 -8.54 -37.30 -12.37
N ARG C 128 -9.38 -37.56 -11.37
CA ARG C 128 -10.18 -38.78 -11.33
C ARG C 128 -11.64 -38.53 -11.62
N PHE C 129 -12.28 -39.51 -12.25
CA PHE C 129 -13.65 -39.37 -12.69
C PHE C 129 -14.44 -40.63 -12.33
N SER C 130 -15.72 -40.44 -12.06
CA SER C 130 -16.63 -41.56 -12.04
C SER C 130 -17.18 -41.65 -13.45
N CYS C 131 -16.96 -42.79 -14.10
CA CYS C 131 -17.52 -43.02 -15.42
C CYS C 131 -17.61 -44.51 -15.73
N ASP C 132 -18.24 -44.82 -16.87
CA ASP C 132 -18.45 -46.21 -17.26
C ASP C 132 -17.16 -46.83 -17.75
N VAL C 133 -16.70 -47.84 -17.02
CA VAL C 133 -15.39 -48.46 -17.25
C VAL C 133 -15.57 -49.88 -17.78
N SER C 134 -16.82 -50.30 -17.92
CA SER C 134 -17.11 -51.65 -18.38
C SER C 134 -16.76 -51.78 -19.86
N GLY C 135 -16.18 -52.93 -20.21
CA GLY C 135 -15.79 -53.21 -21.58
C GLY C 135 -14.33 -52.90 -21.81
N VAL C 136 -13.64 -52.49 -20.75
CA VAL C 136 -12.26 -52.06 -20.86
C VAL C 136 -11.38 -53.21 -21.35
N ASP C 137 -11.77 -54.44 -21.01
CA ASP C 137 -11.02 -55.65 -21.39
C ASP C 137 -11.61 -56.35 -22.59
N THR C 138 -12.26 -55.58 -23.46
CA THR C 138 -12.88 -56.12 -24.65
C THR C 138 -12.36 -55.38 -25.87
N GLU C 139 -12.67 -55.88 -27.06
CA GLU C 139 -12.24 -55.23 -28.30
C GLU C 139 -12.93 -53.88 -28.49
N SER C 140 -14.21 -53.83 -28.11
CA SER C 140 -15.02 -52.62 -28.25
C SER C 140 -14.61 -51.53 -27.25
N GLY C 141 -13.94 -51.94 -26.17
CA GLY C 141 -13.42 -51.02 -25.17
C GLY C 141 -14.48 -50.42 -24.25
N ALA C 142 -14.02 -49.68 -23.24
CA ALA C 142 -14.92 -48.91 -22.39
C ALA C 142 -15.20 -47.52 -23.01
N THR C 143 -16.34 -46.92 -22.66
CA THR C 143 -16.63 -45.54 -23.06
C THR C 143 -16.90 -44.70 -21.82
N CYS C 144 -15.92 -43.86 -21.46
CA CYS C 144 -16.01 -43.02 -20.29
C CYS C 144 -16.37 -41.59 -20.66
N ARG C 145 -17.43 -41.07 -20.06
CA ARG C 145 -17.88 -39.72 -20.35
C ARG C 145 -17.40 -38.75 -19.27
N ILE C 146 -16.93 -37.59 -19.71
CA ILE C 146 -16.51 -36.52 -18.83
C ILE C 146 -17.26 -35.26 -19.25
N LYS C 147 -18.10 -34.74 -18.37
CA LYS C 147 -18.83 -33.52 -18.66
C LYS C 147 -18.15 -32.30 -18.03
N ILE C 148 -17.83 -31.31 -18.85
CA ILE C 148 -17.20 -30.08 -18.35
C ILE C 148 -17.98 -28.85 -18.75
N GLY C 149 -18.32 -28.02 -17.78
CA GLY C 149 -19.01 -26.76 -18.04
C GLY C 149 -18.67 -25.72 -17.00
N SER C 150 -19.24 -24.53 -17.13
CA SER C 150 -19.09 -23.48 -16.13
C SER C 150 -19.77 -23.87 -14.82
N TRP C 151 -19.17 -23.50 -13.69
CA TRP C 151 -19.76 -23.91 -12.42
C TRP C 151 -20.89 -22.98 -11.98
N THR C 152 -20.83 -21.71 -12.40
CA THR C 152 -21.75 -20.68 -11.90
C THR C 152 -22.37 -19.80 -13.00
N HIS C 153 -21.95 -19.99 -14.24
CA HIS C 153 -22.46 -19.14 -15.31
C HIS C 153 -23.38 -19.94 -16.24
N HIS C 154 -24.62 -19.49 -16.37
CA HIS C 154 -25.58 -20.17 -17.21
C HIS C 154 -25.38 -19.78 -18.68
N SER C 155 -26.14 -20.42 -19.55
CA SER C 155 -25.86 -20.38 -20.98
C SER C 155 -26.09 -18.99 -21.58
N ARG C 156 -26.83 -18.15 -20.88
CA ARG C 156 -26.99 -16.76 -21.31
C ARG C 156 -25.66 -16.01 -21.11
N GLU C 157 -24.84 -16.50 -20.19
CA GLU C 157 -23.62 -15.81 -19.81
C GLU C 157 -22.37 -16.47 -20.38
N ILE C 158 -22.35 -17.79 -20.40
CA ILE C 158 -21.21 -18.49 -20.98
C ILE C 158 -21.68 -19.64 -21.85
N SER C 159 -21.10 -19.77 -23.03
CA SER C 159 -21.41 -20.90 -23.86
C SER C 159 -20.14 -21.73 -23.98
N VAL C 160 -20.24 -23.02 -23.69
CA VAL C 160 -19.11 -23.91 -23.86
C VAL C 160 -19.29 -24.64 -25.18
N ASP C 161 -18.19 -24.85 -25.88
CA ASP C 161 -18.23 -25.42 -27.22
C ASP C 161 -17.04 -26.32 -27.42
N PRO C 162 -17.28 -27.53 -27.92
CA PRO C 162 -16.14 -28.39 -28.25
C PRO C 162 -15.43 -27.89 -29.49
N THR C 163 -14.10 -27.95 -29.49
CA THR C 163 -13.30 -27.54 -30.64
C THR C 163 -13.37 -28.63 -31.71
N THR C 164 -12.72 -29.75 -31.44
CA THR C 164 -12.72 -30.90 -32.34
C THR C 164 -13.82 -31.86 -31.96
N GLU C 165 -14.40 -32.52 -32.96
CA GLU C 165 -15.45 -33.46 -32.66
C GLU C 165 -14.88 -34.86 -32.44
N ASN C 166 -13.70 -35.12 -33.01
CA ASN C 166 -13.09 -36.45 -32.89
C ASN C 166 -11.64 -36.48 -32.41
N SER C 167 -10.84 -37.20 -33.22
CA SER C 167 -9.42 -37.53 -33.01
C SER C 167 -9.24 -38.76 -32.13
N ASP C 168 -8.00 -39.23 -32.08
CA ASP C 168 -7.57 -40.39 -31.31
C ASP C 168 -6.47 -39.90 -30.36
N ASP C 169 -6.05 -38.65 -30.57
CA ASP C 169 -4.98 -38.02 -29.81
C ASP C 169 -3.68 -38.79 -30.04
N SER C 170 -3.36 -39.08 -31.29
CA SER C 170 -2.15 -39.84 -31.59
C SER C 170 -0.91 -38.94 -31.51
N GLU C 171 -1.11 -37.65 -31.77
CA GLU C 171 -0.05 -36.68 -31.54
C GLU C 171 0.22 -36.49 -30.04
N TYR C 172 -0.68 -36.97 -29.20
CA TYR C 172 -0.66 -36.65 -27.77
C TYR C 172 -0.54 -37.87 -26.83
N PHE C 173 -1.40 -38.86 -27.02
CA PHE C 173 -1.48 -39.99 -26.11
C PHE C 173 -0.16 -40.78 -26.05
N SER C 174 0.31 -41.03 -24.83
CA SER C 174 1.53 -41.79 -24.59
C SER C 174 1.48 -43.19 -25.23
N GLN C 175 2.52 -43.53 -25.99
CA GLN C 175 2.59 -44.85 -26.59
C GLN C 175 2.90 -45.91 -25.54
N TYR C 176 3.38 -45.48 -24.38
CA TYR C 176 3.80 -46.43 -23.36
C TYR C 176 2.70 -46.75 -22.36
N SER C 177 1.52 -46.17 -22.55
CA SER C 177 0.40 -46.43 -21.66
C SER C 177 -0.10 -47.87 -21.80
N ARG C 178 -0.50 -48.46 -20.68
CA ARG C 178 -1.04 -49.81 -20.68
C ARG C 178 -2.37 -49.85 -21.47
N PHE C 179 -2.93 -48.67 -21.73
CA PHE C 179 -4.18 -48.58 -22.46
C PHE C 179 -3.98 -47.96 -23.82
N GLU C 180 -4.99 -48.12 -24.66
CA GLU C 180 -4.98 -47.54 -25.99
C GLU C 180 -6.33 -46.90 -26.24
N ILE C 181 -6.29 -45.73 -26.87
CA ILE C 181 -7.50 -44.98 -27.14
C ILE C 181 -8.07 -45.36 -28.49
N LEU C 182 -9.34 -45.77 -28.49
CA LEU C 182 -10.01 -46.13 -29.72
C LEU C 182 -10.57 -44.86 -30.37
N ASP C 183 -11.33 -44.10 -29.60
CA ASP C 183 -11.84 -42.83 -30.09
C ASP C 183 -12.14 -41.86 -28.96
N VAL C 184 -12.13 -40.58 -29.31
CA VAL C 184 -12.46 -39.48 -28.40
C VAL C 184 -13.44 -38.56 -29.13
N THR C 185 -14.68 -38.49 -28.66
CA THR C 185 -15.62 -37.57 -29.27
C THR C 185 -16.02 -36.50 -28.26
N GLN C 186 -16.24 -35.29 -28.75
CA GLN C 186 -16.56 -34.17 -27.88
C GLN C 186 -17.86 -33.60 -28.40
N LYS C 187 -18.77 -33.29 -27.50
CA LYS C 187 -20.12 -32.97 -27.91
C LYS C 187 -20.70 -31.84 -27.07
N LYS C 188 -21.41 -30.93 -27.71
CA LYS C 188 -22.11 -29.91 -26.96
C LYS C 188 -23.23 -30.58 -26.19
N ASN C 189 -23.43 -30.13 -24.95
CA ASN C 189 -24.43 -30.73 -24.10
C ASN C 189 -25.04 -29.66 -23.23
N SER C 190 -26.26 -29.89 -22.79
CA SER C 190 -26.96 -28.95 -21.94
C SER C 190 -27.40 -29.63 -20.65
N VAL C 191 -27.41 -28.88 -19.55
CA VAL C 191 -27.82 -29.44 -18.27
C VAL C 191 -28.80 -28.52 -17.55
N THR C 192 -29.85 -29.09 -16.98
CA THR C 192 -30.78 -28.33 -16.17
C THR C 192 -31.16 -29.15 -14.94
N TYR C 193 -31.60 -28.48 -13.89
CA TYR C 193 -32.01 -29.16 -12.67
C TYR C 193 -33.42 -28.76 -12.34
N SER C 194 -34.14 -29.64 -11.65
CA SER C 194 -35.53 -29.36 -11.35
C SER C 194 -35.65 -28.33 -10.23
N CYS C 195 -34.56 -28.07 -9.53
CA CYS C 195 -34.52 -26.98 -8.56
C CYS C 195 -34.30 -25.65 -9.26
N CYS C 196 -33.54 -25.71 -10.36
CA CYS C 196 -32.94 -24.51 -10.93
C CYS C 196 -33.03 -24.59 -12.45
N PRO C 197 -33.90 -23.78 -13.03
CA PRO C 197 -34.31 -24.03 -14.41
C PRO C 197 -33.36 -23.55 -15.51
N GLU C 198 -32.52 -22.53 -15.25
CA GLU C 198 -31.67 -22.00 -16.33
C GLU C 198 -30.72 -23.11 -16.82
N ALA C 199 -30.43 -23.11 -18.11
CA ALA C 199 -29.57 -24.13 -18.69
C ALA C 199 -28.09 -23.78 -18.55
N TYR C 200 -27.31 -24.76 -18.16
CA TYR C 200 -25.87 -24.62 -18.15
C TYR C 200 -25.34 -25.45 -19.31
N GLU C 201 -24.52 -24.84 -20.16
CA GLU C 201 -23.94 -25.59 -21.26
C GLU C 201 -22.69 -26.30 -20.79
N ASP C 202 -22.37 -27.39 -21.46
CA ASP C 202 -21.14 -28.09 -21.18
C ASP C 202 -20.67 -28.83 -22.42
N VAL C 203 -19.41 -29.22 -22.40
CA VAL C 203 -18.91 -30.17 -23.37
C VAL C 203 -18.91 -31.55 -22.72
N GLU C 204 -19.48 -32.52 -23.42
CA GLU C 204 -19.47 -33.89 -22.95
C GLU C 204 -18.42 -34.64 -23.74
N VAL C 205 -17.41 -35.13 -23.04
CA VAL C 205 -16.30 -35.81 -23.70
C VAL C 205 -16.46 -37.30 -23.50
N SER C 206 -16.38 -38.08 -24.58
CA SER C 206 -16.46 -39.53 -24.47
C SER C 206 -15.15 -40.16 -24.88
N LEU C 207 -14.57 -40.89 -23.94
CA LEU C 207 -13.27 -41.51 -24.13
C LEU C 207 -13.39 -43.03 -24.31
N ASN C 208 -13.37 -43.48 -25.57
CA ASN C 208 -13.38 -44.91 -25.87
C ASN C 208 -11.97 -45.49 -25.91
N PHE C 209 -11.68 -46.40 -24.98
CA PHE C 209 -10.33 -46.91 -24.75
C PHE C 209 -10.39 -48.34 -24.24
N ARG C 210 -9.24 -49.03 -24.24
CA ARG C 210 -9.21 -50.40 -23.77
C ARG C 210 -7.81 -50.82 -23.35
N LYS C 211 -7.75 -51.86 -22.51
CA LYS C 211 -6.47 -52.43 -22.11
C LYS C 211 -5.79 -53.08 -23.31
N LYS C 212 -4.47 -53.06 -23.33
CA LYS C 212 -3.72 -53.75 -24.38
C LYS C 212 -3.67 -55.25 -24.11
N GLY C 213 -4.19 -56.02 -25.07
CA GLY C 213 -4.42 -57.46 -24.93
C GLY C 213 -3.32 -58.23 -24.22
N ASP D 1 -33.01 -7.68 -14.97
CA ASP D 1 -33.33 -7.79 -16.38
C ASP D 1 -32.38 -8.74 -17.09
N TYR D 2 -32.91 -9.86 -17.57
CA TYR D 2 -32.05 -10.86 -18.20
C TYR D 2 -31.48 -10.36 -19.53
N LYS D 3 -32.18 -9.42 -20.16
CA LYS D 3 -31.67 -8.75 -21.35
C LYS D 3 -30.39 -7.98 -21.06
N ASP D 4 -30.22 -7.51 -19.83
CA ASP D 4 -29.04 -6.74 -19.48
C ASP D 4 -27.97 -7.55 -18.77
N ASP D 5 -28.23 -8.85 -18.58
CA ASP D 5 -27.30 -9.74 -17.89
C ASP D 5 -25.84 -9.66 -18.43
N ASP D 6 -25.67 -9.51 -19.74
CA ASP D 6 -24.32 -9.54 -20.33
C ASP D 6 -23.76 -8.13 -20.59
N ASP D 7 -24.31 -7.14 -19.89
CA ASP D 7 -23.69 -5.82 -19.87
C ASP D 7 -22.44 -5.85 -18.97
N LYS D 8 -21.26 -5.85 -19.57
CA LYS D 8 -20.01 -6.06 -18.84
C LYS D 8 -19.76 -5.00 -17.76
N LEU D 9 -19.93 -3.73 -18.10
CA LEU D 9 -19.67 -2.67 -17.14
C LEU D 9 -20.70 -2.73 -16.00
N ASP D 10 -21.93 -3.09 -16.34
CA ASP D 10 -22.96 -3.32 -15.33
C ASP D 10 -22.48 -4.38 -14.35
N ARG D 11 -21.98 -5.49 -14.88
CA ARG D 11 -21.53 -6.56 -14.00
C ARG D 11 -20.35 -6.10 -13.15
N ALA D 12 -19.42 -5.39 -13.76
CA ALA D 12 -18.24 -4.92 -13.05
C ALA D 12 -18.62 -3.95 -11.92
N ASP D 13 -19.62 -3.13 -12.15
CA ASP D 13 -20.07 -2.17 -11.16
C ASP D 13 -20.80 -2.85 -9.98
N ILE D 14 -21.59 -3.86 -10.27
CA ILE D 14 -22.25 -4.67 -9.24
C ILE D 14 -21.19 -5.32 -8.35
N LEU D 15 -20.19 -5.93 -8.96
CA LEU D 15 -19.07 -6.53 -8.26
C LEU D 15 -18.35 -5.52 -7.38
N TYR D 16 -18.11 -4.34 -7.92
CA TYR D 16 -17.55 -3.23 -7.15
C TYR D 16 -18.47 -2.87 -5.98
N ASN D 17 -19.76 -2.77 -6.26
CA ASN D 17 -20.72 -2.45 -5.20
C ASN D 17 -20.77 -3.54 -4.12
N ILE D 18 -20.68 -4.79 -4.54
CA ILE D 18 -20.75 -5.90 -3.61
C ILE D 18 -19.53 -5.86 -2.70
N ARG D 19 -18.37 -5.64 -3.29
CA ARG D 19 -17.13 -5.61 -2.51
C ARG D 19 -17.06 -4.42 -1.55
N GLN D 20 -17.64 -3.29 -1.94
CA GLN D 20 -17.67 -2.11 -1.07
C GLN D 20 -18.53 -2.33 0.16
N THR D 21 -19.68 -2.95 -0.05
CA THR D 21 -20.67 -3.17 0.99
C THR D 21 -20.34 -4.38 1.87
N SER D 22 -19.79 -5.40 1.24
CA SER D 22 -19.53 -6.68 1.89
C SER D 22 -18.59 -6.54 3.08
N ARG D 23 -19.00 -7.13 4.19
CA ARG D 23 -18.08 -7.30 5.30
C ARG D 23 -17.88 -8.80 5.47
N PRO D 24 -16.89 -9.38 4.75
CA PRO D 24 -16.72 -10.84 4.71
C PRO D 24 -16.51 -11.48 6.08
N ASP D 25 -16.14 -10.69 7.08
CA ASP D 25 -15.89 -11.25 8.39
C ASP D 25 -17.02 -11.00 9.40
N VAL D 26 -18.08 -10.32 8.98
CA VAL D 26 -19.15 -9.99 9.92
C VAL D 26 -20.45 -10.70 9.53
N ILE D 27 -21.09 -11.41 10.46
CA ILE D 27 -22.36 -12.05 10.11
C ILE D 27 -23.41 -10.98 9.71
N PRO D 28 -24.10 -11.24 8.58
CA PRO D 28 -25.09 -10.32 8.01
C PRO D 28 -26.44 -10.39 8.69
N THR D 29 -26.51 -10.01 9.95
CA THR D 29 -27.76 -10.16 10.71
C THR D 29 -28.72 -9.01 10.51
N GLN D 30 -29.67 -9.20 9.61
CA GLN D 30 -30.79 -8.29 9.42
C GLN D 30 -31.74 -8.34 10.62
N ARG D 31 -32.10 -7.17 11.14
CA ARG D 31 -33.21 -7.01 12.08
C ARG D 31 -33.05 -7.68 13.46
N ASP D 32 -31.86 -7.61 14.05
CA ASP D 32 -31.60 -8.27 15.34
C ASP D 32 -31.97 -9.74 15.31
N ARG D 33 -31.83 -10.36 14.13
CA ARG D 33 -32.25 -11.74 13.96
C ARG D 33 -31.10 -12.61 13.48
N PRO D 34 -31.10 -13.89 13.87
CA PRO D 34 -30.02 -14.78 13.39
C PRO D 34 -30.05 -14.86 11.88
N VAL D 35 -28.88 -15.01 11.27
CA VAL D 35 -28.79 -15.23 9.83
C VAL D 35 -29.37 -16.60 9.52
N ALA D 36 -30.35 -16.68 8.65
CA ALA D 36 -30.89 -17.98 8.31
C ALA D 36 -30.12 -18.58 7.15
N VAL D 37 -29.51 -19.73 7.40
CA VAL D 37 -28.71 -20.39 6.40
C VAL D 37 -29.40 -21.66 5.97
N SER D 38 -29.78 -21.73 4.70
CA SER D 38 -30.45 -22.91 4.19
C SER D 38 -29.43 -23.82 3.55
N VAL D 39 -29.44 -25.08 3.95
CA VAL D 39 -28.50 -26.04 3.37
C VAL D 39 -29.17 -27.34 3.02
N SER D 40 -28.65 -28.00 1.98
CA SER D 40 -29.07 -29.34 1.66
C SER D 40 -28.02 -29.97 0.78
N LEU D 41 -27.65 -31.22 1.08
CA LEU D 41 -26.61 -31.90 0.31
C LEU D 41 -27.25 -32.68 -0.83
N LYS D 42 -26.54 -32.73 -1.95
CA LYS D 42 -26.86 -33.65 -3.03
C LYS D 42 -25.64 -34.53 -3.22
N PHE D 43 -25.78 -35.79 -2.81
CA PHE D 43 -24.74 -36.78 -2.96
C PHE D 43 -24.56 -37.15 -4.41
N ILE D 44 -23.29 -37.12 -4.82
CA ILE D 44 -22.92 -37.39 -6.18
C ILE D 44 -22.34 -38.80 -6.25
N ASN D 45 -21.53 -39.14 -5.25
CA ASN D 45 -20.97 -40.48 -5.21
C ASN D 45 -20.57 -40.93 -3.81
N ILE D 46 -20.43 -42.25 -3.70
CA ILE D 46 -19.96 -42.90 -2.50
C ILE D 46 -18.82 -43.77 -2.96
N LEU D 47 -17.63 -43.47 -2.47
CA LEU D 47 -16.41 -44.01 -3.06
C LEU D 47 -15.84 -45.12 -2.22
N GLU D 48 -14.64 -44.92 -1.69
CA GLU D 48 -13.94 -45.96 -0.95
C GLU D 48 -14.56 -46.21 0.43
N VAL D 49 -15.51 -47.13 0.51
CA VAL D 49 -16.03 -47.50 1.83
C VAL D 49 -15.23 -48.67 2.38
N ASN D 50 -14.78 -48.50 3.61
CA ASN D 50 -13.98 -49.52 4.27
C ASN D 50 -14.71 -50.03 5.50
N GLU D 51 -15.10 -51.30 5.46
CA GLU D 51 -15.82 -51.89 6.58
C GLU D 51 -14.88 -52.39 7.67
N ILE D 52 -13.59 -52.41 7.37
CA ILE D 52 -12.59 -52.81 8.35
C ILE D 52 -12.20 -51.57 9.21
N THR D 53 -12.51 -50.37 8.73
CA THR D 53 -12.25 -49.15 9.49
C THR D 53 -13.52 -48.31 9.79
N ASN D 54 -14.64 -48.66 9.15
CA ASN D 54 -15.90 -47.90 9.24
C ASN D 54 -15.80 -46.46 8.70
N GLU D 55 -15.09 -46.32 7.58
CA GLU D 55 -14.89 -45.04 6.95
C GLU D 55 -15.47 -45.02 5.55
N VAL D 56 -16.10 -43.92 5.15
CA VAL D 56 -16.50 -43.80 3.76
C VAL D 56 -16.08 -42.45 3.17
N ASP D 57 -15.83 -42.49 1.86
CA ASP D 57 -15.61 -41.30 1.07
C ASP D 57 -16.90 -40.89 0.37
N VAL D 58 -17.36 -39.67 0.63
CA VAL D 58 -18.50 -39.15 -0.12
C VAL D 58 -18.12 -37.93 -0.97
N VAL D 59 -18.83 -37.79 -2.08
CA VAL D 59 -18.81 -36.56 -2.85
C VAL D 59 -20.22 -36.00 -2.81
N PHE D 60 -20.37 -34.73 -2.45
CA PHE D 60 -21.68 -34.09 -2.47
C PHE D 60 -21.65 -32.62 -2.90
N TRP D 61 -22.77 -32.16 -3.43
CA TRP D 61 -22.93 -30.75 -3.75
C TRP D 61 -23.61 -30.12 -2.54
N GLN D 62 -22.94 -29.15 -1.91
CA GLN D 62 -23.49 -28.50 -0.72
C GLN D 62 -24.31 -27.26 -1.10
N GLN D 63 -25.60 -27.46 -1.37
CA GLN D 63 -26.46 -26.34 -1.74
C GLN D 63 -26.66 -25.44 -0.53
N THR D 64 -26.20 -24.20 -0.64
CA THR D 64 -26.19 -23.30 0.49
C THR D 64 -26.68 -21.93 0.06
N THR D 65 -27.58 -21.33 0.82
CA THR D 65 -28.08 -20.01 0.48
C THR D 65 -28.46 -19.28 1.75
N TRP D 66 -28.32 -17.96 1.68
CA TRP D 66 -28.76 -17.05 2.74
C TRP D 66 -29.04 -15.71 2.09
N SER D 67 -29.51 -14.76 2.89
CA SER D 67 -29.77 -13.41 2.42
C SER D 67 -28.80 -12.38 3.01
N ASP D 68 -28.41 -11.41 2.20
CA ASP D 68 -27.80 -10.17 2.69
C ASP D 68 -28.44 -9.04 1.91
N ARG D 69 -29.44 -8.43 2.52
CA ARG D 69 -30.19 -7.39 1.83
C ARG D 69 -29.32 -6.17 1.52
N THR D 70 -28.28 -5.93 2.30
CA THR D 70 -27.41 -4.79 2.01
C THR D 70 -26.73 -4.98 0.64
N LEU D 71 -26.74 -6.20 0.13
CA LEU D 71 -26.14 -6.47 -1.17
C LEU D 71 -27.13 -6.23 -2.33
N ALA D 72 -28.41 -6.09 -2.01
CA ALA D 72 -29.44 -5.92 -3.04
C ALA D 72 -29.22 -4.69 -3.91
N TRP D 73 -29.52 -4.79 -5.21
CA TRP D 73 -29.59 -3.59 -6.06
C TRP D 73 -30.79 -3.65 -7.02
N ASN D 74 -31.02 -2.53 -7.68
CA ASN D 74 -32.07 -2.36 -8.69
C ASN D 74 -31.70 -2.97 -10.03
N SER D 75 -32.36 -4.05 -10.41
CA SER D 75 -32.02 -4.74 -11.64
C SER D 75 -33.07 -4.56 -12.74
N SER D 76 -33.84 -3.47 -12.66
CA SER D 76 -34.74 -3.07 -13.75
C SER D 76 -34.01 -3.03 -15.08
N HIS D 77 -32.77 -2.55 -15.05
CA HIS D 77 -32.00 -2.44 -16.28
C HIS D 77 -30.54 -2.85 -16.10
N SER D 78 -30.34 -3.89 -15.29
CA SER D 78 -29.00 -4.44 -15.06
C SER D 78 -29.11 -5.95 -14.86
N PRO D 79 -27.95 -6.66 -14.81
CA PRO D 79 -27.99 -8.10 -14.54
C PRO D 79 -28.82 -8.49 -13.32
N ASP D 80 -29.50 -9.62 -13.41
CA ASP D 80 -30.21 -10.12 -12.23
C ASP D 80 -29.24 -10.72 -11.22
N GLN D 81 -28.12 -11.23 -11.70
CA GLN D 81 -27.15 -11.95 -10.88
C GLN D 81 -25.75 -11.81 -11.42
N VAL D 82 -24.77 -11.87 -10.53
CA VAL D 82 -23.36 -12.02 -10.89
C VAL D 82 -22.69 -13.07 -10.01
N SER D 83 -21.64 -13.70 -10.55
CA SER D 83 -20.73 -14.55 -9.79
C SER D 83 -19.68 -13.72 -9.04
N VAL D 84 -19.31 -14.18 -7.85
CA VAL D 84 -18.42 -13.42 -6.97
C VAL D 84 -17.52 -14.40 -6.22
N PRO D 85 -16.20 -14.19 -6.25
CA PRO D 85 -15.33 -15.02 -5.41
C PRO D 85 -15.78 -14.94 -3.96
N ILE D 86 -15.84 -16.07 -3.27
CA ILE D 86 -16.32 -16.09 -1.89
C ILE D 86 -15.39 -15.36 -0.92
N SER D 87 -14.13 -15.19 -1.30
CA SER D 87 -13.23 -14.34 -0.52
C SER D 87 -13.72 -12.88 -0.44
N SER D 88 -14.61 -12.48 -1.35
CA SER D 88 -15.17 -11.13 -1.27
C SER D 88 -16.50 -11.08 -0.48
N LEU D 89 -16.96 -12.25 -0.04
CA LEU D 89 -18.25 -12.36 0.64
C LEU D 89 -18.14 -12.97 2.02
N TRP D 90 -19.06 -12.60 2.90
CA TRP D 90 -19.26 -13.40 4.09
C TRP D 90 -19.89 -14.67 3.60
N VAL D 91 -19.43 -15.77 4.18
CA VAL D 91 -19.93 -17.10 3.93
C VAL D 91 -20.05 -17.74 5.31
N PRO D 92 -21.12 -18.51 5.56
CA PRO D 92 -21.24 -19.14 6.88
C PRO D 92 -20.09 -20.11 7.16
N ASP D 93 -19.64 -20.17 8.43
CA ASP D 93 -18.52 -21.02 8.80
C ASP D 93 -18.98 -22.47 9.07
N LEU D 94 -19.61 -23.07 8.06
CA LEU D 94 -20.13 -24.40 8.21
C LEU D 94 -19.01 -25.43 8.36
N ALA D 95 -19.26 -26.46 9.15
CA ALA D 95 -18.32 -27.57 9.24
C ALA D 95 -19.08 -28.87 9.46
N ALA D 96 -18.51 -29.95 8.93
CA ALA D 96 -18.99 -31.28 9.29
C ALA D 96 -18.36 -31.63 10.62
N TYR D 97 -19.14 -31.53 11.69
CA TYR D 97 -18.66 -31.72 13.06
C TYR D 97 -17.93 -33.04 13.24
N ASN D 98 -18.46 -34.09 12.62
CA ASN D 98 -17.93 -35.42 12.81
C ASN D 98 -17.07 -35.89 11.65
N ALA D 99 -16.63 -34.96 10.79
CA ALA D 99 -15.77 -35.37 9.70
C ALA D 99 -14.41 -35.88 10.22
N ILE D 100 -13.71 -36.67 9.41
CA ILE D 100 -12.42 -37.21 9.80
C ILE D 100 -11.34 -36.86 8.77
N SER D 101 -11.67 -35.96 7.86
CA SER D 101 -10.75 -35.55 6.82
C SER D 101 -11.13 -34.13 6.40
N LYS D 102 -10.23 -33.44 5.70
CA LYS D 102 -10.52 -32.07 5.29
C LYS D 102 -11.61 -32.08 4.23
N PRO D 103 -12.44 -31.05 4.21
CA PRO D 103 -13.28 -30.87 3.02
C PRO D 103 -12.39 -30.62 1.79
N GLU D 104 -12.42 -31.51 0.81
CA GLU D 104 -11.66 -31.28 -0.43
C GLU D 104 -12.62 -30.60 -1.43
N VAL D 105 -12.46 -29.31 -1.66
CA VAL D 105 -13.40 -28.61 -2.55
C VAL D 105 -12.98 -28.82 -3.99
N LEU D 106 -13.90 -29.29 -4.82
CA LEU D 106 -13.51 -29.70 -6.15
C LEU D 106 -13.90 -28.69 -7.22
N THR D 107 -14.48 -27.57 -6.82
CA THR D 107 -15.08 -26.63 -7.76
C THR D 107 -14.58 -25.20 -7.57
N PRO D 108 -14.78 -24.33 -8.58
CA PRO D 108 -14.34 -22.94 -8.45
C PRO D 108 -15.03 -22.30 -7.26
N GLN D 109 -14.28 -21.61 -6.41
CA GLN D 109 -14.84 -21.09 -5.18
C GLN D 109 -15.54 -19.73 -5.37
N LEU D 110 -16.69 -19.81 -6.03
CA LEU D 110 -17.53 -18.69 -6.42
C LEU D 110 -18.97 -18.84 -5.92
N ALA D 111 -19.60 -17.73 -5.52
CA ALA D 111 -21.02 -17.76 -5.23
C ALA D 111 -21.79 -16.96 -6.27
N ARG D 112 -23.12 -17.07 -6.22
CA ARG D 112 -23.99 -16.19 -7.00
C ARG D 112 -24.67 -15.23 -6.06
N VAL D 113 -24.54 -13.94 -6.35
CA VAL D 113 -25.30 -12.93 -5.63
C VAL D 113 -26.44 -12.45 -6.53
N VAL D 114 -27.66 -12.64 -6.05
CA VAL D 114 -28.86 -12.24 -6.77
C VAL D 114 -29.22 -10.82 -6.39
N SER D 115 -29.83 -10.07 -7.31
CA SER D 115 -30.11 -8.64 -7.10
C SER D 115 -31.01 -8.35 -5.89
N ASP D 116 -31.63 -9.38 -5.32
CA ASP D 116 -32.45 -9.17 -4.12
C ASP D 116 -31.69 -9.37 -2.82
N GLY D 117 -30.39 -9.68 -2.92
CA GLY D 117 -29.59 -9.92 -1.75
C GLY D 117 -29.41 -11.39 -1.39
N GLU D 118 -30.03 -12.28 -2.16
CA GLU D 118 -29.85 -13.71 -1.94
CA GLU D 118 -29.84 -13.71 -1.93
C GLU D 118 -28.48 -14.16 -2.44
N VAL D 119 -27.83 -15.00 -1.65
CA VAL D 119 -26.54 -15.54 -2.04
C VAL D 119 -26.67 -17.03 -2.24
N LEU D 120 -26.13 -17.53 -3.36
CA LEU D 120 -26.13 -18.98 -3.58
C LEU D 120 -24.71 -19.48 -3.75
N TYR D 121 -24.41 -20.54 -3.03
CA TYR D 121 -23.07 -21.12 -2.94
C TYR D 121 -23.23 -22.64 -2.93
N MET D 122 -22.64 -23.30 -3.91
CA MET D 122 -22.74 -24.75 -4.00
C MET D 122 -21.40 -25.42 -4.36
N PRO D 123 -20.51 -25.55 -3.37
CA PRO D 123 -19.26 -26.31 -3.59
C PRO D 123 -19.50 -27.81 -3.76
N SER D 124 -18.75 -28.42 -4.68
CA SER D 124 -18.64 -29.87 -4.72
C SER D 124 -17.51 -30.30 -3.78
N ILE D 125 -17.86 -31.17 -2.84
CA ILE D 125 -16.94 -31.57 -1.79
C ILE D 125 -16.74 -33.09 -1.66
N ARG D 126 -15.47 -33.50 -1.61
CA ARG D 126 -15.12 -34.85 -1.20
C ARG D 126 -14.61 -34.82 0.24
N GLN D 127 -15.11 -35.73 1.07
CA GLN D 127 -14.75 -35.75 2.49
C GLN D 127 -14.99 -37.14 3.07
N ARG D 128 -14.19 -37.52 4.07
CA ARG D 128 -14.32 -38.82 4.73
C ARG D 128 -15.06 -38.71 6.04
N PHE D 129 -15.94 -39.68 6.29
CA PHE D 129 -16.65 -39.75 7.55
C PHE D 129 -16.52 -41.14 8.17
N SER D 130 -16.84 -41.21 9.46
CA SER D 130 -16.95 -42.48 10.16
C SER D 130 -18.38 -42.93 10.11
N CYS D 131 -18.62 -44.09 9.52
CA CYS D 131 -19.98 -44.54 9.30
C CYS D 131 -20.22 -45.95 9.79
N ASP D 132 -21.48 -46.27 10.00
CA ASP D 132 -21.88 -47.65 10.27
C ASP D 132 -22.04 -48.36 8.95
N VAL D 133 -20.98 -49.04 8.52
CA VAL D 133 -20.97 -49.61 7.19
C VAL D 133 -21.00 -51.15 7.25
N SER D 134 -21.52 -51.67 8.36
CA SER D 134 -21.55 -53.10 8.60
C SER D 134 -22.44 -53.88 7.64
N GLY D 135 -23.67 -53.40 7.44
CA GLY D 135 -24.64 -54.10 6.62
C GLY D 135 -24.69 -53.60 5.18
N VAL D 136 -23.59 -53.00 4.73
CA VAL D 136 -23.55 -52.37 3.41
C VAL D 136 -23.76 -53.38 2.28
N ASP D 137 -23.36 -54.63 2.54
CA ASP D 137 -23.51 -55.70 1.57
C ASP D 137 -24.82 -56.44 1.76
N THR D 138 -25.61 -56.02 2.75
CA THR D 138 -26.92 -56.61 2.99
C THR D 138 -28.01 -55.71 2.42
N GLU D 139 -29.25 -56.20 2.41
CA GLU D 139 -30.37 -55.48 1.81
C GLU D 139 -30.80 -54.27 2.67
N SER D 140 -30.31 -54.23 3.91
CA SER D 140 -30.67 -53.16 4.82
C SER D 140 -29.64 -52.02 4.78
N GLY D 141 -28.53 -52.24 4.08
CA GLY D 141 -27.57 -51.20 3.82
C GLY D 141 -26.84 -50.66 5.04
N ALA D 142 -26.18 -49.53 4.81
CA ALA D 142 -25.37 -48.86 5.81
C ALA D 142 -25.89 -47.45 6.06
N THR D 143 -25.43 -46.82 7.15
CA THR D 143 -25.86 -45.44 7.40
C THR D 143 -24.68 -44.53 7.74
N CYS D 144 -24.63 -43.39 7.06
CA CYS D 144 -23.76 -42.32 7.51
C CYS D 144 -24.59 -41.23 8.12
N ARG D 145 -24.09 -40.71 9.23
CA ARG D 145 -24.67 -39.54 9.82
C ARG D 145 -23.67 -38.44 9.71
N ILE D 146 -23.97 -37.48 8.85
CA ILE D 146 -23.13 -36.31 8.68
C ILE D 146 -23.78 -35.14 9.38
N LYS D 147 -23.08 -34.51 10.33
CA LYS D 147 -23.63 -33.31 10.95
C LYS D 147 -22.92 -32.02 10.54
N ILE D 148 -23.69 -31.10 9.99
CA ILE D 148 -23.15 -29.88 9.46
C ILE D 148 -23.80 -28.68 10.12
N GLY D 149 -22.99 -27.83 10.74
CA GLY D 149 -23.46 -26.58 11.31
C GLY D 149 -22.37 -25.53 11.38
N SER D 150 -22.71 -24.37 11.95
CA SER D 150 -21.73 -23.31 12.13
C SER D 150 -20.69 -23.79 13.12
N TRP D 151 -19.41 -23.48 12.88
CA TRP D 151 -18.38 -23.93 13.79
C TRP D 151 -18.27 -23.03 15.02
N THR D 152 -18.62 -21.75 14.88
CA THR D 152 -18.40 -20.82 15.98
C THR D 152 -19.59 -19.93 16.28
N HIS D 153 -20.66 -20.02 15.51
CA HIS D 153 -21.82 -19.19 15.81
C HIS D 153 -22.94 -20.05 16.39
N HIS D 154 -23.43 -19.68 17.57
CA HIS D 154 -24.54 -20.37 18.22
C HIS D 154 -25.87 -19.85 17.64
N SER D 155 -26.95 -20.50 18.06
CA SER D 155 -28.26 -20.35 17.39
C SER D 155 -28.90 -18.96 17.40
N ARG D 156 -28.50 -18.06 18.30
CA ARG D 156 -28.91 -16.66 18.21
C ARG D 156 -28.32 -15.93 17.01
N GLU D 157 -27.17 -16.42 16.52
CA GLU D 157 -26.40 -15.75 15.48
C GLU D 157 -26.62 -16.37 14.11
N ILE D 158 -26.55 -17.68 14.05
CA ILE D 158 -26.79 -18.39 12.81
C ILE D 158 -27.83 -19.50 13.02
N SER D 159 -28.88 -19.46 12.22
CA SER D 159 -29.83 -20.57 12.24
C SER D 159 -29.62 -21.43 10.99
N VAL D 160 -29.56 -22.74 11.17
CA VAL D 160 -29.33 -23.65 10.06
C VAL D 160 -30.61 -24.42 9.73
N ASP D 161 -31.05 -24.29 8.48
CA ASP D 161 -32.35 -24.82 8.06
C ASP D 161 -32.21 -25.78 6.89
N PRO D 162 -32.50 -27.06 7.13
CA PRO D 162 -32.32 -28.16 6.19
C PRO D 162 -33.49 -28.35 5.25
N THR D 163 -33.25 -28.95 4.10
CA THR D 163 -34.30 -29.33 3.16
C THR D 163 -34.12 -30.79 2.71
N THR D 164 -34.97 -31.70 3.22
CA THR D 164 -34.98 -33.08 2.72
C THR D 164 -35.80 -33.16 1.43
N GLU D 165 -35.19 -33.63 0.35
CA GLU D 165 -35.90 -33.80 -0.94
C GLU D 165 -35.25 -34.88 -1.80
N ASN D 166 -35.87 -36.06 -1.85
CA ASN D 166 -35.26 -37.19 -2.52
C ASN D 166 -35.65 -37.38 -3.99
N SER D 167 -36.67 -36.67 -4.43
CA SER D 167 -37.18 -36.85 -5.79
C SER D 167 -36.06 -36.66 -6.83
N ASP D 168 -35.31 -35.57 -6.69
CA ASP D 168 -34.29 -35.21 -7.68
C ASP D 168 -32.92 -35.87 -7.48
N ASP D 169 -32.81 -36.80 -6.53
CA ASP D 169 -31.55 -37.52 -6.29
C ASP D 169 -30.95 -38.05 -7.58
N SER D 170 -31.84 -38.46 -8.48
CA SER D 170 -31.54 -39.07 -9.76
C SER D 170 -30.69 -38.15 -10.60
N GLU D 171 -30.96 -36.85 -10.46
CA GLU D 171 -30.28 -35.84 -11.23
C GLU D 171 -28.82 -35.70 -10.80
N TYR D 172 -28.47 -36.25 -9.64
CA TYR D 172 -27.19 -35.95 -9.02
C TYR D 172 -26.30 -37.15 -8.78
N PHE D 173 -26.86 -38.23 -8.25
CA PHE D 173 -26.05 -39.37 -7.87
C PHE D 173 -25.54 -40.07 -9.13
N SER D 174 -24.25 -40.36 -9.17
CA SER D 174 -23.68 -41.01 -10.33
C SER D 174 -24.34 -42.37 -10.58
N GLN D 175 -24.62 -42.66 -11.83
CA GLN D 175 -25.20 -43.95 -12.17
C GLN D 175 -24.13 -45.04 -12.24
N TYR D 176 -22.86 -44.66 -12.13
CA TYR D 176 -21.79 -45.64 -12.18
C TYR D 176 -21.22 -45.99 -10.79
N SER D 177 -21.94 -45.59 -9.75
CA SER D 177 -21.54 -45.90 -8.38
C SER D 177 -21.63 -47.37 -8.04
N ARG D 178 -20.75 -47.82 -7.15
CA ARG D 178 -20.81 -49.16 -6.56
C ARG D 178 -21.99 -49.28 -5.63
N PHE D 179 -22.70 -48.17 -5.44
CA PHE D 179 -23.72 -48.10 -4.41
C PHE D 179 -24.97 -47.40 -4.91
N GLU D 180 -26.06 -47.61 -4.19
CA GLU D 180 -27.34 -46.98 -4.45
C GLU D 180 -27.84 -46.41 -3.14
N ILE D 181 -28.73 -45.43 -3.24
CA ILE D 181 -29.21 -44.72 -2.06
C ILE D 181 -30.60 -45.21 -1.67
N LEU D 182 -30.69 -45.78 -0.48
CA LEU D 182 -31.99 -46.22 0.03
C LEU D 182 -32.82 -45.01 0.41
N ASP D 183 -32.14 -43.99 0.92
CA ASP D 183 -32.82 -42.92 1.64
C ASP D 183 -31.86 -41.82 2.11
N VAL D 184 -32.19 -40.55 1.84
CA VAL D 184 -31.50 -39.42 2.49
C VAL D 184 -32.47 -38.56 3.30
N THR D 185 -32.22 -38.37 4.59
CA THR D 185 -32.95 -37.35 5.35
C THR D 185 -32.00 -36.27 5.85
N GLN D 186 -32.51 -35.05 5.85
CA GLN D 186 -31.72 -33.91 6.28
C GLN D 186 -32.56 -33.17 7.30
N LYS D 187 -32.24 -33.36 8.56
CA LYS D 187 -33.09 -32.90 9.63
C LYS D 187 -32.43 -31.84 10.49
N LYS D 188 -33.20 -30.83 10.87
CA LYS D 188 -32.75 -29.79 11.77
C LYS D 188 -32.48 -30.35 13.16
N ASN D 189 -31.36 -29.94 13.73
CA ASN D 189 -30.90 -30.48 14.98
C ASN D 189 -30.26 -29.39 15.81
N SER D 190 -30.16 -29.61 17.09
CA SER D 190 -29.54 -28.65 17.97
C SER D 190 -28.51 -29.37 18.82
N VAL D 191 -27.33 -28.79 18.94
CA VAL D 191 -26.26 -29.43 19.67
C VAL D 191 -25.87 -28.59 20.90
N THR D 192 -25.74 -29.27 22.04
CA THR D 192 -25.23 -28.65 23.26
CA THR D 192 -25.19 -28.64 23.24
C THR D 192 -24.19 -29.59 23.85
N TYR D 193 -23.29 -29.06 24.66
CA TYR D 193 -22.31 -29.89 25.34
C TYR D 193 -22.30 -29.52 26.81
N SER D 194 -21.81 -30.44 27.65
CA SER D 194 -21.77 -30.27 29.10
C SER D 194 -21.04 -29.00 29.50
N CYS D 195 -19.91 -28.75 28.84
CA CYS D 195 -19.11 -27.56 29.11
C CYS D 195 -19.84 -26.27 28.72
N CYS D 196 -20.64 -26.33 27.67
CA CYS D 196 -21.04 -25.13 26.94
C CYS D 196 -22.51 -25.17 26.61
N PRO D 197 -23.31 -24.42 27.36
CA PRO D 197 -24.77 -24.58 27.35
C PRO D 197 -25.47 -23.99 26.12
N GLU D 198 -24.84 -23.07 25.39
CA GLU D 198 -25.52 -22.45 24.25
C GLU D 198 -25.78 -23.47 23.15
N ALA D 199 -26.92 -23.34 22.48
CA ALA D 199 -27.26 -24.28 21.41
C ALA D 199 -26.64 -23.91 20.07
N TYR D 200 -26.06 -24.90 19.40
CA TYR D 200 -25.61 -24.77 18.02
C TYR D 200 -26.54 -25.55 17.09
N GLU D 201 -27.13 -24.86 16.11
CA GLU D 201 -28.02 -25.52 15.16
C GLU D 201 -27.20 -26.23 14.11
N ASP D 202 -27.67 -27.38 13.68
CA ASP D 202 -26.99 -28.10 12.63
C ASP D 202 -28.00 -28.86 11.78
N VAL D 203 -27.59 -29.27 10.58
CA VAL D 203 -28.37 -30.22 9.81
C VAL D 203 -27.83 -31.61 10.04
N GLU D 204 -28.71 -32.53 10.42
CA GLU D 204 -28.27 -33.90 10.51
C GLU D 204 -28.65 -34.60 9.22
N VAL D 205 -27.66 -35.06 8.48
CA VAL D 205 -27.89 -35.67 7.18
C VAL D 205 -27.67 -37.18 7.28
N SER D 206 -28.73 -37.96 7.04
CA SER D 206 -28.59 -39.41 7.16
C SER D 206 -28.54 -40.03 5.78
N LEU D 207 -27.44 -40.71 5.50
CA LEU D 207 -27.27 -41.37 4.23
C LEU D 207 -27.37 -42.88 4.43
N ASN D 208 -28.45 -43.42 3.91
CA ASN D 208 -28.71 -44.86 3.95
C ASN D 208 -28.49 -45.43 2.55
N PHE D 209 -27.57 -46.38 2.44
CA PHE D 209 -27.09 -46.84 1.15
C PHE D 209 -26.55 -48.25 1.22
N ARG D 210 -26.43 -48.91 0.09
CA ARG D 210 -25.87 -50.25 0.05
C ARG D 210 -25.24 -50.57 -1.29
N LYS D 211 -24.40 -51.59 -1.31
CA LYS D 211 -23.81 -52.09 -2.54
C LYS D 211 -24.93 -52.54 -3.46
N LYS D 212 -24.80 -52.23 -4.75
CA LYS D 212 -25.74 -52.73 -5.75
C LYS D 212 -25.61 -54.24 -5.88
N GLY D 213 -26.74 -54.92 -6.09
CA GLY D 213 -26.75 -56.36 -6.23
C GLY D 213 -27.66 -57.02 -5.21
N ASP E 1 -24.67 -7.68 26.23
CA ASP E 1 -26.14 -7.73 26.19
C ASP E 1 -26.56 -8.67 25.08
N TYR E 2 -27.05 -9.85 25.44
CA TYR E 2 -27.35 -10.86 24.43
C TYR E 2 -28.46 -10.40 23.46
N LYS E 3 -29.28 -9.44 23.88
CA LYS E 3 -30.31 -8.90 23.00
C LYS E 3 -29.70 -8.07 21.86
N ASP E 4 -28.45 -7.63 22.05
CA ASP E 4 -27.75 -6.82 21.07
C ASP E 4 -26.77 -7.64 20.22
N ASP E 5 -26.67 -8.93 20.54
CA ASP E 5 -25.78 -9.88 19.87
C ASP E 5 -25.83 -9.77 18.35
N ASP E 6 -27.01 -9.45 17.83
CA ASP E 6 -27.19 -9.43 16.39
C ASP E 6 -27.11 -8.03 15.77
N ASP E 7 -26.68 -7.05 16.54
CA ASP E 7 -26.51 -5.70 16.00
C ASP E 7 -25.27 -5.74 15.11
N LYS E 8 -25.49 -5.74 13.80
CA LYS E 8 -24.40 -6.00 12.85
C LYS E 8 -23.29 -4.95 12.95
N LEU E 9 -23.67 -3.69 13.04
CA LEU E 9 -22.69 -2.61 13.11
C LEU E 9 -21.88 -2.71 14.40
N ASP E 10 -22.55 -3.09 15.47
CA ASP E 10 -21.87 -3.35 16.73
C ASP E 10 -20.79 -4.42 16.54
N ARG E 11 -21.16 -5.53 15.92
CA ARG E 11 -20.22 -6.59 15.67
C ARG E 11 -19.03 -6.08 14.83
N ALA E 12 -19.34 -5.41 13.73
CA ALA E 12 -18.29 -4.90 12.84
C ALA E 12 -17.33 -3.97 13.58
N ASP E 13 -17.88 -3.19 14.50
CA ASP E 13 -17.09 -2.27 15.31
C ASP E 13 -16.21 -2.98 16.32
N ILE E 14 -16.76 -4.01 16.95
CA ILE E 14 -15.98 -4.82 17.88
C ILE E 14 -14.79 -5.43 17.16
N LEU E 15 -15.04 -6.00 15.99
CA LEU E 15 -14.01 -6.65 15.19
C LEU E 15 -12.93 -5.65 14.78
N TYR E 16 -13.35 -4.48 14.34
CA TYR E 16 -12.39 -3.42 14.04
C TYR E 16 -11.56 -3.07 15.29
N ASN E 17 -12.23 -2.95 16.45
CA ASN E 17 -11.52 -2.64 17.69
C ASN E 17 -10.50 -3.73 18.00
N ILE E 18 -10.95 -4.99 17.97
CA ILE E 18 -10.06 -6.11 18.22
C ILE E 18 -8.85 -6.09 17.30
N ARG E 19 -9.07 -5.81 16.02
CA ARG E 19 -7.95 -5.73 15.06
C ARG E 19 -7.00 -4.57 15.32
N GLN E 20 -7.49 -3.44 15.81
CA GLN E 20 -6.60 -2.32 16.07
C GLN E 20 -5.69 -2.64 17.25
N THR E 21 -6.26 -3.30 18.25
CA THR E 21 -5.60 -3.58 19.52
C THR E 21 -4.69 -4.80 19.49
N SER E 22 -5.09 -5.78 18.70
CA SER E 22 -4.44 -7.08 18.71
C SER E 22 -3.03 -7.04 18.17
N ARG E 23 -2.14 -7.68 18.90
CA ARG E 23 -0.77 -7.92 18.48
C ARG E 23 -0.60 -9.44 18.27
N PRO E 24 -0.92 -9.92 17.06
CA PRO E 24 -0.95 -11.36 16.77
C PRO E 24 0.35 -12.07 17.05
N ASP E 25 1.47 -11.34 17.04
CA ASP E 25 2.77 -12.01 17.19
C ASP E 25 3.38 -11.84 18.59
N VAL E 26 2.67 -11.16 19.47
CA VAL E 26 3.22 -10.87 20.79
C VAL E 26 2.39 -11.60 21.84
N ILE E 27 3.05 -12.28 22.76
CA ILE E 27 2.31 -12.95 23.83
C ILE E 27 1.63 -11.91 24.70
N PRO E 28 0.34 -12.14 25.00
CA PRO E 28 -0.50 -11.24 25.79
C PRO E 28 -0.31 -11.45 27.28
N THR E 29 0.92 -11.27 27.77
CA THR E 29 1.18 -11.41 29.19
C THR E 29 0.61 -10.23 29.97
N GLN E 30 -0.10 -10.53 31.04
CA GLN E 30 -0.73 -9.51 31.86
C GLN E 30 -0.08 -9.44 33.23
N ARG E 31 0.10 -8.22 33.73
CA ARG E 31 0.72 -8.00 35.04
C ARG E 31 2.11 -8.62 35.12
N ASP E 32 2.82 -8.67 33.99
CA ASP E 32 4.14 -9.30 33.91
C ASP E 32 4.10 -10.70 34.53
N ARG E 33 3.16 -11.50 34.03
CA ARG E 33 2.97 -12.88 34.45
C ARG E 33 2.82 -13.72 33.19
N PRO E 34 3.09 -15.04 33.28
CA PRO E 34 2.93 -15.88 32.08
C PRO E 34 1.49 -15.96 31.60
N VAL E 35 1.32 -16.17 30.30
CA VAL E 35 -0.01 -16.39 29.75
C VAL E 35 -0.50 -17.77 30.19
N ALA E 36 -1.63 -17.80 30.88
CA ALA E 36 -2.25 -19.07 31.24
C ALA E 36 -3.09 -19.60 30.08
N VAL E 37 -2.68 -20.72 29.51
CA VAL E 37 -3.41 -21.40 28.45
C VAL E 37 -4.00 -22.72 28.94
N SER E 38 -5.32 -22.78 28.98
CA SER E 38 -6.02 -24.02 29.32
C SER E 38 -6.29 -24.81 28.05
N VAL E 39 -5.95 -26.10 28.10
CA VAL E 39 -6.12 -26.98 26.96
C VAL E 39 -6.87 -28.23 27.38
N SER E 40 -7.64 -28.78 26.45
CA SER E 40 -8.50 -29.94 26.69
C SER E 40 -8.81 -30.62 25.36
N LEU E 41 -8.38 -31.88 25.21
CA LEU E 41 -8.68 -32.62 23.99
C LEU E 41 -9.94 -33.43 24.16
N LYS E 42 -10.85 -33.32 23.19
CA LYS E 42 -12.03 -34.17 23.13
C LYS E 42 -11.92 -35.02 21.89
N PHE E 43 -11.76 -36.33 22.08
CA PHE E 43 -11.55 -37.21 20.95
C PHE E 43 -12.83 -37.53 20.20
N ILE E 44 -12.75 -37.37 18.88
CA ILE E 44 -13.86 -37.61 17.99
C ILE E 44 -13.80 -39.04 17.40
N ASN E 45 -12.59 -39.47 17.09
CA ASN E 45 -12.42 -40.79 16.54
C ASN E 45 -10.99 -41.28 16.65
N ILE E 46 -10.83 -42.60 16.61
CA ILE E 46 -9.52 -43.24 16.52
C ILE E 46 -9.60 -44.05 15.24
N LEU E 47 -8.77 -43.72 14.25
CA LEU E 47 -8.98 -44.24 12.90
C LEU E 47 -8.22 -45.53 12.62
N GLU E 48 -6.93 -45.54 12.94
CA GLU E 48 -6.14 -46.73 12.77
C GLU E 48 -5.03 -46.71 13.80
N VAL E 49 -4.53 -47.91 14.08
CA VAL E 49 -3.66 -48.16 15.20
C VAL E 49 -2.72 -49.28 14.78
N ASN E 50 -1.45 -49.15 15.12
CA ASN E 50 -0.50 -50.19 14.82
C ASN E 50 0.28 -50.55 16.07
N GLU E 51 0.00 -51.75 16.59
CA GLU E 51 0.58 -52.24 17.83
C GLU E 51 2.05 -52.61 17.62
N ILE E 52 2.39 -52.88 16.36
CA ILE E 52 3.77 -53.18 16.00
C ILE E 52 4.61 -51.88 15.94
N THR E 53 4.13 -50.86 15.25
CA THR E 53 4.93 -49.63 15.13
C THR E 53 4.66 -48.63 16.24
N ASN E 54 3.68 -48.92 17.09
CA ASN E 54 3.23 -47.97 18.13
C ASN E 54 2.83 -46.62 17.54
N GLU E 55 1.83 -46.63 16.67
CA GLU E 55 1.30 -45.42 16.07
C GLU E 55 -0.21 -45.39 16.17
N VAL E 56 -0.77 -44.21 16.33
CA VAL E 56 -2.21 -44.03 16.33
C VAL E 56 -2.55 -42.86 15.41
N ASP E 57 -3.72 -42.95 14.79
CA ASP E 57 -4.22 -41.92 13.93
C ASP E 57 -5.55 -41.48 14.54
N VAL E 58 -5.62 -40.24 15.04
CA VAL E 58 -6.84 -39.79 15.72
C VAL E 58 -7.39 -38.44 15.26
N VAL E 59 -8.66 -38.19 15.57
CA VAL E 59 -9.25 -36.89 15.37
C VAL E 59 -9.72 -36.37 16.72
N PHE E 60 -9.38 -35.11 17.02
CA PHE E 60 -9.80 -34.51 18.29
C PHE E 60 -10.13 -33.02 18.17
N TRP E 61 -11.09 -32.58 18.97
CA TRP E 61 -11.33 -31.16 19.17
C TRP E 61 -10.45 -30.68 20.30
N GLN E 62 -9.55 -29.77 19.98
CA GLN E 62 -8.65 -29.16 20.95
C GLN E 62 -9.27 -27.91 21.60
N GLN E 63 -9.91 -28.11 22.74
CA GLN E 63 -10.47 -26.97 23.47
C GLN E 63 -9.32 -26.13 24.05
N THR E 64 -9.27 -24.87 23.63
CA THR E 64 -8.19 -23.97 24.02
C THR E 64 -8.75 -22.61 24.42
N THR E 65 -8.31 -22.11 25.56
CA THR E 65 -8.74 -20.79 26.03
C THR E 65 -7.58 -20.05 26.68
N TRP E 66 -7.65 -18.73 26.62
CA TRP E 66 -6.73 -17.86 27.34
C TRP E 66 -7.38 -16.50 27.36
N SER E 67 -6.80 -15.57 28.10
CA SER E 67 -7.35 -14.25 28.18
C SER E 67 -6.39 -13.26 27.56
N ASP E 68 -6.97 -12.28 26.88
CA ASP E 68 -6.23 -11.09 26.46
C ASP E 68 -7.10 -9.90 26.86
N ARG E 69 -6.89 -9.40 28.08
CA ARG E 69 -7.74 -8.36 28.66
C ARG E 69 -7.74 -7.07 27.86
N THR E 70 -6.68 -6.82 27.10
CA THR E 70 -6.65 -5.61 26.27
C THR E 70 -7.72 -5.68 25.17
N LEU E 71 -8.29 -6.86 24.94
CA LEU E 71 -9.32 -6.95 23.91
C LEU E 71 -10.69 -6.68 24.48
N ALA E 72 -10.78 -6.54 25.80
CA ALA E 72 -12.08 -6.45 26.48
C ALA E 72 -12.83 -5.19 26.10
N TRP E 73 -14.15 -5.25 26.13
CA TRP E 73 -14.97 -4.05 25.90
C TRP E 73 -16.22 -4.10 26.79
N ASN E 74 -16.90 -2.97 26.95
CA ASN E 74 -18.16 -2.95 27.66
C ASN E 74 -19.31 -3.41 26.76
N SER E 75 -19.97 -4.50 27.18
CA SER E 75 -21.09 -5.07 26.44
C SER E 75 -22.46 -4.80 27.08
N SER E 76 -22.58 -3.70 27.84
CA SER E 76 -23.86 -3.27 28.41
C SER E 76 -24.93 -3.22 27.33
N HIS E 77 -24.57 -2.73 26.16
CA HIS E 77 -25.52 -2.59 25.06
C HIS E 77 -24.90 -2.96 23.72
N SER E 78 -24.10 -4.02 23.72
CA SER E 78 -23.47 -4.49 22.49
C SER E 78 -23.25 -5.99 22.65
N PRO E 79 -22.91 -6.71 21.57
CA PRO E 79 -22.70 -8.17 21.60
C PRO E 79 -21.76 -8.67 22.71
N ASP E 80 -22.03 -9.88 23.24
CA ASP E 80 -21.18 -10.47 24.28
C ASP E 80 -19.90 -11.06 23.67
N GLN E 81 -19.99 -11.48 22.41
CA GLN E 81 -18.92 -12.21 21.75
C GLN E 81 -19.00 -11.98 20.26
N VAL E 82 -17.87 -12.13 19.57
CA VAL E 82 -17.83 -12.19 18.12
C VAL E 82 -16.85 -13.29 17.71
N SER E 83 -16.97 -13.74 16.46
CA SER E 83 -16.01 -14.66 15.88
C SER E 83 -14.97 -13.84 15.14
N VAL E 84 -13.72 -14.29 15.22
CA VAL E 84 -12.58 -13.58 14.68
C VAL E 84 -11.62 -14.55 14.00
N PRO E 85 -11.17 -14.24 12.77
CA PRO E 85 -10.15 -15.10 12.16
C PRO E 85 -8.90 -15.12 13.03
N ILE E 86 -8.32 -16.29 13.26
CA ILE E 86 -7.18 -16.36 14.18
C ILE E 86 -5.95 -15.67 13.60
N SER E 87 -5.91 -15.47 12.28
CA SER E 87 -4.86 -14.62 11.69
C SER E 87 -4.85 -13.20 12.30
N SER E 88 -5.96 -12.77 12.90
CA SER E 88 -6.03 -11.44 13.50
C SER E 88 -5.66 -11.47 14.99
N LEU E 89 -5.37 -12.66 15.53
CA LEU E 89 -5.15 -12.82 16.96
C LEU E 89 -3.83 -13.49 17.27
N TRP E 90 -3.31 -13.25 18.47
CA TRP E 90 -2.30 -14.13 19.00
C TRP E 90 -2.96 -15.45 19.38
N VAL E 91 -2.35 -16.54 18.96
CA VAL E 91 -2.72 -17.86 19.43
C VAL E 91 -1.45 -18.52 19.94
N PRO E 92 -1.57 -19.32 20.97
CA PRO E 92 -0.41 -20.04 21.51
C PRO E 92 0.20 -20.96 20.47
N ASP E 93 1.53 -20.96 20.41
CA ASP E 93 2.23 -21.82 19.47
C ASP E 93 2.31 -23.27 19.99
N LEU E 94 1.16 -23.90 20.19
CA LEU E 94 1.12 -25.27 20.70
C LEU E 94 1.59 -26.32 19.67
N ALA E 95 2.23 -27.38 20.18
CA ALA E 95 2.62 -28.50 19.34
C ALA E 95 2.52 -29.81 20.14
N ALA E 96 2.22 -30.88 19.45
CA ALA E 96 2.27 -32.19 20.07
C ALA E 96 3.70 -32.67 19.97
N TYR E 97 4.35 -32.81 21.11
CA TYR E 97 5.76 -33.17 21.15
C TYR E 97 6.00 -34.57 20.59
N ASN E 98 4.98 -35.43 20.57
CA ASN E 98 5.18 -36.75 19.98
C ASN E 98 4.33 -36.98 18.74
N ALA E 99 4.01 -35.89 18.03
CA ALA E 99 3.35 -36.02 16.74
C ALA E 99 4.33 -36.59 15.73
N ILE E 100 3.83 -37.41 14.82
CA ILE E 100 4.68 -37.89 13.75
C ILE E 100 4.07 -37.49 12.41
N SER E 101 2.96 -36.78 12.47
CA SER E 101 2.38 -36.17 11.29
C SER E 101 1.95 -34.72 11.57
N LYS E 102 1.73 -33.98 10.49
CA LYS E 102 1.25 -32.61 10.56
C LYS E 102 -0.16 -32.57 11.11
N PRO E 103 -0.46 -31.56 11.94
CA PRO E 103 -1.84 -31.36 12.40
C PRO E 103 -2.72 -30.89 11.24
N GLU E 104 -3.66 -31.72 10.85
CA GLU E 104 -4.57 -31.48 9.75
C GLU E 104 -5.81 -30.82 10.34
N VAL E 105 -5.96 -29.50 10.15
CA VAL E 105 -7.08 -28.80 10.78
C VAL E 105 -8.28 -28.94 9.88
N LEU E 106 -9.40 -29.38 10.45
CA LEU E 106 -10.53 -29.74 9.64
C LEU E 106 -11.60 -28.66 9.62
N THR E 107 -11.42 -27.62 10.42
CA THR E 107 -12.49 -26.68 10.70
C THR E 107 -12.15 -25.22 10.31
N PRO E 108 -13.18 -24.35 10.21
CA PRO E 108 -12.88 -22.93 9.95
C PRO E 108 -11.99 -22.36 11.05
N GLN E 109 -10.95 -21.64 10.66
CA GLN E 109 -9.92 -21.18 11.58
C GLN E 109 -10.31 -19.85 12.24
N LEU E 110 -11.28 -19.94 13.13
CA LEU E 110 -11.83 -18.81 13.86
C LEU E 110 -11.78 -19.08 15.35
N ALA E 111 -11.73 -18.00 16.10
CA ALA E 111 -11.83 -18.04 17.56
C ALA E 111 -13.02 -17.20 17.97
N ARG E 112 -13.54 -17.44 19.16
CA ARG E 112 -14.48 -16.53 19.80
C ARG E 112 -13.73 -15.58 20.74
N VAL E 113 -13.96 -14.28 20.59
CA VAL E 113 -13.51 -13.32 21.59
C VAL E 113 -14.71 -12.84 22.40
N VAL E 114 -14.62 -12.98 23.71
CA VAL E 114 -15.66 -12.61 24.65
C VAL E 114 -15.37 -11.22 25.18
N SER E 115 -16.41 -10.44 25.47
CA SER E 115 -16.23 -9.03 25.84
C SER E 115 -15.34 -8.82 27.08
N ASP E 116 -15.11 -9.88 27.86
CA ASP E 116 -14.20 -9.75 29.00
C ASP E 116 -12.75 -10.05 28.64
N GLY E 117 -12.49 -10.37 27.38
CA GLY E 117 -11.13 -10.55 26.91
C GLY E 117 -10.76 -12.01 26.78
N GLU E 118 -11.73 -12.88 27.04
CA GLU E 118 -11.50 -14.30 26.93
C GLU E 118 -11.53 -14.72 25.47
N VAL E 119 -10.58 -15.55 25.07
CA VAL E 119 -10.54 -16.06 23.72
C VAL E 119 -10.66 -17.60 23.73
N LEU E 120 -11.62 -18.11 22.98
CA LEU E 120 -11.82 -19.55 22.87
C LEU E 120 -11.54 -19.97 21.46
N TYR E 121 -10.75 -21.03 21.32
CA TYR E 121 -10.32 -21.50 20.03
C TYR E 121 -10.43 -23.02 20.08
N MET E 122 -11.13 -23.63 19.12
CA MET E 122 -11.28 -25.07 19.13
C MET E 122 -11.20 -25.66 17.73
N PRO E 123 -9.97 -25.89 17.26
CA PRO E 123 -9.74 -26.63 16.01
C PRO E 123 -10.05 -28.13 16.15
N SER E 124 -10.63 -28.69 15.10
CA SER E 124 -10.71 -30.13 14.98
C SER E 124 -9.50 -30.57 14.17
N ILE E 125 -8.76 -31.53 14.72
CA ILE E 125 -7.46 -31.90 14.16
C ILE E 125 -7.37 -33.40 13.97
N ARG E 126 -6.87 -33.80 12.82
CA ARG E 126 -6.51 -35.17 12.62
C ARG E 126 -5.00 -35.21 12.58
N GLN E 127 -4.42 -36.18 13.29
CA GLN E 127 -2.98 -36.22 13.45
C GLN E 127 -2.51 -37.58 13.93
N ARG E 128 -1.29 -37.92 13.56
CA ARG E 128 -0.71 -39.20 13.93
CA ARG E 128 -0.68 -39.20 13.92
C ARG E 128 0.31 -39.02 15.05
N PHE E 129 0.35 -39.99 15.95
CA PHE E 129 1.24 -39.93 17.09
C PHE E 129 2.00 -41.24 17.31
N SER E 130 3.14 -41.10 17.97
CA SER E 130 3.93 -42.21 18.47
C SER E 130 3.66 -42.33 19.96
N CYS E 131 3.09 -43.45 20.36
CA CYS E 131 2.77 -43.68 21.76
C CYS E 131 2.52 -45.16 22.01
N ASP E 132 2.32 -45.51 23.27
CA ASP E 132 2.24 -46.92 23.64
C ASP E 132 0.92 -47.54 23.23
N VAL E 133 0.96 -48.42 22.23
CA VAL E 133 -0.24 -49.07 21.71
C VAL E 133 -0.40 -50.50 22.28
N SER E 134 0.50 -50.91 23.17
CA SER E 134 0.39 -52.30 23.64
C SER E 134 -0.85 -52.44 24.52
N GLY E 135 -1.56 -53.55 24.35
CA GLY E 135 -2.71 -53.84 25.17
C GLY E 135 -4.02 -53.41 24.55
N VAL E 136 -3.96 -52.95 23.30
CA VAL E 136 -5.14 -52.44 22.60
C VAL E 136 -6.19 -53.52 22.36
N ASP E 137 -5.76 -54.78 22.40
CA ASP E 137 -6.67 -55.88 22.12
C ASP E 137 -6.98 -56.63 23.39
N THR E 138 -6.60 -56.05 24.52
CA THR E 138 -6.94 -56.59 25.83
C THR E 138 -7.99 -55.72 26.47
N GLU E 139 -8.61 -56.20 27.53
CA GLU E 139 -9.71 -55.46 28.11
C GLU E 139 -9.23 -54.31 28.99
N SER E 140 -7.96 -54.32 29.37
CA SER E 140 -7.41 -53.14 30.02
C SER E 140 -7.17 -52.05 28.98
N GLY E 141 -7.05 -52.44 27.71
CA GLY E 141 -6.85 -51.50 26.62
C GLY E 141 -5.43 -50.98 26.54
N ALA E 142 -5.16 -50.12 25.56
CA ALA E 142 -3.88 -49.42 25.49
C ALA E 142 -3.99 -48.08 26.19
N THR E 143 -2.88 -47.55 26.65
CA THR E 143 -2.88 -46.17 27.14
C THR E 143 -1.83 -45.35 26.37
N CYS E 144 -2.34 -44.55 25.46
CA CYS E 144 -1.55 -43.68 24.60
C CYS E 144 -1.44 -42.28 25.18
N ARG E 145 -0.22 -41.84 25.51
CA ARG E 145 -0.03 -40.49 26.05
C ARG E 145 0.35 -39.47 24.96
N ILE E 146 -0.37 -38.35 24.93
CA ILE E 146 -0.08 -37.28 23.99
C ILE E 146 0.34 -36.02 24.74
N LYS E 147 1.51 -35.49 24.40
CA LYS E 147 2.06 -34.34 25.10
C LYS E 147 1.95 -33.11 24.20
N ILE E 148 1.30 -32.07 24.72
CA ILE E 148 1.12 -30.83 23.98
C ILE E 148 1.54 -29.65 24.85
N GLY E 149 2.36 -28.77 24.28
CA GLY E 149 2.79 -27.56 24.96
C GLY E 149 3.29 -26.53 23.98
N SER E 150 3.78 -25.39 24.48
CA SER E 150 4.30 -24.35 23.60
C SER E 150 5.54 -24.84 22.88
N TRP E 151 5.75 -24.39 21.64
CA TRP E 151 6.93 -24.86 20.94
C TRP E 151 8.13 -24.00 21.32
N THR E 152 7.89 -22.72 21.58
CA THR E 152 9.00 -21.78 21.72
C THR E 152 9.00 -20.98 23.02
N HIS E 153 7.88 -21.01 23.75
CA HIS E 153 7.77 -20.23 24.99
C HIS E 153 7.92 -21.06 26.26
N HIS E 154 8.97 -20.79 27.02
CA HIS E 154 9.17 -21.50 28.27
C HIS E 154 8.12 -21.08 29.33
N SER E 155 8.27 -21.63 30.53
CA SER E 155 7.18 -21.63 31.51
C SER E 155 6.98 -20.28 32.17
N ARG E 156 7.95 -19.37 32.05
CA ARG E 156 7.73 -18.04 32.59
C ARG E 156 6.89 -17.21 31.60
N GLU E 157 6.76 -17.70 30.36
CA GLU E 157 6.03 -16.98 29.31
C GLU E 157 4.62 -17.56 29.05
N ILE E 158 4.55 -18.89 28.95
CA ILE E 158 3.27 -19.57 28.81
C ILE E 158 3.20 -20.67 29.83
N SER E 159 2.15 -20.65 30.63
CA SER E 159 1.86 -21.81 31.47
C SER E 159 0.65 -22.57 30.89
N VAL E 160 0.77 -23.88 30.87
CA VAL E 160 -0.27 -24.73 30.34
C VAL E 160 -1.05 -25.34 31.50
N ASP E 161 -2.35 -25.15 31.49
CA ASP E 161 -3.15 -25.62 32.60
CA ASP E 161 -3.19 -25.59 32.60
C ASP E 161 -4.21 -26.60 32.12
N PRO E 162 -3.94 -27.90 32.33
CA PRO E 162 -4.92 -28.89 31.93
C PRO E 162 -6.09 -28.75 32.84
N THR E 163 -7.24 -29.19 32.40
CA THR E 163 -8.39 -28.95 33.21
C THR E 163 -9.11 -30.25 33.44
N THR E 164 -10.30 -30.11 33.97
CA THR E 164 -11.36 -31.10 33.89
C THR E 164 -11.42 -31.72 32.49
N GLU E 165 -12.01 -32.90 32.34
CA GLU E 165 -12.70 -33.65 33.37
C GLU E 165 -12.05 -35.01 33.39
N ASN E 166 -12.67 -35.97 34.06
CA ASN E 166 -12.30 -37.36 33.82
C ASN E 166 -13.50 -38.02 33.14
N SER E 167 -13.34 -38.46 31.88
CA SER E 167 -14.46 -39.04 31.15
C SER E 167 -14.02 -39.92 30.01
N ASP E 168 -14.97 -40.58 29.36
CA ASP E 168 -14.64 -41.37 28.19
C ASP E 168 -15.07 -40.64 26.92
N ASP E 169 -15.22 -39.32 27.03
CA ASP E 169 -15.51 -38.42 25.90
C ASP E 169 -16.79 -38.81 25.15
N SER E 170 -17.76 -39.33 25.90
CA SER E 170 -19.00 -39.89 25.31
C SER E 170 -19.83 -38.91 24.46
N GLU E 171 -19.81 -37.62 24.79
CA GLU E 171 -20.53 -36.65 23.98
C GLU E 171 -19.83 -36.39 22.65
N TYR E 172 -18.58 -36.82 22.54
CA TYR E 172 -17.72 -36.46 21.41
C TYR E 172 -17.32 -37.64 20.52
N PHE E 173 -17.03 -38.78 21.13
CA PHE E 173 -16.41 -39.89 20.41
C PHE E 173 -17.42 -40.63 19.54
N SER E 174 -17.07 -40.94 18.30
CA SER E 174 -18.00 -41.60 17.39
C SER E 174 -18.37 -43.01 17.85
N GLN E 175 -19.65 -43.35 17.76
CA GLN E 175 -20.08 -44.69 18.13
C GLN E 175 -19.74 -45.67 17.02
N TYR E 176 -19.43 -45.14 15.84
CA TYR E 176 -19.13 -45.97 14.68
C TYR E 176 -17.67 -46.39 14.61
N SER E 177 -16.87 -45.95 15.57
CA SER E 177 -15.44 -46.29 15.61
C SER E 177 -15.23 -47.77 15.88
N ARG E 178 -14.10 -48.30 15.43
CA ARG E 178 -13.74 -49.68 15.73
C ARG E 178 -13.16 -49.79 17.14
N PHE E 179 -12.95 -48.64 17.78
CA PHE E 179 -12.38 -48.62 19.11
C PHE E 179 -13.30 -48.00 20.13
N GLU E 180 -13.07 -48.28 21.40
CA GLU E 180 -13.83 -47.61 22.43
C GLU E 180 -12.85 -46.93 23.34
N ILE E 181 -13.25 -45.76 23.82
CA ILE E 181 -12.45 -45.05 24.78
C ILE E 181 -12.85 -45.54 26.15
N LEU E 182 -11.88 -46.03 26.91
CA LEU E 182 -12.11 -46.41 28.27
C LEU E 182 -12.02 -45.17 29.15
N ASP E 183 -11.02 -44.36 28.89
CA ASP E 183 -10.81 -43.18 29.70
C ASP E 183 -9.87 -42.16 29.05
N VAL E 184 -10.15 -40.88 29.31
CA VAL E 184 -9.26 -39.80 28.90
C VAL E 184 -8.98 -38.91 30.08
N THR E 185 -7.72 -38.82 30.48
CA THR E 185 -7.35 -37.94 31.58
C THR E 185 -6.19 -37.02 31.15
N GLN E 186 -6.04 -35.91 31.86
CA GLN E 186 -5.04 -34.91 31.54
C GLN E 186 -4.28 -34.53 32.78
N LYS E 187 -3.04 -34.13 32.58
CA LYS E 187 -2.10 -33.94 33.66
C LYS E 187 -1.11 -32.87 33.25
N LYS E 188 -0.77 -31.96 34.16
CA LYS E 188 0.31 -31.01 33.87
C LYS E 188 1.66 -31.70 34.07
N ASN E 189 2.56 -31.47 33.13
CA ASN E 189 3.89 -32.03 33.15
C ASN E 189 4.83 -30.92 32.72
N SER E 190 6.12 -31.09 32.94
CA SER E 190 7.08 -30.12 32.44
C SER E 190 8.17 -30.86 31.74
N VAL E 191 8.85 -30.18 30.81
CA VAL E 191 9.95 -30.76 30.03
C VAL E 191 11.18 -29.85 30.11
N THR E 192 12.35 -30.46 30.27
CA THR E 192 13.63 -29.74 30.17
C THR E 192 14.61 -30.63 29.41
N TYR E 193 15.68 -30.03 28.90
CA TYR E 193 16.73 -30.78 28.23
C TYR E 193 18.08 -30.30 28.76
N SER E 194 19.11 -31.13 28.66
CA SER E 194 20.39 -30.79 29.27
C SER E 194 21.10 -29.66 28.50
N CYS E 195 20.61 -29.37 27.30
CA CYS E 195 21.10 -28.24 26.54
C CYS E 195 20.38 -26.96 26.97
N CYS E 196 19.20 -27.14 27.55
CA CYS E 196 18.25 -26.05 27.68
C CYS E 196 17.44 -26.20 28.97
N PRO E 197 17.94 -25.59 30.07
CA PRO E 197 17.40 -25.74 31.43
C PRO E 197 16.01 -25.13 31.66
N GLU E 198 15.63 -24.10 30.90
CA GLU E 198 14.32 -23.51 31.05
C GLU E 198 13.23 -24.56 30.87
N ALA E 199 12.20 -24.50 31.71
CA ALA E 199 11.14 -25.49 31.70
C ALA E 199 10.02 -25.13 30.71
N TYR E 200 9.61 -26.12 29.92
CA TYR E 200 8.45 -26.00 29.03
C TYR E 200 7.26 -26.80 29.55
N GLU E 201 6.17 -26.11 29.86
CA GLU E 201 4.98 -26.78 30.36
C GLU E 201 4.22 -27.47 29.23
N ASP E 202 3.58 -28.59 29.55
CA ASP E 202 2.74 -29.27 28.57
C ASP E 202 1.51 -29.88 29.25
N VAL E 203 0.46 -30.15 28.49
CA VAL E 203 -0.59 -31.03 28.99
C VAL E 203 -0.28 -32.42 28.52
N GLU E 204 -0.30 -33.36 29.44
CA GLU E 204 -0.14 -34.75 29.09
C GLU E 204 -1.52 -35.44 29.11
N VAL E 205 -1.94 -35.90 27.94
CA VAL E 205 -3.23 -36.51 27.77
C VAL E 205 -3.10 -38.03 27.67
N SER E 206 -3.77 -38.75 28.56
CA SER E 206 -3.71 -40.20 28.53
C SER E 206 -4.98 -40.78 27.93
N LEU E 207 -4.84 -41.38 26.76
CA LEU E 207 -5.97 -41.99 26.10
C LEU E 207 -5.97 -43.51 26.32
N ASN E 208 -6.88 -43.97 27.17
CA ASN E 208 -7.02 -45.40 27.45
C ASN E 208 -8.15 -45.94 26.61
N PHE E 209 -7.82 -46.81 25.67
CA PHE E 209 -8.79 -47.24 24.68
C PHE E 209 -8.50 -48.67 24.26
N ARG E 210 -9.49 -49.33 23.68
CA ARG E 210 -9.26 -50.67 23.16
C ARG E 210 -10.15 -50.94 21.94
N LYS E 211 -9.80 -52.02 21.22
CA LYS E 211 -10.60 -52.45 20.09
C LYS E 211 -11.89 -53.16 20.53
N LYS E 212 -12.96 -53.01 19.77
CA LYS E 212 -14.22 -53.67 20.09
C LYS E 212 -14.21 -55.12 19.65
N ASP F 1 35.93 8.13 -2.78
CA ASP F 1 36.68 7.95 -4.01
C ASP F 1 36.04 8.73 -5.16
N TYR F 2 36.51 9.95 -5.42
CA TYR F 2 35.86 10.83 -6.41
C TYR F 2 35.92 10.29 -7.85
N LYS F 3 36.78 9.32 -8.11
CA LYS F 3 36.78 8.61 -9.39
C LYS F 3 35.45 7.86 -9.59
N ASP F 4 34.82 7.47 -8.48
CA ASP F 4 33.56 6.74 -8.54
C ASP F 4 32.35 7.62 -8.23
N ASP F 5 32.60 8.92 -8.06
CA ASP F 5 31.54 9.90 -7.77
C ASP F 5 30.36 9.82 -8.72
N ASP F 6 30.62 9.59 -9.99
CA ASP F 6 29.56 9.59 -11.00
C ASP F 6 29.08 8.20 -11.39
N ASP F 7 29.42 7.19 -10.58
CA ASP F 7 28.83 5.87 -10.75
C ASP F 7 27.38 5.94 -10.27
N LYS F 8 26.43 5.94 -11.20
CA LYS F 8 25.03 6.21 -10.87
C LYS F 8 24.37 5.15 -9.97
N LEU F 9 24.60 3.87 -10.28
CA LEU F 9 24.06 2.77 -9.50
C LEU F 9 24.55 2.82 -8.06
N ASP F 10 25.85 3.12 -7.91
CA ASP F 10 26.43 3.35 -6.59
C ASP F 10 25.64 4.40 -5.80
N ARG F 11 25.38 5.55 -6.45
CA ARG F 11 24.66 6.64 -5.82
C ARG F 11 23.23 6.23 -5.45
N ALA F 12 22.55 5.61 -6.41
CA ALA F 12 21.22 5.02 -6.17
C ALA F 12 21.26 4.09 -4.95
N ASP F 13 22.31 3.29 -4.85
CA ASP F 13 22.39 2.33 -3.76
C ASP F 13 22.67 3.00 -2.42
N ILE F 14 23.51 4.05 -2.45
CA ILE F 14 23.84 4.77 -1.24
C ILE F 14 22.58 5.46 -0.75
N LEU F 15 21.87 6.07 -1.68
CA LEU F 15 20.64 6.77 -1.35
C LEU F 15 19.60 5.79 -0.79
N TYR F 16 19.58 4.58 -1.36
CA TYR F 16 18.76 3.52 -0.82
C TYR F 16 19.15 3.17 0.62
N ASN F 17 20.45 3.00 0.88
CA ASN F 17 20.90 2.60 2.21
C ASN F 17 20.53 3.66 3.25
N ILE F 18 20.69 4.93 2.86
CA ILE F 18 20.39 6.05 3.73
C ILE F 18 18.90 6.09 4.06
N ARG F 19 18.04 5.73 3.11
CA ARG F 19 16.60 5.76 3.39
C ARG F 19 16.16 4.60 4.30
N GLN F 20 16.75 3.45 4.10
CA GLN F 20 16.46 2.31 4.97
C GLN F 20 16.86 2.63 6.39
N THR F 21 18.02 3.25 6.54
CA THR F 21 18.64 3.44 7.83
C THR F 21 18.06 4.66 8.57
N SER F 22 17.80 5.73 7.83
CA SER F 22 17.35 6.98 8.42
C SER F 22 16.05 6.91 9.22
N ARG F 23 16.07 7.51 10.39
CA ARG F 23 14.88 7.71 11.20
C ARG F 23 14.63 9.22 11.31
N PRO F 24 13.90 9.80 10.34
CA PRO F 24 13.72 11.25 10.23
C PRO F 24 13.06 11.93 11.42
N ASP F 25 12.40 11.18 12.31
CA ASP F 25 11.74 11.82 13.44
C ASP F 25 12.44 11.58 14.76
N VAL F 26 13.57 10.90 14.72
CA VAL F 26 14.29 10.54 15.93
C VAL F 26 15.65 11.21 15.93
N ILE F 27 16.03 11.84 17.04
CA ILE F 27 17.34 12.49 17.09
C ILE F 27 18.45 11.44 17.04
N PRO F 28 19.44 11.68 16.18
CA PRO F 28 20.56 10.76 15.94
C PRO F 28 21.63 10.88 17.01
N THR F 29 21.28 10.58 18.25
CA THR F 29 22.27 10.59 19.32
C THR F 29 23.19 9.37 19.22
N GLN F 30 24.45 9.58 19.54
CA GLN F 30 25.46 8.53 19.47
C GLN F 30 26.23 8.46 20.80
N ARG F 31 26.62 7.25 21.20
CA ARG F 31 27.28 7.01 22.48
C ARG F 31 26.48 7.63 23.67
N ASP F 32 25.16 7.72 23.50
CA ASP F 32 24.26 8.28 24.50
C ASP F 32 24.68 9.68 24.94
N ARG F 33 25.08 10.50 23.97
CA ARG F 33 25.47 11.88 24.21
C ARG F 33 24.68 12.77 23.23
N PRO F 34 24.38 14.02 23.62
CA PRO F 34 23.62 14.93 22.75
C PRO F 34 24.12 15.06 21.32
N VAL F 35 23.18 15.32 20.42
CA VAL F 35 23.53 15.62 19.04
C VAL F 35 24.18 16.99 18.98
N ALA F 36 25.39 17.05 18.43
CA ALA F 36 26.08 18.31 18.24
C ALA F 36 25.72 18.90 16.90
N VAL F 37 24.99 20.01 16.90
CA VAL F 37 24.59 20.66 15.67
C VAL F 37 25.38 21.96 15.50
N SER F 38 26.17 22.04 14.44
CA SER F 38 26.89 23.27 14.12
C SER F 38 26.09 24.16 13.19
N VAL F 39 25.92 25.43 13.58
CA VAL F 39 25.25 26.41 12.75
C VAL F 39 26.07 27.68 12.58
N SER F 40 26.16 28.18 11.35
CA SER F 40 26.63 29.55 11.14
C SER F 40 25.85 30.21 10.01
N LEU F 41 25.53 31.48 10.18
CA LEU F 41 24.79 32.25 9.20
C LEU F 41 25.71 33.07 8.31
N LYS F 42 25.69 32.75 7.01
CA LYS F 42 26.38 33.55 6.00
C LYS F 42 25.40 34.51 5.37
N PHE F 43 25.45 35.77 5.80
CA PHE F 43 24.51 36.76 5.31
C PHE F 43 24.76 37.07 3.85
N ILE F 44 23.69 37.19 3.09
CA ILE F 44 23.85 37.43 1.68
C ILE F 44 23.48 38.86 1.35
N ASN F 45 22.44 39.36 2.01
CA ASN F 45 21.97 40.71 1.73
C ASN F 45 20.91 41.14 2.74
N ILE F 46 20.90 42.44 3.01
CA ILE F 46 20.13 43.04 4.08
C ILE F 46 19.17 43.99 3.41
N LEU F 47 17.91 43.60 3.30
CA LEU F 47 17.01 44.28 2.38
C LEU F 47 16.35 45.49 3.03
N GLU F 48 15.42 45.26 3.93
CA GLU F 48 14.76 46.35 4.64
C GLU F 48 15.31 46.45 6.05
N VAL F 49 15.44 47.68 6.53
CA VAL F 49 15.90 47.92 7.90
C VAL F 49 15.08 49.05 8.52
N ASN F 50 14.51 48.80 9.69
CA ASN F 50 13.63 49.78 10.31
C ASN F 50 14.13 50.20 11.71
N GLU F 51 14.62 51.44 11.79
CA GLU F 51 15.16 52.04 13.01
C GLU F 51 14.11 52.19 14.09
N ILE F 52 12.92 52.52 13.62
CA ILE F 52 11.77 52.80 14.48
C ILE F 52 11.25 51.53 15.17
N THR F 53 10.94 50.52 14.36
CA THR F 53 10.33 49.29 14.87
C THR F 53 11.36 48.22 15.24
N ASN F 54 12.65 48.53 15.05
CA ASN F 54 13.74 47.60 15.33
C ASN F 54 13.64 46.25 14.59
N GLU F 55 13.11 46.30 13.37
CA GLU F 55 13.01 45.11 12.53
C GLU F 55 14.07 45.14 11.43
N VAL F 56 14.48 43.96 10.99
CA VAL F 56 15.34 43.85 9.82
C VAL F 56 14.88 42.68 8.94
N ASP F 57 14.99 42.86 7.64
CA ASP F 57 14.69 41.81 6.68
C ASP F 57 15.99 41.37 6.02
N VAL F 58 16.40 40.12 6.24
CA VAL F 58 17.64 39.62 5.68
C VAL F 58 17.48 38.35 4.86
N VAL F 59 18.51 38.06 4.07
CA VAL F 59 18.62 36.79 3.38
C VAL F 59 19.93 36.14 3.80
N PHE F 60 19.91 34.86 4.16
CA PHE F 60 21.15 34.22 4.58
C PHE F 60 21.23 32.74 4.28
N TRP F 61 22.47 32.28 4.13
CA TRP F 61 22.75 30.86 3.96
C TRP F 61 23.01 30.26 5.33
N GLN F 62 22.06 29.44 5.79
CA GLN F 62 22.20 28.77 7.07
C GLN F 62 23.04 27.50 6.97
N GLN F 63 24.35 27.64 7.13
CA GLN F 63 25.24 26.49 7.14
C GLN F 63 24.98 25.63 8.38
N THR F 64 24.55 24.39 8.16
CA THR F 64 24.18 23.52 9.28
C THR F 64 24.83 22.15 9.12
N THR F 65 25.42 21.64 10.19
CA THR F 65 26.03 20.31 10.11
C THR F 65 25.84 19.54 11.40
N TRP F 66 25.91 18.23 11.29
CA TRP F 66 25.82 17.33 12.40
C TRP F 66 26.23 15.96 11.87
N SER F 67 26.39 15.00 12.76
CA SER F 67 26.83 13.70 12.33
C SER F 67 25.79 12.65 12.67
N ASP F 68 25.65 11.66 11.79
CA ASP F 68 24.83 10.49 12.05
C ASP F 68 25.61 9.32 11.51
N ARG F 69 26.42 8.71 12.35
CA ARG F 69 27.36 7.69 11.89
C ARG F 69 26.67 6.39 11.45
N THR F 70 25.38 6.27 11.74
CA THR F 70 24.59 5.14 11.24
C THR F 70 24.50 5.25 9.73
N LEU F 71 24.56 6.48 9.21
CA LEU F 71 24.43 6.69 7.78
C LEU F 71 25.72 6.38 7.01
N ALA F 72 26.82 6.20 7.74
CA ALA F 72 28.14 6.11 7.11
C ALA F 72 28.28 4.87 6.25
N TRP F 73 29.17 4.94 5.26
CA TRP F 73 29.48 3.81 4.41
C TRP F 73 30.94 3.86 4.00
N ASN F 74 31.46 2.72 3.56
CA ASN F 74 32.84 2.61 3.06
C ASN F 74 32.93 3.12 1.62
N SER F 75 33.62 4.24 1.42
CA SER F 75 33.71 4.86 0.10
C SER F 75 35.09 4.71 -0.55
N SER F 76 35.78 3.62 -0.20
CA SER F 76 36.99 3.21 -0.91
C SER F 76 36.81 3.21 -2.43
N HIS F 77 35.66 2.74 -2.88
CA HIS F 77 35.40 2.57 -4.31
C HIS F 77 33.97 2.96 -4.67
N SER F 78 33.46 3.97 -3.97
CA SER F 78 32.12 4.44 -4.24
C SER F 78 32.10 5.95 -3.98
N PRO F 79 31.03 6.65 -4.38
CA PRO F 79 30.96 8.10 -4.15
C PRO F 79 31.15 8.46 -2.69
N ASP F 80 31.78 9.60 -2.45
CA ASP F 80 32.06 10.04 -1.09
C ASP F 80 30.90 10.77 -0.47
N GLN F 81 30.06 11.35 -1.31
CA GLN F 81 28.85 12.05 -0.86
C GLN F 81 27.72 11.90 -1.87
N VAL F 82 26.48 12.07 -1.42
CA VAL F 82 25.36 12.22 -2.32
C VAL F 82 24.39 13.29 -1.80
N SER F 83 23.57 13.81 -2.68
CA SER F 83 22.51 14.73 -2.29
C SER F 83 21.28 13.91 -1.91
N VAL F 84 20.56 14.35 -0.88
CA VAL F 84 19.42 13.63 -0.36
C VAL F 84 18.32 14.63 -0.03
N PRO F 85 17.05 14.31 -0.37
CA PRO F 85 15.96 15.21 0.04
C PRO F 85 15.87 15.20 1.57
N ILE F 86 15.69 16.37 2.19
CA ILE F 86 15.79 16.42 3.64
C ILE F 86 14.62 15.70 4.30
N SER F 87 13.57 15.43 3.53
CA SER F 87 12.43 14.70 4.05
C SER F 87 12.80 13.24 4.27
N SER F 88 13.90 12.80 3.70
CA SER F 88 14.42 11.47 4.03
C SER F 88 15.39 11.44 5.23
N LEU F 89 15.65 12.60 5.83
CA LEU F 89 16.62 12.62 6.94
C LEU F 89 16.04 13.27 8.16
N TRP F 90 16.64 12.99 9.30
CA TRP F 90 16.41 13.85 10.46
C TRP F 90 17.13 15.16 10.23
N VAL F 91 16.45 16.25 10.57
CA VAL F 91 17.00 17.59 10.50
C VAL F 91 16.68 18.29 11.83
N PRO F 92 17.63 19.04 12.40
CA PRO F 92 17.40 19.70 13.70
C PRO F 92 16.25 20.68 13.66
N ASP F 93 15.42 20.68 14.70
CA ASP F 93 14.23 21.51 14.71
C ASP F 93 14.58 22.95 15.11
N LEU F 94 15.43 23.59 14.29
CA LEU F 94 15.92 24.92 14.63
C LEU F 94 14.87 25.98 14.41
N ALA F 95 14.90 26.99 15.25
CA ALA F 95 14.12 28.19 14.99
C ALA F 95 14.87 29.41 15.52
N ALA F 96 14.61 30.55 14.89
CA ALA F 96 15.08 31.82 15.39
C ALA F 96 14.10 32.31 16.45
N TYR F 97 14.58 32.49 17.67
CA TYR F 97 13.73 32.90 18.79
C TYR F 97 13.16 34.32 18.61
N ASN F 98 13.94 35.22 18.01
CA ASN F 98 13.47 36.59 17.76
C ASN F 98 12.99 36.80 16.32
N ALA F 99 12.59 35.71 15.68
CA ALA F 99 12.00 35.80 14.34
C ALA F 99 10.55 36.27 14.43
N ILE F 100 10.10 36.96 13.39
CA ILE F 100 8.76 37.55 13.37
C ILE F 100 8.10 37.28 12.01
N SER F 101 8.74 36.44 11.21
CA SER F 101 8.13 35.99 9.96
C SER F 101 8.53 34.55 9.74
N LYS F 102 7.78 33.84 8.89
CA LYS F 102 8.15 32.46 8.55
C LYS F 102 9.48 32.48 7.83
N PRO F 103 10.36 31.53 8.13
CA PRO F 103 11.52 31.43 7.25
C PRO F 103 11.12 31.02 5.82
N GLU F 104 11.33 31.93 4.87
CA GLU F 104 11.10 31.68 3.44
C GLU F 104 12.36 31.02 2.82
N VAL F 105 12.25 29.73 2.52
CA VAL F 105 13.37 28.99 1.92
C VAL F 105 13.37 29.18 0.40
N LEU F 106 14.52 29.53 -0.15
CA LEU F 106 14.60 29.93 -1.55
C LEU F 106 15.33 28.89 -2.40
N THR F 107 15.84 27.86 -1.75
CA THR F 107 16.67 26.88 -2.44
C THR F 107 16.13 25.45 -2.36
N PRO F 108 16.53 24.60 -3.32
CA PRO F 108 16.15 23.19 -3.25
C PRO F 108 16.39 22.60 -1.85
N GLN F 109 15.43 21.82 -1.35
CA GLN F 109 15.53 21.34 0.01
C GLN F 109 16.23 19.98 0.06
N LEU F 110 17.53 20.06 -0.19
CA LEU F 110 18.45 18.93 -0.25
C LEU F 110 19.60 19.11 0.74
N ALA F 111 20.10 17.99 1.24
CA ALA F 111 21.29 17.95 2.07
C ALA F 111 22.33 17.05 1.41
N ARG F 112 23.59 17.22 1.82
CA ARG F 112 24.64 16.31 1.42
C ARG F 112 24.93 15.35 2.58
N VAL F 113 25.05 14.08 2.27
CA VAL F 113 25.51 13.12 3.27
C VAL F 113 26.86 12.58 2.81
N VAL F 114 27.82 12.61 3.73
CA VAL F 114 29.20 12.21 3.51
C VAL F 114 29.40 10.80 4.01
N SER F 115 30.32 10.06 3.40
CA SER F 115 30.48 8.66 3.75
C SER F 115 30.87 8.48 5.21
N ASP F 116 31.39 9.51 5.86
CA ASP F 116 31.78 9.35 7.26
C ASP F 116 30.58 9.59 8.16
N GLY F 117 29.44 9.93 7.55
CA GLY F 117 28.18 10.13 8.28
C GLY F 117 27.83 11.57 8.57
N GLU F 118 28.60 12.50 8.02
CA GLU F 118 28.32 13.91 8.20
C GLU F 118 27.16 14.33 7.29
N VAL F 119 26.32 15.25 7.80
CA VAL F 119 25.24 15.76 6.98
C VAL F 119 25.37 17.27 6.85
N LEU F 120 25.43 17.76 5.63
CA LEU F 120 25.56 19.18 5.37
C LEU F 120 24.25 19.70 4.79
N TYR F 121 23.69 20.70 5.45
CA TYR F 121 22.43 21.28 5.03
C TYR F 121 22.62 22.78 5.02
N MET F 122 22.29 23.43 3.91
CA MET F 122 22.48 24.88 3.81
C MET F 122 21.39 25.56 3.00
N PRO F 123 20.25 25.83 3.65
CA PRO F 123 19.19 26.55 2.98
C PRO F 123 19.50 28.03 2.85
N SER F 124 19.00 28.65 1.80
CA SER F 124 18.98 30.09 1.70
C SER F 124 17.62 30.56 2.18
N ILE F 125 17.65 31.44 3.18
CA ILE F 125 16.45 31.86 3.86
C ILE F 125 16.33 33.37 3.87
N ARG F 126 15.16 33.85 3.49
CA ARG F 126 14.76 35.21 3.77
C ARG F 126 13.82 35.19 4.98
N GLN F 127 14.09 36.03 5.96
CA GLN F 127 13.29 36.08 7.17
C GLN F 127 13.38 37.45 7.85
N ARG F 128 12.35 37.78 8.61
CA ARG F 128 12.32 39.00 9.41
C ARG F 128 12.62 38.70 10.88
N PHE F 129 13.41 39.59 11.48
CA PHE F 129 13.81 39.45 12.88
C PHE F 129 13.52 40.72 13.67
N SER F 130 13.17 40.55 14.92
CA SER F 130 13.14 41.66 15.85
C SER F 130 14.52 41.76 16.51
N CYS F 131 15.18 42.90 16.37
CA CYS F 131 16.52 43.06 16.94
C CYS F 131 16.97 44.52 17.08
N ASP F 132 18.08 44.73 17.81
CA ASP F 132 18.58 46.10 18.04
C ASP F 132 19.17 46.68 16.78
N VAL F 133 18.43 47.58 16.16
CA VAL F 133 18.86 48.15 14.91
C VAL F 133 19.58 49.51 15.11
N SER F 134 19.46 50.12 16.30
CA SER F 134 20.00 51.47 16.53
C SER F 134 21.51 51.58 16.26
N GLY F 135 21.89 52.64 15.54
CA GLY F 135 23.28 52.89 15.24
C GLY F 135 23.64 52.56 13.81
N VAL F 136 22.66 52.04 13.07
CA VAL F 136 22.90 51.59 11.70
C VAL F 136 23.45 52.71 10.80
N ASP F 137 23.06 53.96 11.07
CA ASP F 137 23.50 55.10 10.25
C ASP F 137 24.84 55.66 10.66
N THR F 138 25.40 55.16 11.76
CA THR F 138 26.68 55.63 12.24
C THR F 138 27.83 54.78 11.71
N GLU F 139 29.04 55.15 12.10
CA GLU F 139 30.22 54.48 11.59
C GLU F 139 30.40 53.11 12.26
N SER F 140 30.15 53.04 13.56
CA SER F 140 30.36 51.80 14.29
C SER F 140 29.18 50.86 14.06
N GLY F 141 28.09 51.42 13.56
CA GLY F 141 26.95 50.65 13.07
C GLY F 141 25.98 50.12 14.11
N ALA F 142 25.04 49.31 13.62
CA ALA F 142 24.09 48.56 14.43
C ALA F 142 24.62 47.19 14.76
N THR F 143 24.11 46.60 15.85
CA THR F 143 24.42 45.21 16.13
C THR F 143 23.13 44.43 16.36
N CYS F 144 22.63 43.82 15.30
CA CYS F 144 21.44 42.97 15.39
C CYS F 144 21.84 41.58 15.83
N ARG F 145 21.28 41.11 16.93
CA ARG F 145 21.59 39.77 17.39
C ARG F 145 20.44 38.81 17.07
N ILE F 146 20.80 37.62 16.60
CA ILE F 146 19.81 36.59 16.25
C ILE F 146 20.10 35.31 17.00
N LYS F 147 19.10 34.83 17.74
CA LYS F 147 19.25 33.59 18.51
C LYS F 147 18.65 32.39 17.78
N ILE F 148 19.49 31.42 17.45
CA ILE F 148 19.06 30.20 16.78
C ILE F 148 19.21 28.99 17.69
N GLY F 149 18.12 28.25 17.87
CA GLY F 149 18.19 27.00 18.62
C GLY F 149 17.11 25.96 18.35
N SER F 150 17.29 24.78 18.93
CA SER F 150 16.26 23.74 18.92
C SER F 150 14.97 24.28 19.54
N TRP F 151 13.83 24.08 18.87
CA TRP F 151 12.56 24.53 19.40
C TRP F 151 12.00 23.59 20.50
N THR F 152 12.38 22.32 20.48
CA THR F 152 11.75 21.37 21.42
C THR F 152 12.76 20.50 22.16
N HIS F 153 14.00 20.43 21.68
CA HIS F 153 14.99 19.58 22.32
C HIS F 153 15.88 20.38 23.26
N HIS F 154 15.91 20.01 24.55
CA HIS F 154 16.78 20.70 25.49
C HIS F 154 18.23 20.24 25.32
N SER F 155 19.12 20.87 26.06
CA SER F 155 20.55 20.75 25.82
C SER F 155 21.07 19.36 26.09
N ARG F 156 20.35 18.57 26.88
CA ARG F 156 20.73 17.17 27.07
C ARG F 156 20.62 16.43 25.73
N GLU F 157 19.64 16.81 24.91
CA GLU F 157 19.33 16.11 23.66
C GLU F 157 20.08 16.71 22.46
N ILE F 158 20.10 18.04 22.41
CA ILE F 158 20.73 18.74 21.30
C ILE F 158 21.56 19.94 21.77
N SER F 159 22.85 19.92 21.46
CA SER F 159 23.70 21.09 21.64
C SER F 159 23.91 21.83 20.32
N VAL F 160 23.56 23.11 20.29
CA VAL F 160 23.77 23.92 19.10
C VAL F 160 25.03 24.78 19.27
N ASP F 161 25.99 24.58 18.37
CA ASP F 161 27.28 25.25 18.46
C ASP F 161 27.64 26.03 17.19
N PRO F 162 28.15 27.26 17.36
CA PRO F 162 28.70 28.08 16.28
C PRO F 162 29.87 27.40 15.57
N THR F 163 29.82 27.32 14.25
CA THR F 163 30.92 26.72 13.48
C THR F 163 32.22 27.52 13.68
N THR F 164 32.24 28.76 13.20
CA THR F 164 33.31 29.69 13.56
C THR F 164 32.72 30.90 14.29
N GLU F 165 33.50 31.51 15.16
CA GLU F 165 33.02 32.57 16.02
C GLU F 165 33.23 33.97 15.43
N ASN F 166 33.98 34.05 14.34
CA ASN F 166 34.26 35.34 13.71
C ASN F 166 34.46 35.19 12.21
N SER F 167 33.79 36.01 11.41
CA SER F 167 33.95 35.98 9.95
C SER F 167 33.72 37.33 9.29
N ASP F 168 34.46 37.56 8.20
CA ASP F 168 34.31 38.78 7.42
C ASP F 168 33.09 38.66 6.52
N ASP F 169 32.74 37.41 6.22
CA ASP F 169 31.55 37.11 5.42
C ASP F 169 31.69 37.67 4.00
N SER F 170 32.93 37.97 3.60
CA SER F 170 33.17 38.75 2.38
C SER F 170 33.01 37.92 1.12
N GLU F 171 33.07 36.59 1.25
CA GLU F 171 32.84 35.69 0.13
C GLU F 171 31.34 35.58 -0.19
N TYR F 172 30.49 35.98 0.76
CA TYR F 172 29.06 35.72 0.62
C TYR F 172 28.19 36.97 0.41
N PHE F 173 28.48 38.03 1.18
CA PHE F 173 27.60 39.20 1.24
C PHE F 173 27.53 39.92 -0.11
N SER F 174 26.40 40.55 -0.39
CA SER F 174 26.24 41.19 -1.68
C SER F 174 26.93 42.55 -1.73
N GLN F 175 27.76 42.72 -2.75
CA GLN F 175 28.43 43.97 -3.06
C GLN F 175 27.38 45.06 -3.29
N TYR F 176 26.27 44.69 -3.91
CA TYR F 176 25.24 45.63 -4.33
C TYR F 176 24.30 46.04 -3.20
N SER F 177 24.65 45.66 -1.97
CA SER F 177 23.85 45.99 -0.79
C SER F 177 23.99 47.45 -0.39
N ARG F 178 22.92 48.05 0.13
CA ARG F 178 23.00 49.40 0.69
C ARG F 178 23.70 49.39 2.05
N PHE F 179 24.10 48.21 2.48
CA PHE F 179 24.71 48.08 3.78
C PHE F 179 26.04 47.35 3.69
N GLU F 180 26.79 47.42 4.79
CA GLU F 180 28.10 46.82 4.87
C GLU F 180 28.19 46.04 6.16
N ILE F 181 29.02 45.01 6.17
CA ILE F 181 29.18 44.21 7.39
C ILE F 181 30.52 44.52 8.04
N LEU F 182 30.45 44.99 9.29
CA LEU F 182 31.65 45.29 10.06
C LEU F 182 32.17 44.01 10.68
N ASP F 183 31.26 43.23 11.24
CA ASP F 183 31.63 41.94 11.78
C ASP F 183 30.41 41.06 12.00
N VAL F 184 30.65 39.75 11.94
CA VAL F 184 29.67 38.75 12.31
C VAL F 184 30.33 37.84 13.32
N THR F 185 29.86 37.91 14.56
CA THR F 185 30.35 37.01 15.59
C THR F 185 29.26 36.05 16.04
N GLN F 186 29.68 34.89 16.52
CA GLN F 186 28.75 33.84 16.93
C GLN F 186 29.23 33.20 18.22
N LYS F 187 28.31 33.11 19.19
CA LYS F 187 28.63 32.59 20.52
C LYS F 187 27.59 31.55 20.94
N LYS F 188 28.01 30.56 21.74
CA LYS F 188 27.03 29.62 22.31
C LYS F 188 26.30 30.31 23.45
N ASN F 189 25.04 29.98 23.60
CA ASN F 189 24.23 30.66 24.56
C ASN F 189 23.01 29.85 24.97
N SER F 190 22.70 29.96 26.27
CA SER F 190 21.73 29.09 26.91
C SER F 190 20.51 29.85 27.36
N VAL F 191 19.34 29.25 27.18
CA VAL F 191 18.08 29.87 27.53
C VAL F 191 17.39 28.97 28.54
N THR F 192 16.76 29.57 29.53
CA THR F 192 15.90 28.86 30.47
C THR F 192 14.72 29.77 30.77
N TYR F 193 13.65 29.24 31.34
CA TYR F 193 12.49 30.06 31.69
C TYR F 193 11.97 29.74 33.10
N SER F 194 11.12 30.62 33.62
CA SER F 194 10.54 30.42 34.94
C SER F 194 9.72 29.14 34.95
N CYS F 195 8.86 29.04 33.95
CA CYS F 195 7.93 27.93 33.82
C CYS F 195 8.66 26.60 33.68
N CYS F 196 9.78 26.61 32.96
CA CYS F 196 10.43 25.38 32.54
C CYS F 196 11.94 25.46 32.72
N PRO F 197 12.51 24.60 33.58
CA PRO F 197 13.92 24.72 33.94
C PRO F 197 14.93 23.95 33.06
N GLU F 198 14.50 23.23 32.03
CA GLU F 198 15.47 22.61 31.13
C GLU F 198 16.21 23.71 30.39
N ALA F 199 17.51 23.53 30.19
CA ALA F 199 18.29 24.49 29.41
C ALA F 199 18.13 24.22 27.92
N TYR F 200 17.89 25.27 27.14
CA TYR F 200 17.84 25.16 25.70
C TYR F 200 18.97 25.98 25.07
N GLU F 201 19.97 25.27 24.54
CA GLU F 201 21.10 25.88 23.88
C GLU F 201 20.72 26.53 22.58
N ASP F 202 21.39 27.63 22.28
CA ASP F 202 21.20 28.33 21.04
C ASP F 202 22.50 28.99 20.66
N VAL F 203 22.69 29.22 19.37
CA VAL F 203 23.86 29.98 18.94
C VAL F 203 23.39 31.42 18.67
N GLU F 204 24.09 32.38 19.26
CA GLU F 204 23.72 33.78 19.11
C GLU F 204 24.59 34.43 18.06
N VAL F 205 23.96 35.00 17.05
CA VAL F 205 24.68 35.57 15.92
C VAL F 205 24.64 37.10 16.01
N SER F 206 25.82 37.71 16.08
CA SER F 206 25.95 39.17 16.15
C SER F 206 26.31 39.76 14.78
N LEU F 207 25.30 40.30 14.12
CA LEU F 207 25.47 40.98 12.86
C LEU F 207 25.80 42.47 13.14
N ASN F 208 27.08 42.81 13.05
CA ASN F 208 27.54 44.19 13.19
C ASN F 208 27.62 44.82 11.79
N PHE F 209 26.68 45.71 11.51
CA PHE F 209 26.53 46.25 10.17
C PHE F 209 26.12 47.71 10.20
N ARG F 210 26.20 48.36 9.04
CA ARG F 210 25.79 49.76 8.88
C ARG F 210 25.38 50.03 7.45
N LYS F 211 24.70 51.15 7.23
CA LYS F 211 24.35 51.59 5.88
C LYS F 211 25.56 52.28 5.30
N LYS F 212 25.70 52.24 3.97
CA LYS F 212 26.83 52.88 3.30
C LYS F 212 26.67 54.40 3.30
N ASP G 1 13.76 8.64 33.31
CA ASP G 1 15.19 8.48 33.62
C ASP G 1 16.02 9.33 32.66
N TYR G 2 16.51 10.48 33.14
CA TYR G 2 17.16 11.43 32.25
CA TYR G 2 17.18 11.45 32.27
C TYR G 2 18.56 10.99 31.79
N LYS G 3 19.18 10.04 32.47
CA LYS G 3 20.47 9.57 31.98
C LYS G 3 20.29 8.59 30.82
N ASP G 4 19.04 8.28 30.48
CA ASP G 4 18.74 7.42 29.34
C ASP G 4 18.12 8.19 28.18
N ASP G 5 18.13 9.52 28.30
CA ASP G 5 17.47 10.38 27.32
C ASP G 5 17.97 10.16 25.90
N ASP G 6 19.27 9.96 25.74
CA ASP G 6 19.86 9.87 24.41
C ASP G 6 20.12 8.43 23.97
N ASP G 7 19.37 7.49 24.54
CA ASP G 7 19.33 6.13 24.00
C ASP G 7 18.44 6.18 22.76
N LYS G 8 19.04 6.06 21.57
CA LYS G 8 18.31 6.32 20.34
C LYS G 8 17.20 5.30 20.11
N LEU G 9 17.50 4.00 20.30
CA LEU G 9 16.52 2.94 20.10
C LEU G 9 15.29 3.15 20.99
N ASP G 10 15.54 3.54 22.23
CA ASP G 10 14.48 3.83 23.21
C ASP G 10 13.53 4.88 22.67
N ARG G 11 14.10 6.00 22.22
CA ARG G 11 13.32 7.10 21.67
C ARG G 11 12.48 6.65 20.48
N ALA G 12 13.09 5.92 19.56
CA ALA G 12 12.39 5.45 18.37
C ALA G 12 11.22 4.52 18.76
N ASP G 13 11.44 3.70 19.78
CA ASP G 13 10.42 2.77 20.23
C ASP G 13 9.28 3.49 20.93
N ILE G 14 9.60 4.55 21.64
CA ILE G 14 8.58 5.36 22.30
C ILE G 14 7.69 6.01 21.24
N LEU G 15 8.34 6.65 20.25
CA LEU G 15 7.65 7.23 19.11
C LEU G 15 6.79 6.19 18.36
N TYR G 16 7.34 5.00 18.15
CA TYR G 16 6.54 3.91 17.58
C TYR G 16 5.31 3.62 18.43
N ASN G 17 5.51 3.49 19.73
CA ASN G 17 4.41 3.25 20.67
C ASN G 17 3.36 4.34 20.65
N ILE G 18 3.83 5.60 20.72
CA ILE G 18 2.95 6.75 20.64
C ILE G 18 2.11 6.69 19.34
N ARG G 19 2.73 6.39 18.21
CA ARG G 19 2.01 6.38 16.92
C ARG G 19 1.00 5.23 16.78
N GLN G 20 1.32 4.08 17.37
CA GLN G 20 0.39 2.95 17.40
C GLN G 20 -0.84 3.30 18.23
N THR G 21 -0.60 3.97 19.35
CA THR G 21 -1.66 4.23 20.32
C THR G 21 -2.51 5.44 19.95
N SER G 22 -1.86 6.49 19.46
CA SER G 22 -2.50 7.76 19.21
C SER G 22 -3.64 7.67 18.21
N ARG G 23 -4.74 8.34 18.51
CA ARG G 23 -5.83 8.53 17.57
C ARG G 23 -5.95 10.05 17.35
N PRO G 24 -5.29 10.56 16.30
CA PRO G 24 -5.14 11.99 16.02
C PRO G 24 -6.47 12.71 15.80
N ASP G 25 -7.50 11.97 15.44
CA ASP G 25 -8.75 12.60 15.07
C ASP G 25 -9.83 12.47 16.15
N VAL G 26 -9.51 11.72 17.21
CA VAL G 26 -10.46 11.47 18.31
C VAL G 26 -10.02 12.17 19.59
N ILE G 27 -10.94 12.89 20.24
CA ILE G 27 -10.58 13.59 21.47
C ILE G 27 -10.23 12.59 22.58
N PRO G 28 -9.13 12.83 23.31
CA PRO G 28 -8.66 11.91 24.34
C PRO G 28 -9.35 12.14 25.68
N THR G 29 -10.68 12.03 25.69
CA THR G 29 -11.44 12.13 26.92
C THR G 29 -11.24 10.89 27.75
N GLN G 30 -10.84 11.10 28.99
CA GLN G 30 -10.60 9.99 29.89
C GLN G 30 -11.67 9.94 30.98
N ARG G 31 -12.19 8.74 31.20
CA ARG G 31 -13.24 8.48 32.20
C ARG G 31 -14.44 9.42 32.07
N ASP G 32 -14.89 9.61 30.83
CA ASP G 32 -16.13 10.35 30.55
C ASP G 32 -16.14 11.82 30.94
N ARG G 33 -14.98 12.39 31.26
CA ARG G 33 -14.92 13.81 31.53
C ARG G 33 -14.25 14.55 30.36
N PRO G 34 -14.51 15.86 30.23
CA PRO G 34 -13.93 16.64 29.11
C PRO G 34 -12.40 16.62 29.09
N VAL G 35 -11.82 16.79 27.91
CA VAL G 35 -10.38 17.03 27.81
C VAL G 35 -10.06 18.38 28.43
N ALA G 36 -9.22 18.38 29.47
CA ALA G 36 -8.76 19.63 30.07
C ALA G 36 -7.61 20.23 29.25
N VAL G 37 -7.84 21.36 28.56
CA VAL G 37 -6.75 21.98 27.81
C VAL G 37 -6.27 23.29 28.43
N SER G 38 -5.03 23.29 28.87
CA SER G 38 -4.41 24.47 29.44
C SER G 38 -3.80 25.35 28.37
N VAL G 39 -4.27 26.60 28.29
CA VAL G 39 -3.80 27.55 27.29
C VAL G 39 -3.23 28.79 27.99
N SER G 40 -2.16 29.33 27.43
CA SER G 40 -1.49 30.47 28.02
C SER G 40 -0.65 31.18 26.98
N LEU G 41 -1.00 32.42 26.66
CA LEU G 41 -0.27 33.16 25.63
C LEU G 41 0.86 33.98 26.22
N LYS G 42 2.08 33.74 25.75
CA LYS G 42 3.22 34.59 26.13
C LYS G 42 3.65 35.47 24.98
N PHE G 43 3.27 36.74 25.05
CA PHE G 43 3.49 37.68 23.95
C PHE G 43 4.97 37.98 23.75
N ILE G 44 5.35 38.05 22.48
CA ILE G 44 6.72 38.26 22.08
C ILE G 44 6.89 39.64 21.44
N ASN G 45 5.88 40.04 20.68
CA ASN G 45 6.02 41.26 19.94
C ASN G 45 4.70 41.81 19.46
N ILE G 46 4.67 43.13 19.35
CA ILE G 46 3.55 43.82 18.74
C ILE G 46 4.10 44.57 17.56
N LEU G 47 3.67 44.18 16.36
CA LEU G 47 4.31 44.60 15.13
C LEU G 47 3.59 45.76 14.47
N GLU G 48 2.29 45.60 14.26
CA GLU G 48 1.49 46.62 13.64
C GLU G 48 0.31 46.96 14.53
N VAL G 49 -0.04 48.23 14.56
CA VAL G 49 -1.13 48.71 15.38
C VAL G 49 -1.91 49.74 14.58
N ASN G 50 -3.24 49.68 14.65
CA ASN G 50 -4.07 50.68 14.01
C ASN G 50 -5.27 50.96 14.89
N GLU G 51 -5.50 52.24 15.16
CA GLU G 51 -6.55 52.65 16.08
C GLU G 51 -7.82 53.03 15.32
N ILE G 52 -7.70 53.20 14.00
CA ILE G 52 -8.88 53.51 13.19
C ILE G 52 -9.55 52.24 12.64
N THR G 53 -8.81 51.14 12.59
CA THR G 53 -9.38 49.89 12.12
C THR G 53 -9.62 48.98 13.31
N ASN G 54 -8.96 49.28 14.42
CA ASN G 54 -8.98 48.42 15.60
C ASN G 54 -8.43 47.04 15.29
N GLU G 55 -7.17 47.01 14.90
CA GLU G 55 -6.51 45.79 14.52
C GLU G 55 -5.10 45.76 15.08
N VAL G 56 -4.63 44.56 15.41
CA VAL G 56 -3.26 44.40 15.87
C VAL G 56 -2.65 43.18 15.21
N ASP G 57 -1.33 43.23 15.08
CA ASP G 57 -0.54 42.16 14.50
C ASP G 57 0.44 41.75 15.57
N VAL G 58 0.29 40.54 16.12
CA VAL G 58 1.15 40.15 17.23
C VAL G 58 1.82 38.80 17.03
N VAL G 59 2.88 38.58 17.80
CA VAL G 59 3.60 37.32 17.84
C VAL G 59 3.58 36.78 19.26
N PHE G 60 3.02 35.58 19.42
CA PHE G 60 2.97 34.99 20.76
C PHE G 60 3.30 33.50 20.77
N TRP G 61 3.70 33.02 21.93
CA TRP G 61 3.93 31.61 22.15
C TRP G 61 2.74 31.03 22.85
N GLN G 62 2.03 30.14 22.17
CA GLN G 62 0.83 29.55 22.73
C GLN G 62 1.23 28.34 23.55
N GLN G 63 1.49 28.54 24.84
CA GLN G 63 1.84 27.43 25.71
C GLN G 63 0.55 26.62 25.84
N THR G 64 0.59 25.37 25.40
CA THR G 64 -0.62 24.54 25.35
C THR G 64 -0.35 23.15 25.94
N THR G 65 -1.30 22.65 26.72
CA THR G 65 -1.14 21.36 27.40
C THR G 65 -2.45 20.67 27.67
N TRP G 66 -2.42 19.37 27.51
CA TRP G 66 -3.51 18.48 27.86
C TRP G 66 -2.80 17.19 28.17
N SER G 67 -3.55 16.18 28.60
CA SER G 67 -2.92 14.90 28.88
C SER G 67 -3.63 13.77 28.15
N ASP G 68 -2.86 12.74 27.81
CA ASP G 68 -3.44 11.50 27.32
C ASP G 68 -2.66 10.37 27.96
N ARG G 69 -3.20 9.86 29.06
CA ARG G 69 -2.51 8.86 29.86
C ARG G 69 -2.32 7.55 29.09
N THR G 70 -3.10 7.35 28.04
CA THR G 70 -2.90 6.21 27.15
C THR G 70 -1.55 6.28 26.42
N LEU G 71 -0.97 7.48 26.36
CA LEU G 71 0.35 7.65 25.75
C LEU G 71 1.47 7.36 26.75
N ALA G 72 1.15 7.36 28.05
CA ALA G 72 2.16 7.21 29.10
C ALA G 72 2.97 5.92 28.95
N TRP G 73 4.21 5.92 29.47
CA TRP G 73 5.03 4.72 29.50
C TRP G 73 5.92 4.70 30.73
N ASN G 74 6.60 3.57 30.91
CA ASN G 74 7.57 3.36 31.97
C ASN G 74 8.91 3.99 31.66
N SER G 75 9.24 5.11 32.28
CA SER G 75 10.53 5.74 31.99
C SER G 75 11.55 5.52 33.11
N SER G 76 11.39 4.44 33.86
CA SER G 76 12.37 4.09 34.87
C SER G 76 13.75 3.87 34.25
N HIS G 77 13.79 3.38 33.01
CA HIS G 77 15.06 3.16 32.32
C HIS G 77 14.98 3.51 30.85
N SER G 78 14.22 4.56 30.59
CA SER G 78 13.99 5.05 29.23
C SER G 78 13.81 6.57 29.28
N PRO G 79 13.90 7.23 28.11
CA PRO G 79 13.71 8.69 28.08
C PRO G 79 12.42 9.15 28.73
N ASP G 80 12.45 10.36 29.29
CA ASP G 80 11.32 10.94 30.01
C ASP G 80 10.37 11.59 29.04
N GLN G 81 10.93 12.06 27.93
CA GLN G 81 10.17 12.75 26.89
C GLN G 81 10.80 12.54 25.52
N VAL G 82 9.97 12.68 24.49
CA VAL G 82 10.46 12.74 23.13
C VAL G 82 9.67 13.81 22.42
N SER G 83 10.25 14.34 21.35
CA SER G 83 9.54 15.30 20.51
C SER G 83 8.75 14.49 19.51
N VAL G 84 7.57 14.98 19.13
CA VAL G 84 6.70 14.24 18.24
C VAL G 84 6.03 15.18 17.26
N PRO G 85 6.10 14.86 15.95
CA PRO G 85 5.33 15.64 14.96
C PRO G 85 3.86 15.67 15.35
N ILE G 86 3.23 16.83 15.33
CA ILE G 86 1.85 16.95 15.81
C ILE G 86 0.85 16.27 14.89
N SER G 87 1.26 15.96 13.67
CA SER G 87 0.38 15.23 12.76
C SER G 87 0.19 13.78 13.25
N SER G 88 1.07 13.31 14.13
CA SER G 88 0.88 12.00 14.74
C SER G 88 0.07 12.04 16.04
N LEU G 89 -0.45 13.22 16.40
CA LEU G 89 -1.12 13.39 17.67
C LEU G 89 -2.48 14.02 17.52
N TRP G 90 -3.37 13.78 18.47
CA TRP G 90 -4.53 14.63 18.56
C TRP G 90 -4.06 15.95 19.13
N VAL G 91 -4.56 17.02 18.54
CA VAL G 91 -4.32 18.38 19.02
C VAL G 91 -5.67 19.07 19.10
N PRO G 92 -5.92 19.82 20.18
CA PRO G 92 -7.20 20.54 20.28
C PRO G 92 -7.42 21.45 19.09
N ASP G 93 -8.66 21.59 18.67
CA ASP G 93 -8.99 22.36 17.50
C ASP G 93 -9.24 23.81 17.91
N LEU G 94 -8.23 24.41 18.53
CA LEU G 94 -8.31 25.79 19.01
C LEU G 94 -8.46 26.77 17.85
N ALA G 95 -9.21 27.85 18.08
CA ALA G 95 -9.28 28.97 17.13
C ALA G 95 -9.52 30.27 17.87
N ALA G 96 -8.96 31.36 17.36
CA ALA G 96 -9.23 32.67 17.91
C ALA G 96 -10.51 33.23 17.30
N TYR G 97 -11.48 33.56 18.14
CA TYR G 97 -12.81 33.95 17.65
C TYR G 97 -12.82 35.34 16.98
N ASN G 98 -11.92 36.21 17.38
CA ASN G 98 -11.84 37.55 16.81
C ASN G 98 -10.60 37.71 15.93
N ALA G 99 -10.06 36.61 15.45
CA ALA G 99 -8.94 36.67 14.52
C ALA G 99 -9.40 37.11 13.14
N ILE G 100 -8.60 37.93 12.46
CA ILE G 100 -8.95 38.38 11.11
C ILE G 100 -7.91 37.93 10.07
N SER G 101 -6.92 37.19 10.53
CA SER G 101 -5.97 36.54 9.64
C SER G 101 -5.68 35.11 10.11
N LYS G 102 -5.28 34.24 9.19
CA LYS G 102 -4.83 32.89 9.52
C LYS G 102 -3.76 32.95 10.60
N PRO G 103 -3.72 31.94 11.48
CA PRO G 103 -2.53 31.96 12.33
C PRO G 103 -1.35 31.54 11.49
N GLU G 104 -0.18 32.12 11.73
CA GLU G 104 0.98 31.72 10.98
C GLU G 104 1.97 31.13 11.97
N VAL G 105 2.35 29.88 11.75
CA VAL G 105 3.24 29.21 12.67
C VAL G 105 4.67 29.44 12.23
N LEU G 106 5.48 29.96 13.15
CA LEU G 106 6.83 30.35 12.81
C LEU G 106 7.80 29.27 13.25
N THR G 107 7.27 28.27 13.97
CA THR G 107 8.09 27.26 14.61
C THR G 107 7.82 25.86 14.10
N PRO G 108 8.80 24.97 14.27
CA PRO G 108 8.61 23.54 13.96
C PRO G 108 7.36 22.97 14.63
N GLN G 109 6.47 22.36 13.85
CA GLN G 109 5.24 21.82 14.42
C GLN G 109 5.47 20.47 15.13
N LEU G 110 6.13 20.56 16.27
CA LEU G 110 6.47 19.41 17.11
C LEU G 110 5.92 19.61 18.51
N ALA G 111 5.45 18.52 19.13
CA ALA G 111 5.03 18.59 20.53
C ALA G 111 6.01 17.80 21.40
N ARG G 112 5.92 17.97 22.70
CA ARG G 112 6.66 17.09 23.59
C ARG G 112 5.67 16.15 24.27
N VAL G 113 6.06 14.89 24.35
CA VAL G 113 5.23 13.90 25.03
C VAL G 113 6.01 13.35 26.21
N VAL G 114 5.43 13.54 27.40
CA VAL G 114 6.06 13.14 28.66
C VAL G 114 5.66 11.71 29.00
N SER G 115 6.55 10.96 29.64
CA SER G 115 6.23 9.57 29.96
C SER G 115 4.98 9.39 30.84
N ASP G 116 4.45 10.49 31.39
CA ASP G 116 3.21 10.39 32.16
C ASP G 116 1.99 10.74 31.32
N GLY G 117 2.19 10.90 30.01
CA GLY G 117 1.09 11.11 29.08
C GLY G 117 0.69 12.57 28.92
N GLU G 118 1.50 13.47 29.50
CA GLU G 118 1.29 14.90 29.32
C GLU G 118 1.82 15.33 27.95
N VAL G 119 1.07 16.18 27.27
CA VAL G 119 1.47 16.66 25.96
C VAL G 119 1.66 18.17 26.00
N LEU G 120 2.87 18.61 25.67
CA LEU G 120 3.21 20.03 25.66
C LEU G 120 3.44 20.51 24.22
N TYR G 121 2.61 21.46 23.80
CA TYR G 121 2.74 22.07 22.47
C TYR G 121 2.85 23.60 22.58
N MET G 122 3.85 24.21 21.94
CA MET G 122 3.97 25.67 21.98
C MET G 122 4.45 26.29 20.66
N PRO G 123 3.52 26.51 19.75
CA PRO G 123 3.82 27.18 18.48
C PRO G 123 3.98 28.69 18.65
N SER G 124 4.98 29.26 17.98
CA SER G 124 5.10 30.70 17.89
C SER G 124 4.18 31.12 16.76
N ILE G 125 3.24 32.01 17.08
CA ILE G 125 2.20 32.37 16.16
C ILE G 125 2.21 33.87 15.88
N ARG G 126 2.09 34.20 14.59
CA ARG G 126 1.82 35.56 14.19
C ARG G 126 0.44 35.66 13.57
N GLN G 127 -0.36 36.58 14.08
CA GLN G 127 -1.76 36.66 13.69
C GLN G 127 -2.35 38.05 13.94
N ARG G 128 -3.30 38.43 13.09
CA ARG G 128 -4.00 39.71 13.22
C ARG G 128 -5.32 39.55 13.94
N PHE G 129 -5.71 40.60 14.66
CA PHE G 129 -6.93 40.56 15.45
C PHE G 129 -7.73 41.84 15.35
N SER G 130 -9.05 41.67 15.38
CA SER G 130 -9.96 42.77 15.63
C SER G 130 -10.16 42.89 17.15
N CYS G 131 -9.71 43.98 17.73
CA CYS G 131 -9.79 44.21 19.16
C CYS G 131 -9.75 45.73 19.44
N ASP G 132 -10.03 46.13 20.68
CA ASP G 132 -10.02 47.55 21.00
C ASP G 132 -8.60 48.09 21.12
N VAL G 133 -8.29 49.11 20.33
CA VAL G 133 -6.93 49.67 20.33
C VAL G 133 -6.95 51.10 20.88
N SER G 134 -8.14 51.61 21.14
CA SER G 134 -8.31 52.85 21.87
C SER G 134 -7.45 52.92 23.12
N GLY G 135 -6.60 53.94 23.21
CA GLY G 135 -5.79 54.14 24.40
C GLY G 135 -4.33 53.73 24.28
N VAL G 136 -3.96 53.16 23.14
CA VAL G 136 -2.58 52.70 22.90
C VAL G 136 -1.54 53.81 23.15
N ASP G 137 -1.89 55.04 22.75
CA ASP G 137 -1.02 56.18 22.92
C ASP G 137 -1.31 56.94 24.22
N THR G 138 -1.49 56.23 25.33
CA THR G 138 -1.71 56.89 26.62
C THR G 138 -0.93 56.23 27.74
N GLU G 139 -1.12 56.72 28.96
CA GLU G 139 -0.49 56.12 30.14
C GLU G 139 -1.29 54.88 30.53
N SER G 140 -2.56 54.87 30.13
CA SER G 140 -3.47 53.77 30.41
C SER G 140 -3.20 52.58 29.49
N GLY G 141 -2.87 52.89 28.25
CA GLY G 141 -2.64 51.86 27.25
C GLY G 141 -3.93 51.44 26.59
N ALA G 142 -3.85 50.46 25.70
CA ALA G 142 -5.04 49.83 25.15
C ALA G 142 -5.23 48.49 25.85
N THR G 143 -6.48 48.04 25.93
CA THR G 143 -6.75 46.69 26.40
C THR G 143 -7.35 45.92 25.24
N CYS G 144 -6.48 45.23 24.50
CA CYS G 144 -6.94 44.34 23.43
C CYS G 144 -7.31 42.96 24.00
N ARG G 145 -8.50 42.50 23.67
CA ARG G 145 -8.94 41.20 24.14
C ARG G 145 -8.89 40.12 23.05
N ILE G 146 -8.30 38.99 23.37
CA ILE G 146 -8.29 37.86 22.45
C ILE G 146 -8.95 36.64 23.07
N LYS G 147 -9.95 36.10 22.36
CA LYS G 147 -10.63 34.91 22.83
C LYS G 147 -10.27 33.69 21.97
N ILE G 148 -9.77 32.67 22.66
CA ILE G 148 -9.32 31.44 22.03
C ILE G 148 -10.06 30.25 22.60
N GLY G 149 -10.79 29.53 21.76
CA GLY G 149 -11.46 28.32 22.23
C GLY G 149 -11.45 27.18 21.21
N SER G 150 -12.10 26.08 21.57
CA SER G 150 -12.33 25.03 20.59
C SER G 150 -13.32 25.53 19.53
N TRP G 151 -13.05 25.18 18.28
CA TRP G 151 -13.94 25.56 17.18
C TRP G 151 -15.19 24.66 17.09
N THR G 152 -15.06 23.39 17.44
CA THR G 152 -16.17 22.45 17.24
C THR G 152 -16.52 21.59 18.45
N HIS G 153 -15.78 21.71 19.54
CA HIS G 153 -16.08 20.92 20.72
C HIS G 153 -16.67 21.75 21.85
N HIS G 154 -17.88 21.39 22.29
CA HIS G 154 -18.52 22.11 23.38
C HIS G 154 -17.91 21.71 24.72
N SER G 155 -18.41 22.31 25.80
CA SER G 155 -17.74 22.22 27.09
C SER G 155 -17.79 20.83 27.73
N ARG G 156 -18.73 19.99 27.29
CA ARG G 156 -18.75 18.58 27.74
C ARG G 156 -17.61 17.76 27.17
N GLU G 157 -16.95 18.28 26.12
CA GLU G 157 -15.92 17.54 25.41
C GLU G 157 -14.54 18.13 25.65
N ILE G 158 -14.42 19.44 25.46
CA ILE G 158 -13.18 20.14 25.77
C ILE G 158 -13.42 21.32 26.71
N SER G 159 -12.71 21.33 27.84
CA SER G 159 -12.67 22.51 28.67
C SER G 159 -11.34 23.26 28.48
N VAL G 160 -11.45 24.55 28.15
CA VAL G 160 -10.26 25.39 27.99
C VAL G 160 -9.97 26.14 29.28
N ASP G 161 -8.74 26.03 29.78
CA ASP G 161 -8.34 26.66 31.03
C ASP G 161 -7.06 27.48 30.91
N PRO G 162 -7.04 28.66 31.55
CA PRO G 162 -5.81 29.45 31.61
C PRO G 162 -4.87 28.90 32.67
N THR G 163 -3.64 28.58 32.28
CA THR G 163 -2.62 28.11 33.23
C THR G 163 -2.31 29.22 34.20
N THR G 164 -1.42 30.12 33.78
CA THR G 164 -1.14 31.34 34.53
C THR G 164 -2.39 32.22 34.50
N GLU G 165 -2.27 33.46 34.97
CA GLU G 165 -3.42 34.35 34.97
C GLU G 165 -3.00 35.80 34.75
N ASN G 166 -1.96 36.23 35.44
CA ASN G 166 -1.48 37.61 35.31
C ASN G 166 0.04 37.78 35.36
N SER G 167 0.56 38.42 34.32
CA SER G 167 1.97 38.67 34.16
C SER G 167 2.19 39.81 33.16
N ASP G 168 3.46 40.14 32.90
CA ASP G 168 3.81 41.18 31.95
C ASP G 168 4.65 40.60 30.81
N ASP G 169 4.77 39.27 30.80
CA ASP G 169 5.55 38.54 29.79
C ASP G 169 6.97 39.08 29.74
N SER G 170 7.49 39.39 30.92
CA SER G 170 8.83 39.95 31.11
C SER G 170 9.94 39.10 30.52
N GLU G 171 9.83 37.79 30.71
CA GLU G 171 10.86 36.87 30.28
C GLU G 171 10.77 36.58 28.78
N TYR G 172 9.75 37.14 28.14
CA TYR G 172 9.39 36.74 26.79
C TYR G 172 9.28 37.90 25.81
N PHE G 173 8.59 38.96 26.22
CA PHE G 173 8.35 40.06 25.31
C PHE G 173 9.65 40.72 24.87
N SER G 174 9.67 41.13 23.60
CA SER G 174 10.85 41.71 22.99
C SER G 174 11.24 43.05 23.63
N GLN G 175 12.50 43.18 24.01
CA GLN G 175 12.98 44.46 24.56
C GLN G 175 13.06 45.55 23.48
N TYR G 176 13.10 45.14 22.21
CA TYR G 176 13.27 46.11 21.12
C TYR G 176 11.95 46.42 20.44
N SER G 177 10.84 46.10 21.11
CA SER G 177 9.54 46.44 20.56
C SER G 177 9.26 47.93 20.72
N ARG G 178 8.52 48.48 19.77
CA ARG G 178 8.11 49.87 19.83
C ARG G 178 7.01 50.05 20.89
N PHE G 179 6.51 48.93 21.42
CA PHE G 179 5.47 48.96 22.45
C PHE G 179 5.93 48.26 23.72
N GLU G 180 5.17 48.48 24.79
CA GLU G 180 5.50 47.86 26.07
C GLU G 180 4.25 47.21 26.66
N ILE G 181 4.44 46.06 27.29
CA ILE G 181 3.33 45.35 27.91
C ILE G 181 3.12 45.82 29.33
N LEU G 182 1.93 46.36 29.60
CA LEU G 182 1.58 46.73 30.96
C LEU G 182 1.09 45.50 31.74
N ASP G 183 0.06 44.83 31.23
CA ASP G 183 -0.36 43.58 31.85
C ASP G 183 -1.07 42.67 30.86
N VAL G 184 -1.08 41.38 31.18
CA VAL G 184 -1.86 40.42 30.41
C VAL G 184 -2.70 39.60 31.38
N THR G 185 -4.02 39.68 31.24
CA THR G 185 -4.92 38.85 32.05
C THR G 185 -5.54 37.75 31.16
N GLN G 186 -5.55 36.52 31.67
CA GLN G 186 -6.25 35.43 31.03
C GLN G 186 -7.29 34.85 31.98
N LYS G 187 -8.55 34.89 31.59
CA LYS G 187 -9.63 34.41 32.44
C LYS G 187 -10.55 33.45 31.67
N LYS G 188 -11.14 32.48 32.36
CA LYS G 188 -12.04 31.51 31.74
C LYS G 188 -13.33 32.18 31.28
N ASN G 189 -13.98 31.59 30.29
CA ASN G 189 -15.14 32.21 29.68
C ASN G 189 -15.94 31.22 28.83
N SER G 190 -17.26 31.37 28.84
CA SER G 190 -18.08 30.48 28.02
C SER G 190 -18.83 31.28 26.98
N VAL G 191 -18.95 30.69 25.79
CA VAL G 191 -19.66 31.31 24.69
C VAL G 191 -20.92 30.49 24.40
N THR G 192 -22.02 31.17 24.09
CA THR G 192 -23.24 30.52 23.60
C THR G 192 -23.91 31.40 22.57
N TYR G 193 -24.85 30.83 21.81
CA TYR G 193 -25.58 31.61 20.82
C TYR G 193 -27.06 31.27 20.83
N SER G 194 -27.87 32.14 20.25
CA SER G 194 -29.31 31.92 20.14
C SER G 194 -29.61 30.66 19.34
N CYS G 195 -28.71 30.33 18.42
CA CYS G 195 -28.89 29.18 17.54
C CYS G 195 -28.42 27.89 18.20
N CYS G 196 -27.42 28.03 19.07
CA CYS G 196 -26.68 26.88 19.56
C CYS G 196 -26.50 27.00 21.07
N PRO G 197 -27.43 26.40 21.84
CA PRO G 197 -27.52 26.48 23.30
C PRO G 197 -26.40 25.77 24.06
N GLU G 198 -25.55 25.03 23.37
CA GLU G 198 -24.44 24.36 24.02
C GLU G 198 -23.27 25.32 24.28
N ALA G 199 -22.65 25.20 25.45
CA ALA G 199 -21.57 26.09 25.85
C ALA G 199 -20.23 25.73 25.21
N TYR G 200 -19.48 26.75 24.83
CA TYR G 200 -18.12 26.60 24.35
C TYR G 200 -17.21 27.38 25.28
N GLU G 201 -16.25 26.70 25.90
CA GLU G 201 -15.33 27.37 26.80
C GLU G 201 -14.24 28.04 25.99
N ASP G 202 -13.74 29.17 26.50
CA ASP G 202 -12.59 29.82 25.90
C ASP G 202 -11.74 30.45 26.99
N VAL G 203 -10.51 30.78 26.63
CA VAL G 203 -9.69 31.59 27.50
C VAL G 203 -9.65 33.00 26.93
N GLU G 204 -10.24 33.94 27.64
CA GLU G 204 -10.18 35.34 27.22
C GLU G 204 -8.84 35.90 27.67
N VAL G 205 -8.15 36.55 26.74
CA VAL G 205 -6.84 37.11 27.03
C VAL G 205 -6.86 38.64 26.87
N SER G 206 -6.54 39.35 27.94
CA SER G 206 -6.51 40.82 27.89
C SER G 206 -5.08 41.29 27.72
N LEU G 207 -4.80 41.98 26.63
CA LEU G 207 -3.46 42.51 26.39
C LEU G 207 -3.42 44.02 26.69
N ASN G 208 -2.77 44.37 27.79
CA ASN G 208 -2.67 45.76 28.20
C ASN G 208 -1.29 46.31 27.87
N PHE G 209 -1.25 47.19 26.87
CA PHE G 209 0.00 47.67 26.29
C PHE G 209 -0.14 49.12 25.85
N ARG G 210 0.99 49.82 25.72
CA ARG G 210 1.00 51.21 25.28
C ARG G 210 2.24 51.47 24.46
N LYS G 211 2.20 52.47 23.59
CA LYS G 211 3.39 52.88 22.84
C LYS G 211 4.42 53.48 23.80
N LYS G 212 5.70 53.16 23.57
CA LYS G 212 6.79 53.80 24.30
C LYS G 212 7.09 55.19 23.73
N GLY G 213 6.86 56.24 24.52
CA GLY G 213 7.13 57.62 24.13
C GLY G 213 6.56 58.04 22.76
N ARG G 214 5.47 58.81 22.69
CA ARG G 214 4.76 59.51 23.77
C ARG G 214 5.67 60.42 24.59
N ASP H 1 -26.75 9.56 23.66
CA ASP H 1 -27.19 10.41 24.76
C ASP H 1 -25.99 11.08 25.44
N TYR H 2 -26.25 12.21 26.09
CA TYR H 2 -25.16 13.12 26.46
C TYR H 2 -24.18 12.58 27.49
N LYS H 3 -24.60 11.57 28.26
CA LYS H 3 -23.72 11.03 29.28
C LYS H 3 -22.73 10.04 28.66
N ASP H 4 -22.88 9.78 27.36
CA ASP H 4 -21.95 8.91 26.66
C ASP H 4 -21.12 9.66 25.62
N ASP H 5 -21.22 10.99 25.62
CA ASP H 5 -20.51 11.84 24.65
C ASP H 5 -19.00 11.61 24.75
N ASP H 6 -18.50 11.42 25.97
CA ASP H 6 -17.07 11.29 26.23
C ASP H 6 -16.52 9.84 26.29
N ASP H 7 -17.32 8.86 25.87
CA ASP H 7 -16.80 7.51 25.67
C ASP H 7 -15.92 7.53 24.42
N LYS H 8 -14.61 7.52 24.62
CA LYS H 8 -13.64 7.65 23.55
C LYS H 8 -13.72 6.53 22.48
N LEU H 9 -13.82 5.29 22.91
CA LEU H 9 -13.93 4.16 21.97
C LEU H 9 -15.18 4.30 21.12
N ASP H 10 -16.29 4.75 21.71
CA ASP H 10 -17.50 5.04 20.96
C ASP H 10 -17.21 6.08 19.88
N ARG H 11 -16.50 7.14 20.25
CA ARG H 11 -16.22 8.22 19.32
C ARG H 11 -15.36 7.74 18.15
N ALA H 12 -14.30 7.00 18.48
CA ALA H 12 -13.42 6.42 17.48
C ALA H 12 -14.18 5.53 16.52
N ASP H 13 -15.15 4.78 17.05
CA ASP H 13 -15.93 3.82 16.26
C ASP H 13 -16.93 4.50 15.36
N ILE H 14 -17.55 5.56 15.87
CA ILE H 14 -18.41 6.39 15.04
C ILE H 14 -17.60 6.97 13.89
N LEU H 15 -16.43 7.51 14.20
CA LEU H 15 -15.59 8.10 13.15
C LEU H 15 -15.22 7.06 12.11
N TYR H 16 -14.80 5.89 12.58
CA TYR H 16 -14.54 4.75 11.70
C TYR H 16 -15.72 4.43 10.78
N ASN H 17 -16.92 4.34 11.37
CA ASN H 17 -18.15 4.09 10.61
C ASN H 17 -18.45 5.18 9.57
N ILE H 18 -18.35 6.44 10.01
CA ILE H 18 -18.53 7.56 9.11
C ILE H 18 -17.55 7.45 7.96
N ARG H 19 -16.28 7.20 8.27
CA ARG H 19 -15.27 7.10 7.22
C ARG H 19 -15.53 5.93 6.27
N GLN H 20 -16.12 4.85 6.76
CA GLN H 20 -16.39 3.68 5.93
C GLN H 20 -17.60 3.92 5.03
N THR H 21 -18.61 4.60 5.57
CA THR H 21 -19.82 4.87 4.81
C THR H 21 -19.65 6.07 3.85
N SER H 22 -18.84 7.05 4.27
CA SER H 22 -18.72 8.32 3.57
C SER H 22 -18.13 8.23 2.17
N ARG H 23 -18.83 8.79 1.19
CA ARG H 23 -18.29 8.97 -0.16
C ARG H 23 -18.05 10.45 -0.41
N PRO H 24 -16.83 10.92 -0.13
CA PRO H 24 -16.55 12.35 -0.16
C PRO H 24 -16.68 13.00 -1.53
N ASP H 25 -16.79 12.23 -2.60
CA ASP H 25 -16.91 12.88 -3.91
C ASP H 25 -18.28 12.72 -4.57
N VAL H 26 -19.22 12.09 -3.88
CA VAL H 26 -20.53 11.83 -4.47
C VAL H 26 -21.59 12.61 -3.72
N ILE H 27 -22.51 13.27 -4.42
CA ILE H 27 -23.56 14.01 -3.69
C ILE H 27 -24.49 13.05 -2.95
N PRO H 28 -24.78 13.34 -1.68
CA PRO H 28 -25.61 12.44 -0.85
C PRO H 28 -27.10 12.59 -1.10
N THR H 29 -27.56 12.26 -2.30
CA THR H 29 -28.98 12.35 -2.62
C THR H 29 -29.80 11.25 -1.93
N GLN H 30 -30.63 11.68 -0.97
CA GLN H 30 -31.66 10.85 -0.35
C GLN H 30 -32.88 10.80 -1.28
N ARG H 31 -33.42 9.61 -1.48
CA ARG H 31 -34.45 9.40 -2.51
C ARG H 31 -33.94 9.96 -3.83
N ASP H 32 -34.83 10.52 -4.63
CA ASP H 32 -34.39 11.18 -5.87
C ASP H 32 -34.61 12.68 -5.82
N ARG H 33 -34.37 13.26 -4.66
CA ARG H 33 -34.51 14.69 -4.50
C ARG H 33 -33.11 15.30 -4.43
N PRO H 34 -32.98 16.55 -4.88
CA PRO H 34 -31.68 17.22 -4.71
C PRO H 34 -31.31 17.31 -3.24
N VAL H 35 -30.02 17.40 -2.99
CA VAL H 35 -29.53 17.58 -1.65
C VAL H 35 -29.84 18.99 -1.17
N ALA H 36 -30.53 19.09 -0.04
CA ALA H 36 -30.84 20.39 0.54
C ALA H 36 -29.67 20.94 1.36
N VAL H 37 -29.06 22.01 0.86
CA VAL H 37 -28.00 22.70 1.59
C VAL H 37 -28.53 24.01 2.18
N SER H 38 -28.31 24.21 3.46
CA SER H 38 -28.73 25.42 4.14
C SER H 38 -27.51 26.25 4.46
N VAL H 39 -27.49 27.48 3.96
CA VAL H 39 -26.37 28.41 4.19
C VAL H 39 -26.81 29.71 4.86
N SER H 40 -26.03 30.15 5.85
CA SER H 40 -26.27 31.44 6.50
C SER H 40 -24.97 32.16 6.81
N LEU H 41 -24.77 33.36 6.26
CA LEU H 41 -23.57 34.10 6.59
C LEU H 41 -23.83 34.94 7.84
N LYS H 42 -22.99 34.76 8.85
CA LYS H 42 -22.97 35.66 9.99
C LYS H 42 -21.68 36.48 9.92
N PHE H 43 -21.81 37.75 9.57
CA PHE H 43 -20.65 38.61 9.39
C PHE H 43 -19.97 38.94 10.71
N ILE H 44 -18.65 38.87 10.72
CA ILE H 44 -17.88 39.11 11.92
C ILE H 44 -17.18 40.46 11.82
N ASN H 45 -16.70 40.80 10.64
CA ASN H 45 -16.02 42.07 10.46
C ASN H 45 -15.91 42.51 9.00
N ILE H 46 -15.80 43.82 8.83
CA ILE H 46 -15.54 44.43 7.54
C ILE H 46 -14.21 45.15 7.65
N LEU H 47 -13.23 44.71 6.86
CA LEU H 47 -11.84 45.12 7.07
C LEU H 47 -11.44 46.31 6.21
N GLU H 48 -11.68 46.19 4.92
CA GLU H 48 -11.47 47.30 4.00
C GLU H 48 -12.73 47.50 3.18
N VAL H 49 -12.93 48.73 2.72
CA VAL H 49 -14.04 49.06 1.83
C VAL H 49 -13.55 50.12 0.84
N ASN H 50 -13.64 49.82 -0.45
CA ASN H 50 -13.19 50.76 -1.47
C ASN H 50 -14.34 51.28 -2.29
N GLU H 51 -14.62 52.56 -2.11
CA GLU H 51 -15.76 53.23 -2.74
C GLU H 51 -15.61 53.35 -4.26
N ILE H 52 -14.37 53.40 -4.76
CA ILE H 52 -14.17 53.62 -6.19
C ILE H 52 -13.92 52.32 -6.98
N THR H 53 -13.31 51.30 -6.36
CA THR H 53 -13.15 50.02 -7.05
C THR H 53 -14.35 49.12 -6.88
N ASN H 54 -15.23 49.44 -5.92
CA ASN H 54 -16.37 48.58 -5.55
C ASN H 54 -15.94 47.22 -5.01
N GLU H 55 -15.07 47.24 -4.00
CA GLU H 55 -14.60 46.03 -3.34
C GLU H 55 -14.76 46.13 -1.83
N VAL H 56 -15.21 45.05 -1.22
CA VAL H 56 -15.20 44.90 0.24
C VAL H 56 -14.35 43.71 0.66
N ASP H 57 -13.81 43.81 1.86
CA ASP H 57 -13.04 42.72 2.43
C ASP H 57 -13.72 42.33 3.74
N VAL H 58 -14.39 41.18 3.75
CA VAL H 58 -15.13 40.78 4.92
C VAL H 58 -14.59 39.51 5.57
N VAL H 59 -14.84 39.41 6.87
CA VAL H 59 -14.73 38.14 7.58
C VAL H 59 -16.13 37.70 7.99
N PHE H 60 -16.48 36.44 7.70
CA PHE H 60 -17.80 35.91 8.04
C PHE H 60 -17.79 34.42 8.42
N TRP H 61 -18.69 34.05 9.33
CA TRP H 61 -18.89 32.64 9.68
C TRP H 61 -19.99 32.06 8.78
N GLN H 62 -19.64 31.08 7.96
CA GLN H 62 -20.59 30.50 7.02
C GLN H 62 -21.30 29.28 7.61
N GLN H 63 -22.50 29.50 8.16
CA GLN H 63 -23.25 28.41 8.77
C GLN H 63 -23.80 27.50 7.67
N THR H 64 -23.36 26.25 7.67
CA THR H 64 -23.75 25.32 6.60
C THR H 64 -24.20 23.99 7.17
N THR H 65 -25.39 23.54 6.78
CA THR H 65 -25.85 22.20 7.11
C THR H 65 -26.47 21.54 5.93
N TRP H 66 -26.45 20.23 5.99
CA TRP H 66 -27.15 19.39 5.05
C TRP H 66 -27.26 18.08 5.80
N SER H 67 -27.95 17.10 5.22
CA SER H 67 -28.08 15.84 5.93
C SER H 67 -27.62 14.70 5.06
N ASP H 68 -27.07 13.66 5.69
CA ASP H 68 -26.69 12.43 5.01
C ASP H 68 -27.11 11.28 5.91
N ARG H 69 -28.29 10.74 5.68
CA ARG H 69 -28.85 9.78 6.61
C ARG H 69 -28.08 8.47 6.67
N THR H 70 -27.28 8.19 5.65
CA THR H 70 -26.48 6.98 5.68
C THR H 70 -25.41 7.10 6.77
N LEU H 71 -25.15 8.32 7.23
CA LEU H 71 -24.16 8.57 8.28
C LEU H 71 -24.80 8.43 9.67
N ALA H 72 -26.13 8.30 9.71
CA ALA H 72 -26.83 8.23 10.97
C ALA H 72 -26.47 6.98 11.76
N TRP H 73 -26.46 7.11 13.09
CA TRP H 73 -26.33 5.96 13.98
C TRP H 73 -27.27 6.05 15.18
N ASN H 74 -27.49 4.88 15.77
CA ASN H 74 -28.31 4.74 16.96
C ASN H 74 -27.55 5.26 18.20
N SER H 75 -28.03 6.36 18.77
CA SER H 75 -27.29 7.07 19.82
C SER H 75 -27.87 6.90 21.23
N SER H 76 -28.70 5.87 21.40
CA SER H 76 -29.24 5.50 22.71
C SER H 76 -28.18 5.46 23.80
N HIS H 77 -27.04 4.87 23.46
CA HIS H 77 -25.96 4.71 24.44
C HIS H 77 -24.62 5.02 23.82
N SER H 78 -24.58 6.08 23.02
CA SER H 78 -23.36 6.52 22.37
C SER H 78 -23.44 8.03 22.14
N PRO H 79 -22.30 8.67 21.79
CA PRO H 79 -22.26 10.12 21.53
C PRO H 79 -23.36 10.63 20.61
N ASP H 80 -23.84 11.82 20.91
CA ASP H 80 -24.81 12.53 20.07
C ASP H 80 -24.18 13.06 18.78
N GLN H 81 -22.91 13.44 18.88
CA GLN H 81 -22.22 14.18 17.83
C GLN H 81 -20.75 13.88 17.91
N VAL H 82 -20.08 13.82 16.77
CA VAL H 82 -18.62 13.85 16.76
C VAL H 82 -18.11 14.89 15.79
N SER H 83 -16.87 15.31 16.01
CA SER H 83 -16.15 16.16 15.06
C SER H 83 -15.40 15.33 14.02
N VAL H 84 -15.55 15.68 12.74
CA VAL H 84 -14.94 14.92 11.64
C VAL H 84 -14.21 15.86 10.68
N PRO H 85 -12.98 15.51 10.25
CA PRO H 85 -12.30 16.34 9.26
C PRO H 85 -13.06 16.33 7.95
N ILE H 86 -13.22 17.50 7.31
CA ILE H 86 -14.08 17.56 6.14
C ILE H 86 -13.52 16.77 4.95
N SER H 87 -12.22 16.50 4.96
CA SER H 87 -11.64 15.58 3.97
C SER H 87 -12.24 14.17 3.98
N SER H 88 -12.81 13.75 5.12
CA SER H 88 -13.53 12.47 5.22
C SER H 88 -15.01 12.55 4.84
N LEU H 89 -15.50 13.75 4.52
CA LEU H 89 -16.91 13.99 4.28
C LEU H 89 -17.13 14.58 2.90
N TRP H 90 -18.31 14.32 2.33
CA TRP H 90 -18.74 15.12 1.21
C TRP H 90 -19.10 16.51 1.74
N VAL H 91 -18.63 17.55 1.07
CA VAL H 91 -19.10 18.89 1.41
C VAL H 91 -19.50 19.56 0.11
N PRO H 92 -20.58 20.36 0.16
CA PRO H 92 -21.09 21.03 -1.05
C PRO H 92 -20.03 21.91 -1.68
N ASP H 93 -19.95 21.92 -3.02
CA ASP H 93 -18.97 22.71 -3.76
C ASP H 93 -19.41 24.18 -3.88
N LEU H 94 -19.56 24.86 -2.75
CA LEU H 94 -20.07 26.22 -2.76
C LEU H 94 -19.02 27.18 -3.30
N ALA H 95 -19.49 28.24 -3.96
CA ALA H 95 -18.60 29.29 -4.40
C ALA H 95 -19.36 30.61 -4.40
N ALA H 96 -18.66 31.68 -4.06
CA ALA H 96 -19.19 33.03 -4.23
C ALA H 96 -18.98 33.47 -5.66
N TYR H 97 -20.07 33.72 -6.37
CA TYR H 97 -19.99 34.05 -7.80
C TYR H 97 -19.36 35.44 -8.07
N ASN H 98 -19.31 36.33 -7.09
CA ASN H 98 -18.73 37.65 -7.31
C ASN H 98 -17.50 37.90 -6.42
N ALA H 99 -16.90 36.80 -5.97
CA ALA H 99 -15.67 36.87 -5.18
C ALA H 99 -14.50 37.32 -6.04
N ILE H 100 -13.57 38.05 -5.48
CA ILE H 100 -12.40 38.44 -6.25
C ILE H 100 -11.12 38.05 -5.53
N SER H 101 -11.26 37.27 -4.45
CA SER H 101 -10.11 36.58 -3.88
C SER H 101 -10.53 35.19 -3.46
N LYS H 102 -9.56 34.32 -3.19
CA LYS H 102 -9.80 33.01 -2.60
C LYS H 102 -10.47 33.20 -1.25
N PRO H 103 -11.35 32.28 -0.87
CA PRO H 103 -11.83 32.26 0.51
C PRO H 103 -10.73 31.75 1.45
N GLU H 104 -10.24 32.60 2.34
CA GLU H 104 -9.21 32.22 3.29
C GLU H 104 -9.86 31.70 4.58
N VAL H 105 -9.90 30.38 4.73
CA VAL H 105 -10.50 29.76 5.92
C VAL H 105 -9.61 29.95 7.15
N LEU H 106 -10.17 30.53 8.19
CA LEU H 106 -9.38 30.89 9.36
C LEU H 106 -9.55 29.90 10.52
N THR H 107 -10.29 28.82 10.29
CA THR H 107 -10.65 27.88 11.36
C THR H 107 -10.32 26.42 11.05
N PRO H 108 -10.19 25.58 12.09
CA PRO H 108 -10.00 24.15 11.85
C PRO H 108 -11.07 23.63 10.90
N GLN H 109 -10.64 22.86 9.91
CA GLN H 109 -11.56 22.39 8.87
C GLN H 109 -12.23 21.10 9.32
N LEU H 110 -13.08 21.25 10.34
CA LEU H 110 -13.82 20.15 10.95
C LEU H 110 -15.33 20.40 10.81
N ALA H 111 -16.09 19.33 10.60
CA ALA H 111 -17.55 19.44 10.68
C ALA H 111 -18.01 18.66 11.89
N ARG H 112 -19.24 18.92 12.32
CA ARG H 112 -19.88 18.08 13.33
C ARG H 112 -20.89 17.17 12.65
N VAL H 113 -20.82 15.89 12.95
CA VAL H 113 -21.83 14.96 12.46
C VAL H 113 -22.71 14.52 13.62
N VAL H 114 -24.01 14.77 13.48
CA VAL H 114 -25.02 14.39 14.45
C VAL H 114 -25.50 12.98 14.18
N SER H 115 -25.95 12.27 15.21
CA SER H 115 -26.40 10.87 15.07
C SER H 115 -27.58 10.69 14.11
N ASP H 116 -28.36 11.74 13.88
CA ASP H 116 -29.47 11.63 12.91
C ASP H 116 -28.96 11.80 11.48
N GLY H 117 -27.67 12.05 11.33
CA GLY H 117 -27.06 12.12 10.02
C GLY H 117 -26.99 13.54 9.50
N GLU H 118 -27.17 14.50 10.40
CA GLU H 118 -27.02 15.89 10.02
C GLU H 118 -25.56 16.34 10.11
N VAL H 119 -25.14 17.09 9.10
CA VAL H 119 -23.79 17.60 9.09
C VAL H 119 -23.80 19.11 9.28
N LEU H 120 -22.98 19.60 10.22
CA LEU H 120 -22.84 21.02 10.43
C LEU H 120 -21.40 21.44 10.20
N TYR H 121 -21.22 22.49 9.41
CA TYR H 121 -19.91 22.96 9.05
C TYR H 121 -19.93 24.49 9.03
N MET H 122 -19.00 25.10 9.76
CA MET H 122 -18.98 26.55 9.89
C MET H 122 -17.57 27.14 9.85
N PRO H 123 -16.97 27.22 8.66
CA PRO H 123 -15.69 27.93 8.59
C PRO H 123 -15.85 29.44 8.78
N SER H 124 -14.90 30.05 9.48
CA SER H 124 -14.73 31.50 9.44
C SER H 124 -13.93 31.84 8.20
N ILE H 125 -14.55 32.59 7.30
CA ILE H 125 -13.92 32.88 6.03
C ILE H 125 -13.62 34.37 5.90
N ARG H 126 -12.42 34.66 5.38
CA ARG H 126 -12.08 36.01 4.95
C ARG H 126 -11.97 36.05 3.43
N GLN H 127 -12.63 37.02 2.81
CA GLN H 127 -12.69 37.05 1.36
C GLN H 127 -13.04 38.45 0.84
N ARG H 128 -12.61 38.75 -0.39
CA ARG H 128 -12.91 40.02 -1.03
C ARG H 128 -14.01 39.87 -2.08
N PHE H 129 -14.88 40.85 -2.16
CA PHE H 129 -15.99 40.79 -3.10
C PHE H 129 -16.13 42.02 -3.98
N SER H 130 -16.69 41.83 -5.17
CA SER H 130 -17.13 42.92 -6.00
C SER H 130 -18.63 43.13 -5.76
N CYS H 131 -18.99 44.32 -5.31
CA CYS H 131 -20.39 44.66 -5.06
C CYS H 131 -20.59 46.17 -4.94
N ASP H 132 -21.84 46.59 -4.85
CA ASP H 132 -22.19 48.01 -4.76
C ASP H 132 -21.79 48.61 -3.42
N VAL H 133 -20.75 49.43 -3.44
CA VAL H 133 -20.17 49.98 -2.22
C VAL H 133 -20.61 51.44 -2.05
N SER H 134 -21.20 52.00 -3.11
CA SER H 134 -21.78 53.32 -3.01
C SER H 134 -22.77 53.28 -1.88
N GLY H 135 -22.55 54.13 -0.88
CA GLY H 135 -23.45 54.17 0.25
C GLY H 135 -22.86 54.03 1.64
N VAL H 136 -21.55 53.85 1.68
CA VAL H 136 -20.93 53.51 2.95
C VAL H 136 -20.96 54.70 3.93
N ASP H 137 -20.91 55.93 3.39
CA ASP H 137 -20.68 57.15 4.18
C ASP H 137 -21.90 57.94 4.64
N THR H 138 -23.05 57.64 4.04
CA THR H 138 -24.16 58.49 4.26
C THR H 138 -25.13 57.53 5.04
N GLU H 139 -26.40 57.90 5.25
CA GLU H 139 -27.64 57.15 4.91
C GLU H 139 -28.13 55.84 5.56
N SER H 140 -28.91 55.25 4.66
CA SER H 140 -29.35 53.86 4.61
C SER H 140 -28.21 52.84 4.52
N GLY H 141 -26.97 53.31 4.45
CA GLY H 141 -25.79 52.48 4.25
C GLY H 141 -25.55 52.08 2.79
N ALA H 142 -24.49 51.30 2.53
CA ALA H 142 -24.31 50.64 1.22
C ALA H 142 -24.98 49.28 1.28
N THR H 143 -25.42 48.75 0.15
CA THR H 143 -25.95 47.39 0.14
C THR H 143 -25.09 46.56 -0.78
N CYS H 144 -24.19 45.79 -0.19
CA CYS H 144 -23.35 44.86 -0.93
C CYS H 144 -23.98 43.48 -1.01
N ARG H 145 -24.15 43.00 -2.23
CA ARG H 145 -24.77 41.72 -2.51
C ARG H 145 -23.72 40.61 -2.73
N ILE H 146 -23.93 39.46 -2.10
CA ILE H 146 -23.02 38.33 -2.26
C ILE H 146 -23.80 37.08 -2.65
N LYS H 147 -23.42 36.47 -3.78
CA LYS H 147 -24.07 35.27 -4.31
C LYS H 147 -23.26 34.00 -4.09
N ILE H 148 -23.82 33.04 -3.36
CA ILE H 148 -23.16 31.77 -3.09
C ILE H 148 -24.03 30.59 -3.53
N GLY H 149 -23.49 29.76 -4.41
CA GLY H 149 -24.20 28.58 -4.88
C GLY H 149 -23.25 27.45 -5.24
N SER H 150 -23.81 26.32 -5.66
CA SER H 150 -22.96 25.23 -6.13
C SER H 150 -22.18 25.67 -7.36
N TRP H 151 -20.91 25.27 -7.45
CA TRP H 151 -20.14 25.62 -8.63
C TRP H 151 -20.42 24.70 -9.81
N THR H 152 -20.85 23.47 -9.54
CA THR H 152 -20.99 22.49 -10.62
C THR H 152 -22.29 21.68 -10.57
N HIS H 153 -23.06 21.82 -9.50
CA HIS H 153 -24.31 21.08 -9.39
C HIS H 153 -25.52 21.96 -9.64
N HIS H 154 -26.38 21.54 -10.57
CA HIS H 154 -27.58 22.31 -10.87
C HIS H 154 -28.71 21.96 -9.87
N SER H 155 -29.84 22.63 -10.05
CA SER H 155 -30.92 22.64 -9.06
C SER H 155 -31.55 21.27 -8.87
N ARG H 156 -31.33 20.37 -9.80
CA ARG H 156 -31.88 19.04 -9.66
C ARG H 156 -30.99 18.16 -8.76
N GLU H 157 -29.78 18.64 -8.47
CA GLU H 157 -28.78 17.90 -7.71
C GLU H 157 -28.53 18.52 -6.33
N ILE H 158 -28.39 19.85 -6.32
CA ILE H 158 -28.25 20.59 -5.07
C ILE H 158 -29.21 21.77 -5.06
N SER H 159 -29.97 21.90 -3.99
CA SER H 159 -30.72 23.13 -3.80
C SER H 159 -30.12 23.90 -2.61
N VAL H 160 -29.92 25.19 -2.83
CA VAL H 160 -29.34 26.05 -1.81
C VAL H 160 -30.44 26.84 -1.17
N ASP H 161 -30.46 26.85 0.15
CA ASP H 161 -31.54 27.49 0.87
C ASP H 161 -31.01 28.32 2.01
N PRO H 162 -31.33 29.62 2.01
CA PRO H 162 -30.92 30.45 3.14
C PRO H 162 -31.74 30.01 4.34
N THR H 163 -31.18 30.07 5.54
CA THR H 163 -32.01 29.71 6.67
C THR H 163 -32.69 30.95 7.25
N THR H 164 -31.93 32.03 7.48
CA THR H 164 -32.54 33.26 7.99
C THR H 164 -32.82 34.27 6.89
N GLU H 165 -33.93 35.00 7.02
CA GLU H 165 -34.20 36.08 6.09
C GLU H 165 -33.45 37.34 6.50
N ASN H 166 -34.01 38.08 7.45
CA ASN H 166 -33.38 39.30 7.95
C ASN H 166 -32.76 39.06 9.32
N SER H 167 -31.51 39.47 9.50
CA SER H 167 -30.85 39.34 10.78
C SER H 167 -30.00 40.57 11.09
N ASP H 168 -29.60 40.69 12.35
CA ASP H 168 -28.79 41.80 12.82
C ASP H 168 -27.32 41.39 12.80
N ASP H 169 -27.07 40.12 13.14
CA ASP H 169 -25.72 39.57 13.37
C ASP H 169 -25.11 40.16 14.63
N SER H 170 -25.95 40.52 15.58
CA SER H 170 -25.54 41.17 16.82
C SER H 170 -24.68 40.30 17.75
N GLU H 171 -24.82 38.99 17.65
CA GLU H 171 -24.04 38.12 18.51
C GLU H 171 -22.64 37.90 17.92
N TYR H 172 -22.47 38.34 16.68
CA TYR H 172 -21.30 37.97 15.88
C TYR H 172 -20.39 39.14 15.48
N PHE H 173 -20.99 40.21 14.95
CA PHE H 173 -20.20 41.33 14.42
C PHE H 173 -19.38 42.05 15.48
N SER H 174 -18.08 42.22 15.19
CA SER H 174 -17.14 42.90 16.07
C SER H 174 -17.64 44.30 16.39
N GLN H 175 -17.71 44.63 17.68
CA GLN H 175 -18.06 45.97 18.10
C GLN H 175 -16.95 46.94 17.73
N TYR H 176 -15.76 46.40 17.51
CA TYR H 176 -14.56 47.21 17.28
C TYR H 176 -14.41 47.62 15.82
N SER H 177 -15.25 47.04 14.96
CA SER H 177 -15.23 47.39 13.53
C SER H 177 -15.54 48.87 13.30
N ARG H 178 -14.93 49.46 12.27
CA ARG H 178 -15.21 50.86 11.94
C ARG H 178 -16.48 50.95 11.09
N PHE H 179 -17.11 49.80 10.87
CA PHE H 179 -18.42 49.77 10.23
C PHE H 179 -19.46 49.23 11.19
N GLU H 180 -20.72 49.47 10.85
CA GLU H 180 -21.80 48.87 11.61
C GLU H 180 -22.84 48.37 10.62
N ILE H 181 -23.54 47.31 11.00
CA ILE H 181 -24.45 46.67 10.08
C ILE H 181 -25.88 47.13 10.35
N LEU H 182 -26.64 47.36 9.28
CA LEU H 182 -28.01 47.84 9.41
C LEU H 182 -29.01 46.72 9.17
N ASP H 183 -28.65 45.79 8.29
CA ASP H 183 -29.49 44.65 8.00
C ASP H 183 -28.72 43.64 7.17
N VAL H 184 -29.01 42.35 7.39
CA VAL H 184 -28.52 41.31 6.49
C VAL H 184 -29.72 40.50 6.04
N THR H 185 -29.93 40.44 4.72
CA THR H 185 -31.04 39.66 4.20
C THR H 185 -30.54 38.56 3.25
N GLN H 186 -31.15 37.39 3.35
CA GLN H 186 -30.72 36.26 2.54
C GLN H 186 -31.90 35.65 1.82
N LYS H 187 -31.89 35.77 0.50
CA LYS H 187 -32.97 35.26 -0.32
C LYS H 187 -32.47 34.13 -1.20
N LYS H 188 -33.32 33.17 -1.48
CA LYS H 188 -33.01 32.15 -2.46
C LYS H 188 -32.97 32.83 -3.82
N ASN H 189 -32.11 32.35 -4.69
CA ASN H 189 -32.01 32.89 -6.02
C ASN H 189 -31.53 31.83 -6.98
N SER H 190 -31.80 32.03 -8.26
CA SER H 190 -31.60 31.00 -9.26
C SER H 190 -31.01 31.62 -10.52
N VAL H 191 -30.04 30.92 -11.09
CA VAL H 191 -29.18 31.48 -12.13
C VAL H 191 -29.09 30.59 -13.37
N THR H 192 -29.18 31.21 -14.56
CA THR H 192 -29.01 30.51 -15.82
C THR H 192 -28.19 31.35 -16.80
N TYR H 193 -27.75 30.70 -17.87
CA TYR H 193 -26.89 31.35 -18.85
C TYR H 193 -27.31 30.96 -20.25
N SER H 194 -27.08 31.87 -21.21
CA SER H 194 -27.39 31.65 -22.62
C SER H 194 -26.81 30.33 -23.11
N CYS H 195 -25.58 30.04 -22.69
CA CYS H 195 -24.91 28.80 -23.03
C CYS H 195 -25.53 27.58 -22.34
N CYS H 196 -25.94 27.76 -21.09
CA CYS H 196 -26.30 26.64 -20.22
C CYS H 196 -27.66 26.85 -19.57
N PRO H 197 -28.70 26.22 -20.14
CA PRO H 197 -30.09 26.49 -19.74
C PRO H 197 -30.44 26.00 -18.33
N GLU H 198 -29.76 24.97 -17.82
CA GLU H 198 -30.14 24.40 -16.53
C GLU H 198 -29.83 25.33 -15.36
N ALA H 199 -30.78 25.42 -14.44
CA ALA H 199 -30.73 26.38 -13.34
C ALA H 199 -29.80 25.96 -12.21
N TYR H 200 -28.93 26.88 -11.83
CA TYR H 200 -28.06 26.75 -10.66
C TYR H 200 -28.56 27.63 -9.54
N GLU H 201 -29.08 27.03 -8.47
CA GLU H 201 -29.56 27.79 -7.33
C GLU H 201 -28.43 28.46 -6.58
N ASP H 202 -28.76 29.45 -5.78
CA ASP H 202 -27.80 30.08 -4.87
C ASP H 202 -28.52 30.89 -3.80
N VAL H 203 -27.78 31.32 -2.78
CA VAL H 203 -28.32 32.30 -1.84
C VAL H 203 -27.72 33.67 -2.10
N GLU H 204 -28.57 34.69 -2.23
CA GLU H 204 -28.09 36.06 -2.32
C GLU H 204 -28.13 36.72 -0.95
N VAL H 205 -26.97 37.08 -0.45
CA VAL H 205 -26.83 37.71 0.85
C VAL H 205 -26.61 39.20 0.65
N SER H 206 -27.58 40.00 1.05
CA SER H 206 -27.46 41.45 0.91
C SER H 206 -27.00 42.05 2.24
N LEU H 207 -25.86 42.71 2.21
CA LEU H 207 -25.27 43.28 3.42
C LEU H 207 -25.45 44.80 3.45
N ASN H 208 -26.43 45.24 4.23
CA ASN H 208 -26.69 46.66 4.47
C ASN H 208 -25.77 47.19 5.58
N PHE H 209 -24.73 47.91 5.20
CA PHE H 209 -23.74 48.40 6.15
C PHE H 209 -23.35 49.86 5.88
N ARG H 210 -22.77 50.52 6.88
CA ARG H 210 -22.32 51.91 6.75
C ARG H 210 -21.20 52.25 7.73
N LYS H 211 -20.42 53.27 7.40
CA LYS H 211 -19.33 53.74 8.26
C LYS H 211 -19.89 54.39 9.54
N LYS H 212 -19.09 54.45 10.60
CA LYS H 212 -19.54 55.01 11.86
C LYS H 212 -19.34 56.52 11.94
N ASP I 1 -30.50 9.84 -18.62
CA ASP I 1 -31.86 10.12 -18.18
C ASP I 1 -31.87 11.03 -16.97
N TYR I 2 -32.42 12.24 -17.13
CA TYR I 2 -32.40 13.23 -16.06
C TYR I 2 -33.18 12.78 -14.83
N LYS I 3 -34.15 11.89 -15.02
CA LYS I 3 -34.98 11.38 -13.91
C LYS I 3 -34.18 10.44 -13.00
N ASP I 4 -32.99 10.06 -13.46
CA ASP I 4 -32.11 9.21 -12.67
C ASP I 4 -30.88 9.97 -12.18
N ASP I 5 -30.88 11.30 -12.36
CA ASP I 5 -29.77 12.13 -11.89
C ASP I 5 -29.40 11.87 -10.43
N ASP I 6 -30.40 11.73 -9.58
CA ASP I 6 -30.14 11.70 -8.13
C ASP I 6 -30.04 10.27 -7.58
N ASP I 7 -29.99 9.27 -8.45
CA ASP I 7 -29.63 7.92 -8.00
C ASP I 7 -28.16 7.92 -7.58
N LYS I 8 -27.93 7.91 -6.26
CA LYS I 8 -26.60 8.07 -5.68
C LYS I 8 -25.63 6.93 -6.05
N LEU I 9 -26.11 5.69 -5.95
CA LEU I 9 -25.30 4.52 -6.30
C LEU I 9 -24.80 4.59 -7.75
N ASP I 10 -25.69 4.96 -8.67
CA ASP I 10 -25.31 5.19 -10.07
C ASP I 10 -24.18 6.22 -10.19
N ARG I 11 -24.34 7.37 -9.53
CA ARG I 11 -23.31 8.39 -9.55
C ARG I 11 -21.99 7.83 -9.02
N ALA I 12 -22.09 7.03 -7.96
CA ALA I 12 -20.92 6.45 -7.32
C ALA I 12 -20.18 5.54 -8.30
N ASP I 13 -20.95 4.76 -9.05
CA ASP I 13 -20.38 3.84 -10.02
C ASP I 13 -19.77 4.52 -11.25
N ILE I 14 -20.47 5.55 -11.76
CA ILE I 14 -19.96 6.32 -12.87
C ILE I 14 -18.62 6.93 -12.46
N LEU I 15 -18.57 7.50 -11.25
CA LEU I 15 -17.33 8.05 -10.71
C LEU I 15 -16.22 7.03 -10.58
N TYR I 16 -16.60 5.82 -10.17
CA TYR I 16 -15.69 4.69 -10.15
C TYR I 16 -15.23 4.34 -11.57
N ASN I 17 -16.17 4.30 -12.51
CA ASN I 17 -15.83 3.99 -13.88
C ASN I 17 -14.84 4.99 -14.47
N ILE I 18 -15.07 6.26 -14.19
CA ILE I 18 -14.21 7.30 -14.72
C ILE I 18 -12.79 7.18 -14.14
N ARG I 19 -12.69 6.93 -12.85
CA ARG I 19 -11.39 6.81 -12.21
C ARG I 19 -10.58 5.66 -12.74
N GLN I 20 -11.27 4.56 -13.04
CA GLN I 20 -10.65 3.40 -13.63
C GLN I 20 -10.15 3.68 -15.04
N THR I 21 -10.95 4.39 -15.81
CA THR I 21 -10.63 4.59 -17.22
C THR I 21 -9.64 5.72 -17.42
N SER I 22 -9.70 6.72 -16.55
CA SER I 22 -8.97 7.97 -16.74
C SER I 22 -7.45 7.82 -16.60
N ARG I 23 -6.73 8.42 -17.54
CA ARG I 23 -5.29 8.63 -17.41
C ARG I 23 -5.03 10.10 -17.27
N PRO I 24 -4.88 10.60 -16.03
CA PRO I 24 -4.77 12.05 -15.76
C PRO I 24 -3.55 12.66 -16.42
N ASP I 25 -2.57 11.83 -16.78
CA ASP I 25 -1.32 12.35 -17.32
C ASP I 25 -1.10 12.11 -18.83
N VAL I 26 -2.05 11.46 -19.50
CA VAL I 26 -1.86 11.11 -20.90
C VAL I 26 -2.87 11.84 -21.76
N ILE I 27 -2.46 12.45 -22.87
CA ILE I 27 -3.46 13.24 -23.60
C ILE I 27 -4.43 12.28 -24.24
N PRO I 28 -5.73 12.61 -24.15
CA PRO I 28 -6.85 11.79 -24.61
C PRO I 28 -7.11 11.92 -26.11
N THR I 29 -6.10 11.65 -26.93
CA THR I 29 -6.26 11.73 -28.39
C THR I 29 -7.03 10.56 -28.95
N GLN I 30 -8.17 10.85 -29.58
CA GLN I 30 -8.95 9.83 -30.27
C GLN I 30 -8.83 9.95 -31.79
N ARG I 31 -8.87 8.81 -32.48
CA ARG I 31 -8.75 8.73 -33.94
C ARG I 31 -7.43 9.29 -34.48
N ASP I 32 -6.38 9.22 -33.68
CA ASP I 32 -5.07 9.83 -34.00
C ASP I 32 -5.17 11.25 -34.55
N ARG I 33 -6.14 12.00 -34.01
CA ARG I 33 -6.20 13.43 -34.26
C ARG I 33 -5.81 14.12 -32.97
N PRO I 34 -5.40 15.39 -33.06
CA PRO I 34 -5.09 16.10 -31.81
C PRO I 34 -6.33 16.25 -30.97
N VAL I 35 -6.15 16.40 -29.65
CA VAL I 35 -7.25 16.68 -28.76
C VAL I 35 -7.76 18.09 -29.04
N ALA I 36 -9.03 18.21 -29.44
CA ALA I 36 -9.63 19.53 -29.62
C ALA I 36 -10.01 20.13 -28.28
N VAL I 37 -9.33 21.18 -27.86
CA VAL I 37 -9.66 21.87 -26.62
C VAL I 37 -10.36 23.21 -26.88
N SER I 38 -11.64 23.30 -26.55
CA SER I 38 -12.37 24.56 -26.70
C SER I 38 -12.20 25.44 -25.47
N VAL I 39 -11.64 26.61 -25.70
CA VAL I 39 -11.35 27.55 -24.64
C VAL I 39 -12.04 28.86 -24.94
N SER I 40 -12.75 29.43 -23.98
CA SER I 40 -13.21 30.80 -24.12
C SER I 40 -13.20 31.47 -22.77
N LEU I 41 -12.76 32.73 -22.72
CA LEU I 41 -12.79 33.47 -21.48
C LEU I 41 -14.06 34.33 -21.38
N LYS I 42 -14.71 34.30 -20.22
CA LYS I 42 -15.82 35.20 -19.95
C LYS I 42 -15.40 36.10 -18.81
N PHE I 43 -15.11 37.36 -19.14
CA PHE I 43 -14.54 38.26 -18.16
C PHE I 43 -15.57 38.61 -17.10
N ILE I 44 -15.14 38.65 -15.86
CA ILE I 44 -16.04 38.95 -14.76
C ILE I 44 -15.76 40.35 -14.24
N ASN I 45 -14.49 40.72 -14.20
CA ASN I 45 -14.10 42.01 -13.66
C ASN I 45 -12.71 42.42 -14.08
N ILE I 46 -12.55 43.72 -14.29
CA ILE I 46 -11.25 44.31 -14.48
C ILE I 46 -10.96 45.14 -13.22
N LEU I 47 -9.93 44.77 -12.49
CA LEU I 47 -9.75 45.26 -11.12
C LEU I 47 -8.78 46.43 -10.99
N GLU I 48 -7.59 46.29 -11.58
CA GLU I 48 -6.56 47.31 -11.52
C GLU I 48 -5.87 47.37 -12.85
N VAL I 49 -5.83 48.54 -13.47
CA VAL I 49 -5.03 48.70 -14.67
C VAL I 49 -4.01 49.80 -14.45
N ASN I 50 -2.85 49.60 -15.07
CA ASN I 50 -1.78 50.56 -15.04
C ASN I 50 -1.32 50.83 -16.46
N GLU I 51 -1.54 52.06 -16.94
CA GLU I 51 -1.20 52.39 -18.33
C GLU I 51 0.28 52.70 -18.47
N ILE I 52 0.91 53.10 -17.36
CA ILE I 52 2.36 53.25 -17.29
C ILE I 52 3.07 51.90 -17.49
N THR I 53 2.88 50.99 -16.54
CA THR I 53 3.56 49.68 -16.58
C THR I 53 2.96 48.68 -17.56
N ASN I 54 1.80 49.00 -18.11
CA ASN I 54 1.10 48.11 -19.03
C ASN I 54 0.76 46.75 -18.40
N GLU I 55 0.06 46.81 -17.27
CA GLU I 55 -0.41 45.63 -16.58
C GLU I 55 -1.93 45.68 -16.37
N VAL I 56 -2.57 44.51 -16.46
CA VAL I 56 -3.98 44.41 -16.09
C VAL I 56 -4.18 43.29 -15.08
N ASP I 57 -5.22 43.45 -14.27
CA ASP I 57 -5.52 42.52 -13.21
C ASP I 57 -7.00 42.18 -13.31
N VAL I 58 -7.30 41.00 -13.81
CA VAL I 58 -8.69 40.67 -14.13
C VAL I 58 -9.20 39.39 -13.47
N VAL I 59 -10.50 39.17 -13.62
CA VAL I 59 -11.15 37.97 -13.17
C VAL I 59 -11.99 37.45 -14.32
N PHE I 60 -11.82 36.17 -14.66
CA PHE I 60 -12.62 35.57 -15.70
C PHE I 60 -13.01 34.12 -15.39
N TRP I 61 -14.08 33.66 -16.03
CA TRP I 61 -14.40 32.25 -16.01
C TRP I 61 -13.82 31.65 -17.26
N GLN I 62 -12.85 30.76 -17.08
CA GLN I 62 -12.27 30.08 -18.23
C GLN I 62 -13.13 28.89 -18.65
N GLN I 63 -13.97 29.10 -19.66
CA GLN I 63 -14.82 28.02 -20.14
C GLN I 63 -13.97 27.06 -20.95
N THR I 64 -13.87 25.82 -20.47
CA THR I 64 -12.99 24.87 -21.13
C THR I 64 -13.75 23.57 -21.39
N THR I 65 -13.58 23.00 -22.57
CA THR I 65 -14.27 21.76 -22.95
CA THR I 65 -14.21 21.71 -22.82
C THR I 65 -13.43 20.89 -23.87
N TRP I 66 -13.57 19.58 -23.75
CA TRP I 66 -12.95 18.64 -24.68
C TRP I 66 -13.67 17.32 -24.53
N SER I 67 -13.37 16.40 -25.42
CA SER I 67 -14.00 15.11 -25.38
C SER I 67 -13.00 14.04 -24.98
N ASP I 68 -13.48 13.03 -24.25
CA ASP I 68 -12.73 11.81 -23.98
C ASP I 68 -13.73 10.67 -24.06
N ARG I 69 -13.94 10.14 -25.27
CA ARG I 69 -15.03 9.20 -25.46
C ARG I 69 -14.85 7.89 -24.69
N THR I 70 -13.66 7.65 -24.15
CA THR I 70 -13.49 6.43 -23.37
C THR I 70 -14.23 6.60 -22.05
N LEU I 71 -14.55 7.85 -21.70
CA LEU I 71 -15.25 8.12 -20.45
C LEU I 71 -16.76 7.94 -20.59
N ALA I 72 -17.23 7.76 -21.83
CA ALA I 72 -18.66 7.73 -22.12
C ALA I 72 -19.34 6.50 -21.50
N TRP I 73 -20.65 6.59 -21.24
CA TRP I 73 -21.43 5.48 -20.69
C TRP I 73 -22.87 5.61 -21.17
N ASN I 74 -23.62 4.51 -21.30
CA ASN I 74 -25.05 4.66 -21.62
C ASN I 74 -25.77 5.25 -20.40
N SER I 75 -26.52 6.33 -20.63
CA SER I 75 -27.29 6.93 -19.56
C SER I 75 -28.80 6.82 -19.78
N SER I 76 -29.24 5.79 -20.50
CA SER I 76 -30.66 5.41 -20.62
C SER I 76 -31.37 5.44 -19.28
N HIS I 77 -30.73 4.93 -18.25
CA HIS I 77 -31.36 4.86 -16.94
C HIS I 77 -30.37 5.19 -15.84
N SER I 78 -29.51 6.17 -16.10
CA SER I 78 -28.51 6.62 -15.13
C SER I 78 -28.27 8.13 -15.29
N PRO I 79 -27.50 8.75 -14.38
CA PRO I 79 -27.30 10.19 -14.54
C PRO I 79 -26.62 10.56 -15.86
N ASP I 80 -26.84 11.81 -16.28
CA ASP I 80 -26.33 12.33 -17.53
C ASP I 80 -24.95 12.92 -17.38
N GLN I 81 -24.68 13.42 -16.17
CA GLN I 81 -23.46 14.13 -15.84
C GLN I 81 -23.13 13.86 -14.37
N VAL I 82 -21.84 13.83 -14.06
CA VAL I 82 -21.40 13.85 -12.67
C VAL I 82 -20.28 14.86 -12.48
N SER I 83 -20.16 15.40 -11.27
CA SER I 83 -19.02 16.23 -10.94
C SER I 83 -17.86 15.33 -10.52
N VAL I 84 -16.65 15.75 -10.85
CA VAL I 84 -15.45 14.95 -10.71
C VAL I 84 -14.32 15.87 -10.36
N PRO I 85 -13.54 15.56 -9.31
CA PRO I 85 -12.31 16.29 -9.02
C PRO I 85 -11.31 16.19 -10.18
N ILE I 86 -10.82 17.32 -10.67
CA ILE I 86 -9.92 17.32 -11.84
C ILE I 86 -8.65 16.53 -11.59
N SER I 87 -8.25 16.35 -10.33
CA SER I 87 -7.13 15.47 -10.02
C SER I 87 -7.38 14.03 -10.51
N SER I 88 -8.63 13.65 -10.73
CA SER I 88 -8.92 12.34 -11.35
C SER I 88 -8.94 12.39 -12.88
N LEU I 89 -8.79 13.57 -13.46
CA LEU I 89 -8.96 13.74 -14.91
C LEU I 89 -7.71 14.25 -15.58
N TRP I 90 -7.55 13.92 -16.85
CA TRP I 90 -6.65 14.69 -17.68
C TRP I 90 -7.28 16.05 -17.86
N VAL I 91 -6.45 17.08 -17.72
CA VAL I 91 -6.81 18.46 -17.94
C VAL I 91 -5.72 19.10 -18.81
N PRO I 92 -6.10 19.93 -19.81
CA PRO I 92 -5.08 20.49 -20.69
C PRO I 92 -4.11 21.36 -19.94
N ASP I 93 -2.85 21.34 -20.33
CA ASP I 93 -1.86 22.11 -19.62
C ASP I 93 -1.83 23.55 -20.15
N LEU I 94 -2.92 24.27 -19.94
CA LEU I 94 -3.03 25.61 -20.48
C LEU I 94 -2.17 26.59 -19.70
N ALA I 95 -1.60 27.56 -20.41
CA ALA I 95 -0.90 28.66 -19.75
C ALA I 95 -1.07 29.97 -20.52
N ALA I 96 -1.07 31.08 -19.80
CA ALA I 96 -1.11 32.39 -20.44
C ALA I 96 0.31 32.86 -20.73
N TYR I 97 0.64 33.01 -22.01
CA TYR I 97 1.99 33.39 -22.41
C TYR I 97 2.37 34.80 -21.92
N ASN I 98 1.40 35.68 -21.72
CA ASN I 98 1.74 37.02 -21.19
C ASN I 98 1.18 37.25 -19.79
N ALA I 99 1.05 36.17 -19.04
CA ALA I 99 0.73 36.26 -17.62
C ALA I 99 1.97 36.63 -16.82
N ILE I 100 1.80 37.46 -15.80
CA ILE I 100 2.91 37.85 -14.94
C ILE I 100 2.63 37.53 -13.48
N SER I 101 1.47 36.92 -13.20
CA SER I 101 1.23 36.34 -11.89
C SER I 101 0.73 34.90 -12.06
N LYS I 102 0.82 34.09 -11.00
CA LYS I 102 0.16 32.77 -11.04
C LYS I 102 -1.34 32.97 -11.20
N PRO I 103 -1.99 32.06 -11.94
CA PRO I 103 -3.45 32.07 -12.03
C PRO I 103 -4.08 31.66 -10.69
N GLU I 104 -4.76 32.59 -10.04
CA GLU I 104 -5.41 32.36 -8.75
C GLU I 104 -6.78 31.74 -8.98
N VAL I 105 -6.92 30.45 -8.68
CA VAL I 105 -8.19 29.79 -8.90
C VAL I 105 -9.08 30.06 -7.70
N LEU I 106 -10.28 30.52 -7.97
CA LEU I 106 -11.19 30.97 -6.91
C LEU I 106 -12.34 29.99 -6.70
N THR I 107 -12.39 28.93 -7.50
CA THR I 107 -13.51 28.01 -7.45
C THR I 107 -13.09 26.58 -7.16
N PRO I 108 -14.02 25.76 -6.64
CA PRO I 108 -13.71 24.34 -6.39
C PRO I 108 -13.21 23.70 -7.66
N GLN I 109 -12.12 22.93 -7.57
CA GLN I 109 -11.52 22.36 -8.76
C GLN I 109 -12.23 21.07 -9.21
N LEU I 110 -13.43 21.24 -9.74
CA LEU I 110 -14.23 20.11 -10.18
C LEU I 110 -14.61 20.27 -11.63
N ALA I 111 -14.64 19.17 -12.37
CA ALA I 111 -15.15 19.22 -13.74
C ALA I 111 -16.49 18.49 -13.81
N ARG I 112 -17.24 18.77 -14.88
CA ARG I 112 -18.40 17.96 -15.21
C ARG I 112 -17.99 16.98 -16.30
N VAL I 113 -18.38 15.72 -16.12
CA VAL I 113 -18.18 14.73 -17.15
C VAL I 113 -19.55 14.26 -17.58
N VAL I 114 -19.79 14.30 -18.87
CA VAL I 114 -21.09 14.03 -19.45
C VAL I 114 -21.09 12.61 -19.98
N SER I 115 -22.25 11.96 -20.01
CA SER I 115 -22.28 10.57 -20.44
C SER I 115 -21.79 10.36 -21.88
N ASP I 116 -21.71 11.43 -22.68
CA ASP I 116 -21.24 11.29 -24.05
C ASP I 116 -19.70 11.38 -24.13
N GLY I 117 -19.08 11.64 -22.98
CA GLY I 117 -17.63 11.68 -22.91
C GLY I 117 -17.06 13.10 -22.92
N GLU I 118 -17.96 14.08 -22.94
CA GLU I 118 -17.56 15.46 -22.92
C GLU I 118 -17.18 15.89 -21.51
N VAL I 119 -16.14 16.70 -21.37
CA VAL I 119 -15.72 17.20 -20.07
C VAL I 119 -15.86 18.71 -20.03
N LEU I 120 -16.59 19.23 -19.05
CA LEU I 120 -16.65 20.67 -18.86
C LEU I 120 -15.92 21.12 -17.61
N TYR I 121 -15.04 22.09 -17.79
CA TYR I 121 -14.21 22.62 -16.73
C TYR I 121 -14.24 24.14 -16.86
N MET I 122 -14.46 24.84 -15.74
CA MET I 122 -14.60 26.30 -15.77
C MET I 122 -14.12 26.93 -14.47
N PRO I 123 -12.80 27.05 -14.30
CA PRO I 123 -12.27 27.73 -13.12
C PRO I 123 -12.53 29.24 -13.17
N SER I 124 -12.94 29.82 -12.06
CA SER I 124 -12.90 31.27 -11.98
C SER I 124 -11.48 31.66 -11.62
N ILE I 125 -10.86 32.46 -12.49
CA ILE I 125 -9.47 32.80 -12.31
C ILE I 125 -9.25 34.31 -12.19
N ARG I 126 -8.40 34.67 -11.23
CA ARG I 126 -7.87 36.01 -11.12
C ARG I 126 -6.39 35.99 -11.48
N GLN I 127 -6.00 36.82 -12.46
CA GLN I 127 -4.63 36.83 -12.94
C GLN I 127 -4.23 38.18 -13.52
N ARG I 128 -2.92 38.45 -13.49
CA ARG I 128 -2.34 39.69 -13.97
C ARG I 128 -1.56 39.44 -15.25
N PHE I 129 -1.67 40.37 -16.19
CA PHE I 129 -1.04 40.19 -17.50
C PHE I 129 -0.23 41.40 -17.91
N SER I 130 0.75 41.16 -18.77
CA SER I 130 1.44 42.22 -19.50
C SER I 130 0.76 42.42 -20.83
N CYS I 131 0.16 43.59 -21.01
CA CYS I 131 -0.53 43.87 -22.26
C CYS I 131 -0.67 45.38 -22.49
N ASP I 132 -1.24 45.73 -23.64
CA ASP I 132 -1.35 47.13 -24.04
C ASP I 132 -2.54 47.78 -23.37
N VAL I 133 -2.27 48.67 -22.42
CA VAL I 133 -3.31 49.32 -21.65
C VAL I 133 -3.57 50.75 -22.23
N SER I 134 -2.86 51.10 -23.29
CA SER I 134 -3.02 52.43 -23.91
C SER I 134 -4.41 52.62 -24.51
N GLY I 135 -4.96 53.80 -24.30
CA GLY I 135 -6.27 54.14 -24.84
C GLY I 135 -7.39 53.91 -23.85
N VAL I 136 -7.03 53.48 -22.65
CA VAL I 136 -8.01 53.06 -21.64
C VAL I 136 -8.89 54.22 -21.12
N ASP I 137 -8.36 55.45 -21.08
CA ASP I 137 -9.17 56.61 -20.69
C ASP I 137 -9.77 57.33 -21.89
N THR I 138 -9.59 56.77 -23.08
CA THR I 138 -10.20 57.32 -24.28
C THR I 138 -11.47 56.56 -24.60
N GLU I 139 -12.23 57.03 -25.57
CA GLU I 139 -13.52 56.41 -25.84
C GLU I 139 -13.38 55.25 -26.82
N SER I 140 -12.19 55.12 -27.40
CA SER I 140 -11.90 53.96 -28.23
C SER I 140 -11.48 52.79 -27.33
N GLY I 141 -10.95 53.14 -26.15
CA GLY I 141 -10.56 52.17 -25.15
C GLY I 141 -9.25 51.50 -25.47
N ALA I 142 -8.77 50.70 -24.53
CA ALA I 142 -7.58 49.87 -24.75
C ALA I 142 -7.96 48.53 -25.36
N THR I 143 -7.01 47.90 -26.04
CA THR I 143 -7.22 46.53 -26.46
C THR I 143 -6.11 45.63 -25.93
N CYS I 144 -6.39 45.00 -24.79
CA CYS I 144 -5.49 44.04 -24.13
C CYS I 144 -5.62 42.67 -24.75
N ARG I 145 -4.52 42.11 -25.26
CA ARG I 145 -4.57 40.77 -25.84
C ARG I 145 -3.97 39.72 -24.91
N ILE I 146 -4.76 38.72 -24.58
CA ILE I 146 -4.27 37.62 -23.73
C ILE I 146 -4.18 36.36 -24.56
N LYS I 147 -3.02 35.71 -24.50
CA LYS I 147 -2.79 34.47 -25.24
C LYS I 147 -2.72 33.24 -24.33
N ILE I 148 -3.58 32.27 -24.57
CA ILE I 148 -3.60 31.08 -23.74
C ILE I 148 -3.51 29.82 -24.58
N GLY I 149 -2.57 28.95 -24.22
CA GLY I 149 -2.40 27.70 -24.94
C GLY I 149 -1.69 26.63 -24.11
N SER I 150 -1.51 25.45 -24.71
CA SER I 150 -0.75 24.38 -24.08
C SER I 150 0.69 24.80 -23.87
N TRP I 151 1.25 24.45 -22.71
CA TRP I 151 2.63 24.83 -22.41
C TRP I 151 3.63 23.84 -23.02
N THR I 152 3.22 22.57 -23.17
CA THR I 152 4.16 21.55 -23.61
C THR I 152 3.67 20.76 -24.80
N HIS I 153 2.43 20.98 -25.23
CA HIS I 153 1.88 20.18 -26.32
C HIS I 153 1.69 20.96 -27.60
N HIS I 154 2.31 20.49 -28.68
CA HIS I 154 2.29 21.22 -29.94
C HIS I 154 1.02 20.85 -30.72
N SER I 155 0.87 21.48 -31.90
CA SER I 155 -0.40 21.51 -32.61
C SER I 155 -0.90 20.16 -33.05
N ARG I 156 0.02 19.22 -33.27
CA ARG I 156 -0.37 17.87 -33.64
C ARG I 156 -0.97 17.10 -32.46
N GLU I 157 -0.78 17.61 -31.23
CA GLU I 157 -1.25 16.94 -30.02
C GLU I 157 -2.48 17.62 -29.39
N ILE I 158 -2.37 18.93 -29.25
CA ILE I 158 -3.47 19.73 -28.78
C ILE I 158 -3.75 20.85 -29.77
N SER I 159 -4.99 20.91 -30.27
CA SER I 159 -5.40 22.09 -31.03
C SER I 159 -6.43 22.86 -30.23
N VAL I 160 -6.36 24.18 -30.36
CA VAL I 160 -7.16 25.09 -29.58
C VAL I 160 -8.34 25.61 -30.41
N ASP I 161 -9.55 25.61 -29.83
CA ASP I 161 -10.70 26.11 -30.56
C ASP I 161 -11.32 27.26 -29.80
N PRO I 162 -11.15 28.49 -30.33
CA PRO I 162 -11.48 29.74 -29.64
C PRO I 162 -12.94 30.17 -29.80
N THR I 163 -13.60 29.65 -30.82
CA THR I 163 -14.94 30.09 -31.20
C THR I 163 -15.91 30.17 -30.02
N THR I 164 -16.61 31.29 -29.91
CA THR I 164 -17.54 31.54 -28.83
C THR I 164 -18.42 32.76 -29.17
N GLU I 165 -19.66 32.75 -28.71
CA GLU I 165 -20.52 33.91 -28.83
C GLU I 165 -20.04 34.96 -27.85
N ASN I 166 -20.23 36.24 -28.16
CA ASN I 166 -19.91 37.29 -27.19
C ASN I 166 -21.11 38.18 -26.90
N SER I 167 -22.26 37.91 -27.50
CA SER I 167 -23.44 38.69 -27.18
C SER I 167 -23.94 38.36 -25.76
N ASP I 168 -23.38 37.32 -25.16
CA ASP I 168 -23.74 36.96 -23.79
C ASP I 168 -22.80 37.60 -22.78
N ASP I 169 -21.92 38.49 -23.26
CA ASP I 169 -20.88 39.08 -22.42
C ASP I 169 -21.40 39.81 -21.19
N SER I 170 -22.60 40.37 -21.31
CA SER I 170 -23.15 41.17 -20.21
C SER I 170 -23.79 40.29 -19.14
N GLU I 171 -23.98 39.01 -19.43
CA GLU I 171 -24.41 38.05 -18.42
C GLU I 171 -23.30 37.83 -17.38
N TYR I 172 -22.06 38.11 -17.79
CA TYR I 172 -20.90 37.75 -16.97
C TYR I 172 -20.18 38.91 -16.30
N PHE I 173 -20.01 40.02 -17.02
CA PHE I 173 -19.18 41.08 -16.50
C PHE I 173 -19.85 41.84 -15.36
N SER I 174 -19.11 42.08 -14.29
CA SER I 174 -19.69 42.73 -13.12
C SER I 174 -20.14 44.15 -13.48
N GLN I 175 -21.29 44.56 -12.97
CA GLN I 175 -21.76 45.90 -13.26
C GLN I 175 -21.09 46.91 -12.31
N TYR I 176 -20.37 46.43 -11.30
CA TYR I 176 -19.74 47.31 -10.34
C TYR I 176 -18.27 47.51 -10.65
N SER I 177 -17.84 47.09 -11.83
CA SER I 177 -16.48 47.36 -12.26
C SER I 177 -16.33 48.84 -12.58
N ARG I 178 -15.16 49.40 -12.28
CA ARG I 178 -14.89 50.79 -12.68
C ARG I 178 -14.50 50.82 -14.14
N PHE I 179 -14.48 49.66 -14.78
CA PHE I 179 -14.22 49.61 -16.21
C PHE I 179 -15.43 49.06 -16.95
N GLU I 180 -15.41 49.16 -18.27
CA GLU I 180 -16.49 48.60 -19.05
C GLU I 180 -15.96 47.98 -20.31
N ILE I 181 -16.69 47.01 -20.84
CA ILE I 181 -16.21 46.22 -21.97
C ILE I 181 -16.91 46.58 -23.27
N LEU I 182 -16.11 47.01 -24.25
CA LEU I 182 -16.65 47.40 -25.54
C LEU I 182 -16.87 46.18 -26.41
N ASP I 183 -15.91 45.25 -26.32
CA ASP I 183 -15.93 44.03 -27.13
C ASP I 183 -14.89 43.03 -26.64
N VAL I 184 -15.16 41.76 -26.88
CA VAL I 184 -14.18 40.72 -26.67
C VAL I 184 -14.22 39.88 -27.92
N THR I 185 -13.06 39.60 -28.50
CA THR I 185 -13.00 38.70 -29.63
C THR I 185 -11.93 37.66 -29.37
N GLN I 186 -12.08 36.49 -29.95
CA GLN I 186 -11.17 35.41 -29.61
C GLN I 186 -10.75 34.67 -30.85
N LYS I 187 -9.46 34.76 -31.16
CA LYS I 187 -8.91 34.24 -32.40
C LYS I 187 -7.94 33.06 -32.12
N LYS I 188 -7.93 32.09 -33.02
CA LYS I 188 -6.92 31.05 -32.99
C LYS I 188 -5.60 31.63 -33.46
N ASN I 189 -4.49 31.30 -32.80
CA ASN I 189 -3.20 31.69 -33.33
C ASN I 189 -2.19 30.57 -33.18
N SER I 190 -1.02 30.74 -33.79
CA SER I 190 0.06 29.79 -33.70
C SER I 190 1.31 30.50 -33.26
N VAL I 191 2.07 29.81 -32.44
CA VAL I 191 3.31 30.35 -31.94
C VAL I 191 4.45 29.39 -32.29
N THR I 192 5.55 29.94 -32.78
CA THR I 192 6.75 29.17 -33.10
CA THR I 192 6.75 29.15 -33.05
C THR I 192 7.97 29.94 -32.62
N TYR I 193 9.13 29.29 -32.54
CA TYR I 193 10.35 29.99 -32.14
C TYR I 193 11.53 29.48 -32.95
N SER I 194 12.62 30.23 -32.94
CA SER I 194 13.80 29.87 -33.74
C SER I 194 14.31 28.51 -33.33
N CYS I 195 14.39 28.32 -32.02
CA CYS I 195 14.92 27.10 -31.44
C CYS I 195 14.01 25.89 -31.70
N CYS I 196 12.73 26.18 -31.94
CA CYS I 196 11.70 25.16 -31.82
C CYS I 196 10.59 25.32 -32.85
N PRO I 197 10.67 24.56 -33.95
CA PRO I 197 9.80 24.59 -35.15
C PRO I 197 8.34 24.19 -34.91
N GLU I 198 8.09 23.29 -33.98
CA GLU I 198 6.73 22.85 -33.70
C GLU I 198 5.87 24.05 -33.38
N ALA I 199 4.68 24.11 -33.99
CA ALA I 199 3.71 25.17 -33.72
C ALA I 199 2.85 24.86 -32.49
N TYR I 200 2.73 25.84 -31.60
CA TYR I 200 1.89 25.74 -30.42
C TYR I 200 0.62 26.59 -30.59
N GLU I 201 -0.57 26.00 -30.54
CA GLU I 201 -1.77 26.79 -30.78
C GLU I 201 -2.17 27.57 -29.53
N ASP I 202 -2.81 28.72 -29.73
CA ASP I 202 -3.31 29.49 -28.59
C ASP I 202 -4.62 30.20 -28.94
N VAL I 203 -5.41 30.51 -27.92
CA VAL I 203 -6.49 31.45 -28.10
C VAL I 203 -5.89 32.81 -27.91
N GLU I 204 -6.16 33.69 -28.87
CA GLU I 204 -5.82 35.10 -28.70
C GLU I 204 -7.11 35.80 -28.27
N VAL I 205 -7.12 36.32 -27.05
CA VAL I 205 -8.32 36.93 -26.51
C VAL I 205 -8.13 38.44 -26.43
N SER I 206 -8.83 39.17 -27.30
CA SER I 206 -8.73 40.62 -27.38
C SER I 206 -9.77 41.27 -26.50
N LEU I 207 -9.31 41.92 -25.44
CA LEU I 207 -10.20 42.56 -24.48
C LEU I 207 -10.23 44.07 -24.74
N ASN I 208 -11.24 44.53 -25.47
CA ASN I 208 -11.44 45.94 -25.73
C ASN I 208 -12.31 46.56 -24.66
N PHE I 209 -11.67 47.36 -23.81
CA PHE I 209 -12.35 47.97 -22.67
C PHE I 209 -11.89 49.40 -22.47
N ARG I 210 -12.62 50.15 -21.66
CA ARG I 210 -12.19 51.50 -21.31
C ARG I 210 -12.68 51.86 -19.91
N LYS I 211 -12.08 52.90 -19.33
CA LYS I 211 -12.57 53.41 -18.04
C LYS I 211 -13.98 53.96 -18.25
N LYS I 212 -14.85 53.81 -17.26
CA LYS I 212 -16.22 54.25 -17.40
C LYS I 212 -16.36 55.77 -17.36
N ASP J 1 7.95 8.77 -34.68
CA ASP J 1 7.29 9.17 -35.93
CA ASP J 1 7.32 9.23 -35.91
C ASP J 1 6.10 10.08 -35.66
N TYR J 2 6.02 11.19 -36.39
CA TYR J 2 4.93 12.15 -36.25
C TYR J 2 3.55 11.54 -36.33
N LYS J 3 3.36 10.63 -37.27
CA LYS J 3 2.03 10.14 -37.57
C LYS J 3 1.50 9.22 -36.48
N ASP J 4 2.35 8.88 -35.50
CA ASP J 4 1.92 8.08 -34.36
C ASP J 4 1.87 8.89 -33.07
N ASP J 5 2.18 10.18 -33.16
CA ASP J 5 2.27 11.01 -31.96
C ASP J 5 0.92 11.08 -31.20
N ASP J 6 -0.19 10.93 -31.92
CA ASP J 6 -1.51 10.90 -31.27
C ASP J 6 -2.01 9.49 -30.88
N ASP J 7 -1.16 8.48 -30.96
CA ASP J 7 -1.51 7.14 -30.50
C ASP J 7 -1.55 7.11 -28.96
N LYS J 8 -2.74 7.10 -28.36
CA LYS J 8 -2.85 7.25 -26.90
C LYS J 8 -2.20 6.11 -26.10
N LEU J 9 -2.37 4.88 -26.59
CA LEU J 9 -1.83 3.72 -25.89
C LEU J 9 -0.29 3.82 -25.88
N ASP J 10 0.28 4.28 -26.99
CA ASP J 10 1.72 4.45 -27.09
C ASP J 10 2.25 5.48 -26.08
N ARG J 11 1.50 6.55 -25.89
CA ARG J 11 1.90 7.60 -24.97
C ARG J 11 1.85 7.09 -23.54
N ALA J 12 0.74 6.42 -23.20
CA ALA J 12 0.59 5.81 -21.88
C ALA J 12 1.75 4.85 -21.59
N ASP J 13 2.09 4.05 -22.59
CA ASP J 13 3.17 3.08 -22.43
C ASP J 13 4.54 3.74 -22.26
N ILE J 14 4.82 4.76 -23.06
CA ILE J 14 6.06 5.51 -22.94
C ILE J 14 6.13 6.12 -21.53
N LEU J 15 5.03 6.70 -21.08
CA LEU J 15 4.97 7.33 -19.77
C LEU J 15 5.23 6.30 -18.68
N TYR J 16 4.58 5.14 -18.81
CA TYR J 16 4.83 4.05 -17.90
C TYR J 16 6.30 3.64 -17.92
N ASN J 17 6.87 3.45 -19.12
CA ASN J 17 8.28 3.12 -19.26
C ASN J 17 9.21 4.12 -18.57
N ILE J 18 8.89 5.41 -18.71
CA ILE J 18 9.70 6.47 -18.13
C ILE J 18 9.58 6.44 -16.61
N ARG J 19 8.37 6.22 -16.11
CA ARG J 19 8.17 6.18 -14.65
C ARG J 19 8.86 4.98 -14.00
N GLN J 20 9.03 3.89 -14.74
CA GLN J 20 9.71 2.70 -14.22
C GLN J 20 11.22 2.92 -14.17
N THR J 21 11.78 3.36 -15.29
CA THR J 21 13.21 3.58 -15.41
C THR J 21 13.72 4.73 -14.56
N SER J 22 12.93 5.79 -14.42
CA SER J 22 13.35 7.03 -13.78
C SER J 22 13.73 6.95 -12.29
N ARG J 23 14.89 7.49 -11.96
CA ARG J 23 15.31 7.72 -10.58
C ARG J 23 15.29 9.22 -10.29
N PRO J 24 14.19 9.73 -9.74
CA PRO J 24 14.05 11.19 -9.64
C PRO J 24 15.00 11.81 -8.65
N ASP J 25 15.62 11.03 -7.78
CA ASP J 25 16.51 11.60 -6.78
C ASP J 25 17.98 11.35 -7.08
N VAL J 26 18.26 10.66 -8.16
CA VAL J 26 19.64 10.31 -8.46
C VAL J 26 20.06 11.03 -9.72
N ILE J 27 21.27 11.57 -9.72
CA ILE J 27 21.76 12.28 -10.91
C ILE J 27 22.05 11.27 -12.02
N PRO J 28 21.59 11.56 -13.24
CA PRO J 28 21.71 10.64 -14.38
C PRO J 28 23.08 10.72 -15.04
N THR J 29 24.13 10.48 -14.28
CA THR J 29 25.49 10.47 -14.82
C THR J 29 25.73 9.24 -15.67
N GLN J 30 26.30 9.47 -16.85
CA GLN J 30 26.59 8.42 -17.80
C GLN J 30 28.10 8.37 -18.05
N ARG J 31 28.64 7.15 -18.15
CA ARG J 31 30.08 6.93 -18.32
C ARG J 31 30.94 7.64 -17.26
N ASP J 32 30.39 7.79 -16.05
CA ASP J 32 31.12 8.44 -14.94
C ASP J 32 31.61 9.86 -15.30
N ARG J 33 30.80 10.60 -16.04
CA ARG J 33 31.06 12.00 -16.31
C ARG J 33 29.91 12.84 -15.76
N PRO J 34 30.17 14.11 -15.45
CA PRO J 34 29.10 14.91 -14.85
C PRO J 34 27.91 15.08 -15.78
N VAL J 35 26.72 15.25 -15.22
CA VAL J 35 25.56 15.56 -16.03
C VAL J 35 25.77 16.93 -16.64
N ALA J 36 25.68 17.05 -17.97
CA ALA J 36 25.75 18.35 -18.62
C ALA J 36 24.36 18.97 -18.73
N VAL J 37 24.14 20.05 -18.01
CA VAL J 37 22.86 20.74 -18.02
C VAL J 37 22.99 22.04 -18.81
N SER J 38 22.23 22.18 -19.88
CA SER J 38 22.23 23.43 -20.60
C SER J 38 21.09 24.28 -20.09
N VAL J 39 21.41 25.54 -19.86
CA VAL J 39 20.46 26.51 -19.32
C VAL J 39 20.52 27.77 -20.18
N SER J 40 19.37 28.36 -20.45
CA SER J 40 19.28 29.56 -21.28
C SER J 40 18.13 30.41 -20.79
N LEU J 41 18.40 31.64 -20.38
CA LEU J 41 17.34 32.49 -19.85
C LEU J 41 16.75 33.38 -20.93
N LYS J 42 15.44 33.29 -21.12
CA LYS J 42 14.72 34.15 -22.05
C LYS J 42 13.83 35.07 -21.24
N PHE J 43 14.25 36.32 -21.13
CA PHE J 43 13.50 37.30 -20.35
C PHE J 43 12.23 37.68 -21.09
N ILE J 44 11.14 37.75 -20.33
CA ILE J 44 9.81 38.05 -20.84
C ILE J 44 9.35 39.42 -20.40
N ASN J 45 9.70 39.79 -19.18
CA ASN J 45 9.31 41.09 -18.62
C ASN J 45 10.18 41.57 -17.45
N ILE J 46 10.44 42.87 -17.44
CA ILE J 46 11.05 43.51 -16.28
C ILE J 46 9.97 44.36 -15.63
N LEU J 47 9.48 43.91 -14.48
CA LEU J 47 8.26 44.48 -13.89
C LEU J 47 8.53 45.63 -12.95
N GLU J 48 9.61 45.50 -12.19
CA GLU J 48 9.97 46.48 -11.20
C GLU J 48 11.47 46.54 -11.06
N VAL J 49 11.99 47.76 -10.97
CA VAL J 49 13.39 47.96 -10.65
C VAL J 49 13.52 49.07 -9.60
N ASN J 50 14.43 48.88 -8.65
CA ASN J 50 14.69 49.88 -7.62
C ASN J 50 16.18 50.17 -7.52
N GLU J 51 16.60 51.30 -8.07
CA GLU J 51 18.02 51.64 -8.14
C GLU J 51 18.62 51.90 -6.76
N ILE J 52 17.76 52.15 -5.78
CA ILE J 52 18.25 52.42 -4.45
C ILE J 52 18.56 51.11 -3.71
N THR J 53 17.61 50.18 -3.68
CA THR J 53 17.84 48.90 -2.99
C THR J 53 18.55 47.86 -3.86
N ASN J 54 18.86 48.24 -5.10
CA ASN J 54 19.48 47.32 -6.05
C ASN J 54 18.68 46.03 -6.21
N GLU J 55 17.38 46.18 -6.49
CA GLU J 55 16.49 45.04 -6.69
C GLU J 55 15.85 45.05 -8.07
N VAL J 56 15.82 43.88 -8.71
CA VAL J 56 15.01 43.71 -9.89
C VAL J 56 13.93 42.66 -9.66
N ASP J 57 12.76 42.91 -10.22
CA ASP J 57 11.70 41.94 -10.26
C ASP J 57 11.49 41.58 -11.73
N VAL J 58 11.73 40.32 -12.10
CA VAL J 58 11.61 39.90 -13.50
C VAL J 58 10.84 38.60 -13.74
N VAL J 59 10.45 38.42 -15.00
CA VAL J 59 9.84 37.20 -15.48
C VAL J 59 10.69 36.65 -16.62
N PHE J 60 11.03 35.37 -16.53
CA PHE J 60 11.80 34.73 -17.59
C PHE J 60 11.36 33.29 -17.83
N TRP J 61 11.69 32.78 -19.01
CA TRP J 61 11.54 31.37 -19.30
C TRP J 61 12.92 30.74 -19.18
N GLN J 62 13.04 29.76 -18.30
CA GLN J 62 14.31 29.10 -18.06
C GLN J 62 14.43 27.83 -18.88
N GLN J 63 15.03 27.95 -20.06
CA GLN J 63 15.23 26.81 -20.93
C GLN J 63 16.31 25.90 -20.36
N THR J 64 15.94 24.65 -20.08
CA THR J 64 16.83 23.71 -19.43
C THR J 64 16.78 22.37 -20.17
N THR J 65 17.95 21.85 -20.57
CA THR J 65 18.02 20.49 -21.08
C THR J 65 19.16 19.71 -20.50
N TRP J 66 19.01 18.40 -20.58
CA TRP J 66 20.03 17.47 -20.17
C TRP J 66 19.62 16.14 -20.75
N SER J 67 20.53 15.18 -20.68
CA SER J 67 20.24 13.87 -21.21
C SER J 67 20.15 12.85 -20.09
N ASP J 68 19.32 11.85 -20.32
CA ASP J 68 19.26 10.66 -19.51
C ASP J 68 18.99 9.56 -20.52
N ARG J 69 20.06 8.92 -21.00
CA ARG J 69 19.90 7.99 -22.09
C ARG J 69 19.13 6.73 -21.68
N THR J 70 18.96 6.51 -20.37
CA THR J 70 18.22 5.35 -19.92
C THR J 70 16.73 5.54 -20.17
N LEU J 71 16.32 6.77 -20.42
CA LEU J 71 14.92 7.05 -20.74
C LEU J 71 14.65 6.80 -22.22
N ALA J 72 15.71 6.58 -22.99
CA ALA J 72 15.55 6.50 -24.44
C ALA J 72 14.70 5.30 -24.82
N TRP J 73 14.09 5.39 -25.99
CA TRP J 73 13.30 4.29 -26.54
C TRP J 73 13.26 4.44 -28.06
N ASN J 74 13.04 3.33 -28.76
CA ASN J 74 12.93 3.35 -30.21
C ASN J 74 11.56 3.89 -30.66
N SER J 75 11.53 5.09 -31.24
CA SER J 75 10.27 5.72 -31.65
C SER J 75 9.96 5.63 -33.15
N SER J 76 10.50 4.60 -33.79
CA SER J 76 10.18 4.31 -35.20
C SER J 76 8.67 4.18 -35.46
N HIS J 77 7.93 3.68 -34.48
CA HIS J 77 6.48 3.56 -34.64
C HIS J 77 5.72 4.03 -33.41
N SER J 78 6.26 5.07 -32.78
CA SER J 78 5.64 5.62 -31.58
C SER J 78 5.93 7.12 -31.54
N PRO J 79 5.30 7.86 -30.60
CA PRO J 79 5.62 9.28 -30.45
C PRO J 79 7.11 9.50 -30.17
N ASP J 80 7.72 10.53 -30.77
CA ASP J 80 9.13 10.88 -30.52
C ASP J 80 9.32 11.64 -29.20
N GLN J 81 8.23 12.15 -28.64
CA GLN J 81 8.26 12.92 -27.38
C GLN J 81 6.96 12.78 -26.63
N VAL J 82 7.03 12.81 -25.31
CA VAL J 82 5.81 12.97 -24.51
C VAL J 82 6.07 13.95 -23.39
N SER J 83 4.98 14.52 -22.88
CA SER J 83 5.08 15.35 -21.69
C SER J 83 4.96 14.50 -20.40
N VAL J 84 5.77 14.86 -19.40
CA VAL J 84 5.91 14.13 -18.15
C VAL J 84 5.93 15.08 -16.96
N PRO J 85 5.09 14.84 -15.93
CA PRO J 85 5.21 15.68 -14.72
C PRO J 85 6.64 15.61 -14.14
N ILE J 86 7.21 16.75 -13.75
CA ILE J 86 8.61 16.69 -13.32
C ILE J 86 8.79 15.90 -12.03
N SER J 87 7.70 15.74 -11.28
CA SER J 87 7.72 14.91 -10.09
C SER J 87 8.12 13.46 -10.43
N SER J 88 7.96 13.04 -11.68
CA SER J 88 8.37 11.69 -12.11
C SER J 88 9.80 11.63 -12.66
N LEU J 89 10.48 12.76 -12.66
CA LEU J 89 11.81 12.84 -13.29
C LEU J 89 12.86 13.41 -12.37
N TRP J 90 14.12 13.11 -12.66
CA TRP J 90 15.20 13.91 -12.09
C TRP J 90 15.24 15.23 -12.81
N VAL J 91 15.31 16.31 -12.04
CA VAL J 91 15.55 17.65 -12.56
C VAL J 91 16.71 18.21 -11.73
N PRO J 92 17.63 18.96 -12.37
CA PRO J 92 18.80 19.47 -11.66
C PRO J 92 18.40 20.45 -10.56
N ASP J 93 19.17 20.52 -9.48
CA ASP J 93 18.79 21.39 -8.37
C ASP J 93 19.38 22.79 -8.53
N LEU J 94 18.94 23.46 -9.59
CA LEU J 94 19.38 24.80 -9.87
C LEU J 94 18.85 25.80 -8.85
N ALA J 95 19.68 26.80 -8.49
CA ALA J 95 19.15 27.97 -7.80
C ALA J 95 19.88 29.23 -8.25
N ALA J 96 19.23 30.38 -8.11
CA ALA J 96 19.89 31.63 -8.39
C ALA J 96 20.61 32.10 -7.13
N TYR J 97 21.94 32.08 -7.18
CA TYR J 97 22.75 32.37 -6.00
C TYR J 97 22.54 33.79 -5.43
N ASN J 98 21.83 34.65 -6.15
CA ASN J 98 21.57 35.99 -5.67
C ASN J 98 20.08 36.35 -5.73
N ALA J 99 19.24 35.31 -5.80
CA ALA J 99 17.80 35.48 -5.64
C ALA J 99 17.47 36.00 -4.24
N ILE J 100 16.41 36.79 -4.13
CA ILE J 100 16.00 37.29 -2.82
C ILE J 100 14.51 37.06 -2.62
N SER J 101 13.88 36.36 -3.56
CA SER J 101 12.51 35.90 -3.40
C SER J 101 12.43 34.43 -3.85
N LYS J 102 11.36 33.74 -3.45
CA LYS J 102 11.09 32.39 -3.97
C LYS J 102 10.92 32.48 -5.48
N PRO J 103 11.44 31.50 -6.23
CA PRO J 103 11.08 31.50 -7.65
C PRO J 103 9.60 31.10 -7.81
N GLU J 104 8.79 31.98 -8.38
CA GLU J 104 7.38 31.73 -8.55
C GLU J 104 7.10 31.18 -9.96
N VAL J 105 6.93 29.86 -10.04
CA VAL J 105 6.68 29.17 -11.30
C VAL J 105 5.28 29.48 -11.80
N LEU J 106 5.19 29.97 -13.03
CA LEU J 106 3.91 30.42 -13.57
C LEU J 106 3.31 29.42 -14.55
N THR J 107 4.03 28.33 -14.79
CA THR J 107 3.63 27.39 -15.82
C THR J 107 3.41 25.96 -15.30
N PRO J 108 2.65 25.15 -16.04
CA PRO J 108 2.49 23.73 -15.65
C PRO J 108 3.84 23.06 -15.54
N GLN J 109 4.08 22.37 -14.43
CA GLN J 109 5.39 21.78 -14.17
C GLN J 109 5.53 20.44 -14.89
N LEU J 110 5.70 20.53 -16.20
CA LEU J 110 5.84 19.39 -17.08
C LEU J 110 7.11 19.52 -17.88
N ALA J 111 7.77 18.40 -18.13
CA ALA J 111 8.92 18.40 -19.01
C ALA J 111 8.57 17.66 -20.28
N ARG J 112 9.40 17.80 -21.30
CA ARG J 112 9.28 16.97 -22.49
C ARG J 112 10.42 15.98 -22.44
N VAL J 113 10.12 14.73 -22.71
CA VAL J 113 11.13 13.69 -22.82
C VAL J 113 11.13 13.21 -24.26
N VAL J 114 12.31 13.26 -24.87
CA VAL J 114 12.48 12.89 -26.27
C VAL J 114 12.97 11.46 -26.34
N SER J 115 12.58 10.73 -27.38
CA SER J 115 12.91 9.31 -27.49
C SER J 115 14.43 9.00 -27.47
N ASP J 116 15.27 10.00 -27.68
CA ASP J 116 16.72 9.79 -27.65
C ASP J 116 17.30 10.05 -26.28
N GLY J 117 16.44 10.36 -25.31
CA GLY J 117 16.85 10.48 -23.93
C GLY J 117 16.99 11.92 -23.43
N GLU J 118 16.88 12.87 -24.35
CA GLU J 118 16.99 14.27 -23.93
C GLU J 118 15.73 14.68 -23.20
N VAL J 119 15.90 15.57 -22.23
CA VAL J 119 14.81 16.08 -21.44
C VAL J 119 14.78 17.60 -21.55
N LEU J 120 13.63 18.17 -21.87
CA LEU J 120 13.51 19.63 -21.98
C LEU J 120 12.51 20.16 -20.98
N TYR J 121 12.91 21.16 -20.23
CA TYR J 121 12.07 21.72 -19.19
C TYR J 121 12.21 23.21 -19.31
N MET J 122 11.09 23.93 -19.31
CA MET J 122 11.08 25.38 -19.49
C MET J 122 10.03 26.06 -18.62
N PRO J 123 10.32 26.21 -17.32
CA PRO J 123 9.35 26.93 -16.49
C PRO J 123 9.40 28.43 -16.73
N SER J 124 8.25 29.08 -16.70
CA SER J 124 8.23 30.53 -16.63
C SER J 124 8.35 30.92 -15.16
N ILE J 125 9.35 31.73 -14.84
CA ILE J 125 9.63 32.08 -13.47
C ILE J 125 9.58 33.59 -13.26
N ARG J 126 8.79 34.00 -12.27
CA ARG J 126 8.88 35.35 -11.76
C ARG J 126 9.72 35.30 -10.49
N GLN J 127 10.71 36.18 -10.41
CA GLN J 127 11.62 36.15 -9.29
C GLN J 127 12.30 37.50 -9.08
N ARG J 128 12.79 37.73 -7.86
CA ARG J 128 13.50 38.93 -7.50
C ARG J 128 14.97 38.66 -7.24
N PHE J 129 15.82 39.56 -7.71
CA PHE J 129 17.27 39.41 -7.53
C PHE J 129 17.91 40.68 -6.97
N SER J 130 19.06 40.50 -6.32
CA SER J 130 19.93 41.58 -5.94
C SER J 130 20.99 41.70 -7.03
N CYS J 131 21.12 42.88 -7.64
CA CYS J 131 22.10 43.06 -8.72
C CYS J 131 22.38 44.55 -9.00
N ASP J 132 23.42 44.83 -9.77
CA ASP J 132 23.79 46.22 -10.06
C ASP J 132 22.78 46.93 -10.97
N VAL J 133 22.03 47.85 -10.39
CA VAL J 133 20.91 48.48 -11.08
C VAL J 133 21.23 49.89 -11.64
N SER J 134 22.33 50.48 -11.22
CA SER J 134 22.71 51.83 -11.64
C SER J 134 22.89 51.94 -13.16
N GLY J 135 22.30 52.98 -13.75
CA GLY J 135 22.40 53.20 -15.18
C GLY J 135 21.09 52.94 -15.89
N VAL J 136 20.07 52.55 -15.13
CA VAL J 136 18.78 52.17 -15.70
C VAL J 136 18.18 53.31 -16.50
N ASP J 137 18.40 54.54 -16.04
CA ASP J 137 17.84 55.74 -16.67
C ASP J 137 18.81 56.38 -17.66
N THR J 138 19.91 55.71 -17.94
CA THR J 138 20.88 56.20 -18.89
C THR J 138 20.85 55.36 -20.16
N GLU J 139 21.49 55.84 -21.22
CA GLU J 139 21.48 55.13 -22.50
C GLU J 139 22.36 53.89 -22.46
N SER J 140 23.38 53.92 -21.62
CA SER J 140 24.25 52.76 -21.43
C SER J 140 23.42 51.63 -20.81
N GLY J 141 22.43 52.00 -20.01
CA GLY J 141 21.59 51.05 -19.33
C GLY J 141 22.28 50.44 -18.11
N ALA J 142 21.53 49.59 -17.42
CA ALA J 142 22.05 48.83 -16.28
C ALA J 142 22.46 47.44 -16.73
N THR J 143 23.45 46.86 -16.06
CA THR J 143 23.78 45.46 -16.29
C THR J 143 23.65 44.69 -14.98
N CYS J 144 22.46 44.12 -14.80
CA CYS J 144 22.18 43.25 -13.66
C CYS J 144 22.59 41.82 -13.96
N ARG J 145 23.48 41.28 -13.15
CA ARG J 145 23.93 39.91 -13.33
C ARG J 145 23.08 38.93 -12.50
N ILE J 146 22.95 37.69 -12.98
CA ILE J 146 22.22 36.66 -12.25
C ILE J 146 22.99 35.36 -12.34
N LYS J 147 23.35 34.81 -11.19
CA LYS J 147 24.06 33.53 -11.13
C LYS J 147 23.12 32.34 -10.87
N ILE J 148 23.07 31.40 -11.81
CA ILE J 148 22.26 30.20 -11.63
C ILE J 148 23.13 28.95 -11.68
N GLY J 149 23.20 28.23 -10.55
CA GLY J 149 23.97 27.00 -10.47
C GLY J 149 23.30 25.90 -9.66
N SER J 150 23.88 24.71 -9.65
CA SER J 150 23.39 23.65 -8.78
C SER J 150 23.57 24.08 -7.34
N TRP J 151 22.60 23.74 -6.50
CA TRP J 151 22.72 24.09 -5.09
C TRP J 151 23.58 23.09 -4.32
N THR J 152 23.63 21.84 -4.78
CA THR J 152 24.33 20.82 -4.00
C THR J 152 25.26 19.97 -4.82
N HIS J 153 25.27 20.14 -6.13
CA HIS J 153 26.16 19.29 -6.92
C HIS J 153 27.34 20.08 -7.50
N HIS J 154 28.54 19.56 -7.24
CA HIS J 154 29.76 20.23 -7.66
C HIS J 154 30.13 19.78 -9.07
N SER J 155 31.16 20.41 -9.64
CA SER J 155 31.45 20.33 -11.07
C SER J 155 31.73 18.90 -11.54
N ARG J 156 32.18 18.05 -10.64
CA ARG J 156 32.40 16.67 -11.03
C ARG J 156 31.06 15.95 -11.28
N GLU J 157 29.98 16.49 -10.73
CA GLU J 157 28.66 15.82 -10.72
C GLU J 157 27.70 16.43 -11.75
N ILE J 158 27.56 17.75 -11.69
CA ILE J 158 26.76 18.49 -12.62
C ILE J 158 27.58 19.60 -13.25
N SER J 159 27.54 19.70 -14.57
CA SER J 159 28.15 20.84 -15.24
C SER J 159 27.06 21.69 -15.83
N VAL J 160 27.08 22.97 -15.50
CA VAL J 160 26.15 23.93 -16.03
C VAL J 160 26.83 24.67 -17.18
N ASP J 161 26.22 24.57 -18.36
CA ASP J 161 26.76 25.15 -19.56
C ASP J 161 25.69 26.03 -20.15
N PRO J 162 25.99 27.32 -20.35
CA PRO J 162 25.00 28.20 -20.97
C PRO J 162 24.87 27.90 -22.44
N THR J 163 23.64 27.91 -22.95
CA THR J 163 23.41 27.71 -24.38
C THR J 163 23.75 28.98 -25.14
N THR J 164 22.75 29.85 -25.26
CA THR J 164 22.95 31.23 -25.71
C THR J 164 24.14 31.86 -24.99
N GLU J 165 25.03 32.53 -25.71
CA GLU J 165 25.88 33.48 -25.03
C GLU J 165 25.36 34.88 -25.32
N ASN J 166 24.71 35.07 -26.46
CA ASN J 166 24.12 36.38 -26.69
C ASN J 166 22.86 36.44 -27.57
N SER J 167 21.87 37.15 -27.04
CA SER J 167 20.63 37.48 -27.74
C SER J 167 20.14 38.82 -27.18
N ASP J 168 19.05 39.35 -27.72
CA ASP J 168 18.34 40.43 -27.05
C ASP J 168 16.89 39.97 -26.77
N ASP J 169 16.64 38.69 -27.01
CA ASP J 169 15.36 38.06 -26.66
C ASP J 169 14.17 38.71 -27.35
N SER J 170 14.32 39.11 -28.62
CA SER J 170 13.27 39.84 -29.31
C SER J 170 12.03 38.98 -29.59
N GLU J 171 12.20 37.67 -29.63
CA GLU J 171 11.05 36.77 -29.76
C GLU J 171 10.31 36.65 -28.44
N TYR J 172 10.96 37.03 -27.35
CA TYR J 172 10.45 36.68 -26.03
C TYR J 172 10.01 37.88 -25.20
N PHE J 173 10.72 38.99 -25.34
CA PHE J 173 10.53 40.11 -24.42
C PHE J 173 9.26 40.91 -24.74
N SER J 174 8.56 41.31 -23.69
CA SER J 174 7.27 41.97 -23.82
C SER J 174 7.45 43.31 -24.52
N GLN J 175 6.78 43.48 -25.66
CA GLN J 175 6.78 44.74 -26.39
C GLN J 175 6.10 45.81 -25.56
N TYR J 176 5.46 45.40 -24.47
CA TYR J 176 4.65 46.32 -23.68
C TYR J 176 5.34 46.67 -22.38
N SER J 177 6.49 46.05 -22.14
CA SER J 177 7.29 46.39 -20.96
C SER J 177 7.67 47.86 -20.93
N ARG J 178 7.72 48.41 -19.73
CA ARG J 178 8.19 49.77 -19.50
C ARG J 178 9.68 49.88 -19.83
N PHE J 179 10.34 48.72 -19.89
CA PHE J 179 11.78 48.64 -20.13
C PHE J 179 12.11 48.04 -21.47
N GLU J 180 13.38 48.14 -21.84
CA GLU J 180 13.86 47.64 -23.11
C GLU J 180 15.18 46.92 -22.87
N ILE J 181 15.41 45.86 -23.63
CA ILE J 181 16.57 45.02 -23.43
C ILE J 181 17.67 45.38 -24.42
N LEU J 182 18.80 45.84 -23.88
CA LEU J 182 19.95 46.22 -24.70
C LEU J 182 20.70 44.98 -25.14
N ASP J 183 21.06 44.16 -24.17
CA ASP J 183 21.82 42.95 -24.44
C ASP J 183 21.58 41.92 -23.33
N VAL J 184 21.61 40.64 -23.68
CA VAL J 184 21.65 39.56 -22.69
C VAL J 184 22.81 38.62 -23.00
N THR J 185 23.74 38.47 -22.06
CA THR J 185 24.85 37.56 -22.29
C THR J 185 24.92 36.51 -21.19
N GLN J 186 25.43 35.34 -21.54
CA GLN J 186 25.48 34.24 -20.58
C GLN J 186 26.86 33.58 -20.64
N LYS J 187 27.51 33.48 -19.48
CA LYS J 187 28.86 32.96 -19.44
C LYS J 187 29.00 31.80 -18.45
N LYS J 188 29.79 30.81 -18.84
CA LYS J 188 30.22 29.76 -17.93
C LYS J 188 31.02 30.39 -16.79
N ASN J 189 30.70 29.99 -15.56
CA ASN J 189 31.34 30.56 -14.38
C ASN J 189 31.49 29.53 -13.28
N SER J 190 32.50 29.71 -12.45
CA SER J 190 32.87 28.72 -11.45
C SER J 190 32.95 29.39 -10.09
N VAL J 191 32.55 28.68 -9.04
CA VAL J 191 32.49 29.28 -7.71
C VAL J 191 33.06 28.31 -6.66
N THR J 192 33.76 28.85 -5.69
CA THR J 192 34.36 28.09 -4.60
C THR J 192 34.34 28.94 -3.36
N TYR J 193 34.55 28.32 -2.20
CA TYR J 193 34.61 29.04 -0.93
C TYR J 193 35.69 28.45 -0.05
N SER J 194 36.17 29.24 0.89
CA SER J 194 37.25 28.82 1.77
C SER J 194 36.85 27.62 2.63
N CYS J 195 35.55 27.43 2.82
CA CYS J 195 35.04 26.29 3.59
C CYS J 195 35.08 25.00 2.78
N CYS J 196 34.92 25.14 1.47
CA CYS J 196 34.57 24.01 0.61
C CYS J 196 35.21 24.21 -0.75
N PRO J 197 36.31 23.47 -0.99
CA PRO J 197 37.24 23.68 -2.10
C PRO J 197 36.73 23.16 -3.46
N GLU J 198 35.79 22.21 -3.45
CA GLU J 198 35.21 21.72 -4.69
C GLU J 198 34.43 22.80 -5.42
N ALA J 199 34.56 22.83 -6.74
CA ALA J 199 33.99 23.90 -7.56
C ALA J 199 32.54 23.65 -7.93
N TYR J 200 31.71 24.68 -7.80
CA TYR J 200 30.31 24.59 -8.16
C TYR J 200 30.03 25.50 -9.37
N GLU J 201 29.82 24.88 -10.54
CA GLU J 201 29.58 25.63 -11.77
C GLU J 201 28.27 26.40 -11.73
N ASP J 202 28.24 27.51 -12.46
CA ASP J 202 27.03 28.27 -12.63
C ASP J 202 27.04 28.96 -13.99
N VAL J 203 25.89 29.51 -14.37
CA VAL J 203 25.83 30.38 -15.52
C VAL J 203 25.61 31.80 -15.05
N GLU J 204 26.45 32.71 -15.54
CA GLU J 204 26.28 34.13 -15.22
C GLU J 204 25.49 34.78 -16.33
N VAL J 205 24.33 35.30 -15.97
CA VAL J 205 23.47 35.91 -16.96
C VAL J 205 23.50 37.41 -16.75
N SER J 206 23.99 38.12 -17.75
CA SER J 206 24.10 39.57 -17.63
C SER J 206 22.99 40.21 -18.43
N LEU J 207 22.15 40.94 -17.72
CA LEU J 207 20.98 41.60 -18.30
C LEU J 207 21.23 43.10 -18.46
N ASN J 208 21.49 43.53 -19.70
CA ASN J 208 21.69 44.94 -19.99
C ASN J 208 20.39 45.55 -20.50
N PHE J 209 19.84 46.48 -19.72
CA PHE J 209 18.52 47.02 -20.02
C PHE J 209 18.38 48.45 -19.49
N ARG J 210 17.39 49.18 -20.00
CA ARG J 210 17.12 50.55 -19.56
C ARG J 210 15.63 50.86 -19.57
N LYS J 211 15.25 51.91 -18.84
CA LYS J 211 13.89 52.44 -18.92
C LYS J 211 13.67 52.97 -20.32
N LYS J 212 12.46 52.83 -20.84
CA LYS J 212 12.16 53.30 -22.19
C LYS J 212 12.09 54.82 -22.24
#